data_2JRO
#
_entry.id   2JRO
#
_entity_poly.entity_id   1
_entity_poly.type   'polypeptide(L)'
_entity_poly.pdbx_seq_one_letter_code
;MRVFPVYAPKLIVKHARIFLTGVIWVKDLGRLEFEKGRFLLPRKSLPKVKQAILELNELIEAQNHQTKTALEHHHHHH
;
_entity_poly.pdbx_strand_id   A
#
# COMPACT_ATOMS: atom_id res chain seq x y z
N MET A 1 -3.99 12.55 4.93
CA MET A 1 -3.91 13.67 3.97
C MET A 1 -2.50 13.82 3.42
N ARG A 2 -1.87 12.70 3.08
CA ARG A 2 -0.47 12.72 2.65
C ARG A 2 -0.38 12.56 1.14
N VAL A 3 0.10 13.59 0.46
CA VAL A 3 0.24 13.54 -0.98
C VAL A 3 1.59 12.93 -1.38
N PHE A 4 1.62 12.31 -2.55
CA PHE A 4 2.84 11.70 -3.06
C PHE A 4 3.07 12.10 -4.52
N PRO A 5 4.01 13.03 -4.75
CA PRO A 5 4.35 13.51 -6.10
C PRO A 5 5.09 12.45 -6.92
N VAL A 6 5.51 11.40 -6.24
CA VAL A 6 6.21 10.29 -6.88
C VAL A 6 5.48 8.99 -6.53
N TYR A 7 5.66 7.96 -7.36
CA TYR A 7 5.00 6.68 -7.11
C TYR A 7 5.77 5.88 -6.05
N ALA A 8 6.78 5.15 -6.49
CA ALA A 8 7.65 4.38 -5.59
C ALA A 8 6.85 3.46 -4.67
N PRO A 9 6.44 2.29 -5.18
CA PRO A 9 5.57 1.34 -4.47
C PRO A 9 6.05 1.04 -3.05
N LYS A 10 7.30 0.60 -2.95
CA LYS A 10 7.86 0.17 -1.67
C LYS A 10 7.98 1.33 -0.68
N LEU A 11 8.15 2.54 -1.17
CA LEU A 11 8.25 3.71 -0.30
C LEU A 11 6.89 4.05 0.31
N ILE A 12 5.84 3.88 -0.49
CA ILE A 12 4.48 4.09 -0.02
C ILE A 12 4.16 3.13 1.13
N VAL A 13 4.36 1.84 0.90
CA VAL A 13 4.08 0.81 1.88
C VAL A 13 4.94 0.99 3.13
N LYS A 14 6.23 1.25 2.92
CA LYS A 14 7.17 1.42 4.02
C LYS A 14 6.74 2.56 4.94
N HIS A 15 6.23 3.63 4.34
CA HIS A 15 5.83 4.80 5.10
C HIS A 15 4.40 4.65 5.64
N ALA A 16 3.64 3.75 5.02
CA ALA A 16 2.27 3.48 5.45
C ALA A 16 2.26 2.78 6.81
N ARG A 17 3.41 2.23 7.18
CA ARG A 17 3.57 1.60 8.48
C ARG A 17 3.29 2.59 9.62
N ILE A 18 3.55 3.86 9.36
CA ILE A 18 3.36 4.91 10.36
C ILE A 18 2.04 5.66 10.13
N PHE A 19 1.63 5.73 8.87
CA PHE A 19 0.44 6.48 8.47
C PHE A 19 -0.75 5.55 8.24
N LEU A 20 -0.57 4.28 8.66
CA LEU A 20 -1.52 3.17 8.43
C LEU A 20 -3.00 3.55 8.32
N THR A 21 -3.46 4.52 9.07
CA THR A 21 -4.85 4.92 9.00
C THR A 21 -4.97 6.34 8.42
N GLY A 22 -5.54 6.43 7.23
CA GLY A 22 -5.71 7.72 6.60
C GLY A 22 -5.94 7.63 5.10
N VAL A 23 -5.37 8.57 4.37
CA VAL A 23 -5.55 8.66 2.93
C VAL A 23 -4.35 9.35 2.28
N ILE A 24 -3.94 8.84 1.13
CA ILE A 24 -2.82 9.41 0.39
C ILE A 24 -3.26 9.85 -0.98
N TRP A 25 -2.58 10.84 -1.53
CA TRP A 25 -2.85 11.30 -2.88
C TRP A 25 -1.61 11.16 -3.74
N VAL A 26 -1.37 9.94 -4.18
CA VAL A 26 -0.26 9.68 -5.10
C VAL A 26 -0.58 10.24 -6.47
N LYS A 27 0.43 10.76 -7.13
CA LYS A 27 0.26 11.42 -8.42
C LYS A 27 0.13 10.41 -9.55
N ASP A 28 0.42 9.15 -9.28
CA ASP A 28 0.33 8.11 -10.28
C ASP A 28 -1.02 7.40 -10.23
N LEU A 29 -1.54 7.20 -9.02
CA LEU A 29 -2.79 6.48 -8.86
C LEU A 29 -3.93 7.45 -8.54
N GLY A 30 -3.75 8.24 -7.50
CA GLY A 30 -4.78 9.18 -7.10
C GLY A 30 -5.07 9.12 -5.62
N ARG A 31 -6.33 9.28 -5.27
CA ARG A 31 -6.76 9.26 -3.88
C ARG A 31 -6.86 7.82 -3.37
N LEU A 32 -5.99 7.46 -2.43
CA LEU A 32 -5.93 6.10 -1.91
C LEU A 32 -6.17 6.09 -0.41
N GLU A 33 -7.25 5.44 0.01
CA GLU A 33 -7.55 5.32 1.42
C GLU A 33 -7.04 3.99 1.95
N PHE A 34 -6.56 3.99 3.18
CA PHE A 34 -6.03 2.80 3.81
C PHE A 34 -6.26 2.88 5.31
N GLU A 35 -6.68 1.79 5.89
CA GLU A 35 -7.03 1.79 7.30
C GLU A 35 -6.26 0.71 8.05
N LYS A 36 -5.37 1.16 8.91
CA LYS A 36 -4.51 0.28 9.71
C LYS A 36 -3.72 -0.68 8.82
N GLY A 37 -3.09 -0.12 7.79
CA GLY A 37 -2.18 -0.89 6.96
C GLY A 37 -2.81 -1.37 5.67
N ARG A 38 -4.09 -1.68 5.72
CA ARG A 38 -4.77 -2.25 4.56
C ARG A 38 -5.30 -1.17 3.65
N PHE A 39 -4.63 -1.07 2.52
CA PHE A 39 -5.04 -0.23 1.43
C PHE A 39 -6.40 -0.66 0.89
N LEU A 40 -7.35 0.25 0.88
CA LEU A 40 -8.72 -0.06 0.53
C LEU A 40 -9.00 0.26 -0.94
N LEU A 41 -9.96 -0.45 -1.52
CA LEU A 41 -10.38 -0.20 -2.89
C LEU A 41 -11.55 0.78 -2.90
N PRO A 42 -11.33 2.01 -3.38
CA PRO A 42 -12.38 3.02 -3.48
C PRO A 42 -13.54 2.52 -4.34
N ARG A 43 -13.19 1.88 -5.45
CA ARG A 43 -14.16 1.29 -6.35
C ARG A 43 -13.42 0.39 -7.33
N LYS A 44 -14.08 0.02 -8.42
CA LYS A 44 -13.43 -0.76 -9.47
C LYS A 44 -12.24 0.01 -10.04
N SER A 45 -12.51 1.24 -10.49
CA SER A 45 -11.49 2.13 -11.03
C SER A 45 -10.83 1.51 -12.27
N LEU A 46 -9.68 2.06 -12.64
CA LEU A 46 -8.91 1.53 -13.74
C LEU A 46 -8.06 0.36 -13.26
N PRO A 47 -7.89 -0.68 -14.10
CA PRO A 47 -7.07 -1.85 -13.78
C PRO A 47 -5.69 -1.47 -13.26
N LYS A 48 -5.12 -0.42 -13.82
CA LYS A 48 -3.83 0.11 -13.37
C LYS A 48 -3.83 0.33 -11.86
N VAL A 49 -4.86 1.02 -11.37
CA VAL A 49 -4.95 1.38 -9.97
C VAL A 49 -5.30 0.16 -9.12
N LYS A 50 -6.26 -0.62 -9.60
CA LYS A 50 -6.75 -1.78 -8.86
C LYS A 50 -5.64 -2.79 -8.64
N GLN A 51 -4.90 -3.11 -9.71
CA GLN A 51 -3.83 -4.09 -9.62
C GLN A 51 -2.67 -3.56 -8.77
N ALA A 52 -2.43 -2.25 -8.88
CA ALA A 52 -1.37 -1.61 -8.10
C ALA A 52 -1.62 -1.77 -6.60
N ILE A 53 -2.85 -1.52 -6.18
CA ILE A 53 -3.23 -1.66 -4.78
C ILE A 53 -3.07 -3.10 -4.32
N LEU A 54 -3.38 -4.04 -5.22
CA LEU A 54 -3.21 -5.46 -4.91
C LEU A 54 -1.75 -5.80 -4.70
N GLU A 55 -0.88 -5.31 -5.59
CA GLU A 55 0.55 -5.57 -5.46
C GLU A 55 1.14 -4.84 -4.26
N LEU A 56 0.53 -3.72 -3.88
CA LEU A 56 0.93 -3.02 -2.67
C LEU A 56 0.61 -3.87 -1.45
N ASN A 57 -0.58 -4.47 -1.43
CA ASN A 57 -0.96 -5.38 -0.35
C ASN A 57 -0.09 -6.64 -0.36
N GLU A 58 0.31 -7.05 -1.56
CA GLU A 58 1.24 -8.15 -1.73
C GLU A 58 2.57 -7.81 -1.05
N LEU A 59 3.07 -6.63 -1.36
CA LEU A 59 4.30 -6.12 -0.77
C LEU A 59 4.15 -6.00 0.75
N ILE A 60 2.97 -5.58 1.20
CA ILE A 60 2.67 -5.50 2.62
C ILE A 60 2.88 -6.86 3.29
N GLU A 61 2.31 -7.89 2.70
CA GLU A 61 2.41 -9.24 3.26
C GLU A 61 3.83 -9.78 3.14
N ALA A 62 4.63 -9.18 2.28
CA ALA A 62 6.02 -9.58 2.13
C ALA A 62 6.87 -9.00 3.26
N GLN A 63 6.63 -7.72 3.57
CA GLN A 63 7.34 -7.07 4.66
C GLN A 63 6.81 -7.53 6.02
N ASN A 64 5.51 -7.76 6.08
CA ASN A 64 4.87 -8.28 7.28
C ASN A 64 5.16 -9.78 7.42
N HIS A 65 4.54 -10.57 6.53
CA HIS A 65 4.74 -12.02 6.46
C HIS A 65 4.14 -12.76 7.65
N GLN A 66 4.26 -12.19 8.84
CA GLN A 66 3.76 -12.82 10.05
C GLN A 66 2.23 -12.84 10.08
N THR A 67 1.63 -11.64 10.15
CA THR A 67 0.19 -11.50 10.33
C THR A 67 -0.24 -12.21 11.61
N LYS A 68 -0.14 -11.50 12.72
CA LYS A 68 -0.39 -12.08 14.04
C LYS A 68 -1.89 -12.25 14.26
N THR A 69 -2.32 -13.50 14.40
CA THR A 69 -3.74 -13.82 14.50
C THR A 69 -4.31 -13.41 15.86
N ALA A 70 -5.19 -12.42 15.84
CA ALA A 70 -5.89 -11.99 17.04
C ALA A 70 -7.39 -11.90 16.80
N LEU A 71 -7.75 -11.20 15.73
CA LEU A 71 -9.15 -10.95 15.41
C LEU A 71 -9.37 -11.10 13.91
N GLU A 72 -8.57 -11.97 13.30
CA GLU A 72 -8.61 -12.17 11.85
C GLU A 72 -9.96 -12.74 11.44
N HIS A 73 -10.57 -13.48 12.39
CA HIS A 73 -11.93 -13.99 12.26
C HIS A 73 -12.00 -15.20 11.34
N HIS A 74 -12.72 -16.22 11.81
CA HIS A 74 -13.01 -17.40 11.00
C HIS A 74 -13.71 -16.97 9.72
N MET A 1 -3.25 12.54 6.07
CA MET A 1 -2.90 12.90 4.67
C MET A 1 -1.48 12.51 4.35
N ARG A 2 -1.31 11.65 3.35
CA ARG A 2 0.01 11.25 2.89
C ARG A 2 0.06 11.34 1.37
N VAL A 3 0.86 12.25 0.85
CA VAL A 3 0.95 12.45 -0.59
C VAL A 3 2.30 11.95 -1.12
N PHE A 4 2.28 11.37 -2.31
CA PHE A 4 3.49 10.88 -2.95
C PHE A 4 3.57 11.37 -4.39
N PRO A 5 4.54 12.26 -4.68
CA PRO A 5 4.76 12.78 -6.02
C PRO A 5 5.24 11.70 -6.98
N VAL A 6 5.80 10.64 -6.42
CA VAL A 6 6.30 9.52 -7.21
C VAL A 6 5.67 8.23 -6.70
N TYR A 7 5.31 7.35 -7.62
CA TYR A 7 4.77 6.06 -7.24
C TYR A 7 5.91 5.09 -6.94
N ALA A 8 6.46 5.21 -5.74
CA ALA A 8 7.48 4.29 -5.27
C ALA A 8 6.90 3.35 -4.22
N PRO A 9 6.57 2.11 -4.63
CA PRO A 9 5.96 1.10 -3.76
C PRO A 9 6.54 1.03 -2.35
N LYS A 10 7.84 0.80 -2.25
CA LYS A 10 8.50 0.66 -0.94
C LYS A 10 8.35 1.92 -0.10
N LEU A 11 8.48 3.09 -0.72
CA LEU A 11 8.35 4.35 0.01
C LEU A 11 6.93 4.50 0.55
N ILE A 12 5.96 4.10 -0.26
CA ILE A 12 4.57 4.15 0.16
C ILE A 12 4.33 3.22 1.35
N VAL A 13 4.72 1.95 1.20
CA VAL A 13 4.51 0.95 2.25
C VAL A 13 5.27 1.31 3.52
N LYS A 14 6.50 1.79 3.37
CA LYS A 14 7.35 2.16 4.50
C LYS A 14 6.65 3.22 5.37
N HIS A 15 6.02 4.17 4.72
CA HIS A 15 5.32 5.23 5.43
C HIS A 15 3.91 4.80 5.83
N ALA A 16 3.33 3.90 5.04
CA ALA A 16 1.97 3.41 5.28
C ALA A 16 1.85 2.69 6.62
N ARG A 17 2.94 2.10 7.08
CA ARG A 17 2.93 1.40 8.36
C ARG A 17 2.73 2.38 9.52
N ILE A 18 3.09 3.63 9.29
CA ILE A 18 2.94 4.66 10.30
C ILE A 18 1.63 5.41 10.12
N PHE A 19 1.32 5.72 8.86
CA PHE A 19 0.15 6.53 8.52
C PHE A 19 -1.06 5.64 8.20
N LEU A 20 -0.93 4.35 8.49
CA LEU A 20 -1.92 3.29 8.20
C LEU A 20 -3.39 3.70 8.21
N THR A 21 -3.76 4.71 8.96
CA THR A 21 -5.14 5.19 8.96
C THR A 21 -5.22 6.61 8.41
N GLY A 22 -5.91 6.77 7.29
CA GLY A 22 -6.05 8.08 6.69
C GLY A 22 -6.21 8.00 5.18
N VAL A 23 -5.73 9.03 4.49
CA VAL A 23 -5.84 9.07 3.04
C VAL A 23 -4.47 9.28 2.40
N ILE A 24 -4.31 8.80 1.18
CA ILE A 24 -3.06 8.91 0.46
C ILE A 24 -3.33 9.43 -0.95
N TRP A 25 -2.44 10.25 -1.47
CA TRP A 25 -2.58 10.73 -2.83
C TRP A 25 -1.27 10.53 -3.58
N VAL A 26 -1.26 9.58 -4.49
CA VAL A 26 -0.12 9.39 -5.36
C VAL A 26 -0.38 10.10 -6.68
N LYS A 27 0.66 10.67 -7.26
CA LYS A 27 0.50 11.44 -8.49
C LYS A 27 0.13 10.54 -9.66
N ASP A 28 0.75 9.37 -9.71
CA ASP A 28 0.53 8.42 -10.80
C ASP A 28 -0.86 7.79 -10.75
N LEU A 29 -1.35 7.56 -9.54
CA LEU A 29 -2.65 6.90 -9.36
C LEU A 29 -3.74 7.91 -9.05
N GLY A 30 -3.76 8.39 -7.81
CA GLY A 30 -4.77 9.32 -7.38
C GLY A 30 -4.95 9.29 -5.88
N ARG A 31 -6.10 9.72 -5.41
CA ARG A 31 -6.40 9.70 -3.99
C ARG A 31 -6.97 8.35 -3.58
N LEU A 32 -6.33 7.74 -2.59
CA LEU A 32 -6.76 6.47 -2.04
C LEU A 32 -6.92 6.62 -0.54
N GLU A 33 -7.49 5.62 0.11
CA GLU A 33 -7.63 5.65 1.55
C GLU A 33 -6.96 4.41 2.14
N PHE A 34 -6.83 4.35 3.45
CA PHE A 34 -6.36 3.15 4.11
C PHE A 34 -6.65 3.15 5.59
N GLU A 35 -6.89 1.96 6.10
CA GLU A 35 -6.97 1.72 7.53
C GLU A 35 -6.20 0.45 7.82
N LYS A 36 -5.45 0.44 8.92
CA LYS A 36 -4.58 -0.69 9.27
C LYS A 36 -3.48 -0.88 8.23
N GLY A 37 -3.31 0.11 7.34
CA GLY A 37 -2.37 -0.02 6.24
C GLY A 37 -2.75 -1.16 5.30
N ARG A 38 -4.04 -1.33 5.07
CA ARG A 38 -4.53 -2.42 4.23
C ARG A 38 -5.10 -1.86 2.93
N PHE A 39 -5.10 -0.54 2.82
CA PHE A 39 -5.50 0.15 1.60
C PHE A 39 -6.99 0.01 1.28
N LEU A 40 -7.63 1.15 1.07
CA LEU A 40 -9.04 1.21 0.72
C LEU A 40 -9.20 2.00 -0.57
N LEU A 41 -10.04 1.52 -1.45
CA LEU A 41 -10.24 2.17 -2.74
C LEU A 41 -11.63 2.80 -2.82
N PRO A 42 -11.80 3.82 -3.68
CA PRO A 42 -13.11 4.44 -3.93
C PRO A 42 -14.01 3.57 -4.80
N ARG A 43 -15.15 4.12 -5.21
CA ARG A 43 -16.05 3.37 -6.08
C ARG A 43 -15.44 3.20 -7.46
N LYS A 44 -14.86 4.27 -8.00
CA LYS A 44 -14.17 4.19 -9.27
C LYS A 44 -12.66 4.20 -9.03
N SER A 45 -12.04 3.05 -9.22
CA SER A 45 -10.62 2.91 -8.98
C SER A 45 -9.89 2.53 -10.26
N LEU A 46 -10.58 1.80 -11.14
CA LEU A 46 -10.03 1.27 -12.39
C LEU A 46 -9.17 0.05 -12.10
N PRO A 47 -9.38 -1.03 -12.88
CA PRO A 47 -8.65 -2.28 -12.70
C PRO A 47 -7.14 -2.08 -12.61
N LYS A 48 -6.62 -1.20 -13.45
CA LYS A 48 -5.18 -0.94 -13.48
C LYS A 48 -4.69 -0.36 -12.15
N VAL A 49 -5.54 0.42 -11.47
CA VAL A 49 -5.12 1.02 -10.22
C VAL A 49 -5.28 0.03 -9.09
N LYS A 50 -6.33 -0.78 -9.16
CA LYS A 50 -6.56 -1.80 -8.16
C LYS A 50 -5.46 -2.85 -8.20
N GLN A 51 -4.94 -3.12 -9.40
CA GLN A 51 -3.79 -4.01 -9.56
C GLN A 51 -2.58 -3.44 -8.83
N ALA A 52 -2.39 -2.14 -8.94
CA ALA A 52 -1.30 -1.46 -8.24
C ALA A 52 -1.52 -1.53 -6.73
N ILE A 53 -2.77 -1.37 -6.32
CA ILE A 53 -3.14 -1.48 -4.90
C ILE A 53 -2.85 -2.88 -4.38
N LEU A 54 -3.20 -3.89 -5.17
CA LEU A 54 -2.96 -5.27 -4.80
C LEU A 54 -1.45 -5.56 -4.76
N GLU A 55 -0.72 -4.95 -5.69
CA GLU A 55 0.74 -5.07 -5.70
C GLU A 55 1.30 -4.48 -4.40
N LEU A 56 0.77 -3.33 -4.01
CA LEU A 56 1.15 -2.69 -2.75
C LEU A 56 0.81 -3.60 -1.58
N ASN A 57 -0.43 -4.09 -1.55
CA ASN A 57 -0.90 -4.97 -0.48
C ASN A 57 -0.01 -6.20 -0.38
N GLU A 58 0.32 -6.79 -1.52
CA GLU A 58 1.19 -7.95 -1.57
C GLU A 58 2.56 -7.58 -1.02
N LEU A 59 3.08 -6.46 -1.49
CA LEU A 59 4.37 -5.95 -1.03
C LEU A 59 4.39 -5.80 0.49
N ILE A 60 3.29 -5.30 1.04
CA ILE A 60 3.17 -5.13 2.48
C ILE A 60 3.36 -6.47 3.21
N GLU A 61 2.54 -7.45 2.85
CA GLU A 61 2.60 -8.76 3.49
C GLU A 61 3.89 -9.49 3.15
N ALA A 62 4.44 -9.23 1.97
CA ALA A 62 5.70 -9.85 1.56
C ALA A 62 6.87 -9.31 2.38
N GLN A 63 6.69 -8.14 2.96
CA GLN A 63 7.69 -7.57 3.85
C GLN A 63 7.37 -7.92 5.30
N ASN A 64 6.08 -7.97 5.62
CA ASN A 64 5.63 -8.38 6.95
C ASN A 64 6.02 -9.82 7.24
N HIS A 65 5.63 -10.73 6.34
CA HIS A 65 5.86 -12.14 6.56
C HIS A 65 7.25 -12.54 6.07
N GLN A 66 8.24 -12.03 6.76
CA GLN A 66 9.62 -12.46 6.56
C GLN A 66 10.13 -13.14 7.82
N THR A 67 9.65 -12.66 8.96
CA THR A 67 9.97 -13.26 10.26
C THR A 67 11.49 -13.30 10.46
N LYS A 68 12.00 -14.38 11.04
CA LYS A 68 13.43 -14.51 11.28
C LYS A 68 14.02 -15.58 10.37
N THR A 69 13.14 -16.34 9.76
CA THR A 69 13.54 -17.42 8.86
C THR A 69 13.93 -16.85 7.50
N ALA A 70 15.09 -17.26 6.99
CA ALA A 70 15.54 -16.83 5.67
C ALA A 70 14.67 -17.46 4.58
N LEU A 71 13.60 -16.75 4.23
CA LEU A 71 12.60 -17.24 3.28
C LEU A 71 11.90 -18.49 3.81
N GLU A 72 10.65 -18.33 4.23
CA GLU A 72 9.90 -19.42 4.83
C GLU A 72 9.33 -20.35 3.76
N HIS A 73 10.02 -20.42 2.63
CA HIS A 73 9.64 -21.31 1.54
C HIS A 73 10.00 -22.75 1.89
N HIS A 74 9.07 -23.43 2.56
CA HIS A 74 9.30 -24.80 3.04
C HIS A 74 8.09 -25.32 3.78
N MET A 1 -3.89 14.67 4.70
CA MET A 1 -3.64 13.60 3.70
C MET A 1 -2.18 13.65 3.25
N ARG A 2 -1.68 12.53 2.77
CA ARG A 2 -0.31 12.45 2.27
C ARG A 2 -0.31 12.52 0.75
N VAL A 3 0.69 13.16 0.19
CA VAL A 3 0.78 13.32 -1.25
C VAL A 3 2.12 12.75 -1.77
N PHE A 4 2.04 11.92 -2.79
CA PHE A 4 3.23 11.35 -3.40
C PHE A 4 3.24 11.63 -4.89
N PRO A 5 4.17 12.47 -5.35
CA PRO A 5 4.29 12.87 -6.75
C PRO A 5 4.92 11.78 -7.62
N VAL A 6 5.24 10.65 -7.01
CA VAL A 6 5.86 9.53 -7.70
C VAL A 6 5.27 8.21 -7.21
N TYR A 7 5.06 7.29 -8.13
CA TYR A 7 4.55 5.97 -7.78
C TYR A 7 5.70 5.07 -7.33
N ALA A 8 5.93 5.06 -6.02
CA ALA A 8 6.97 4.24 -5.45
C ALA A 8 6.42 3.33 -4.37
N PRO A 9 5.98 2.12 -4.76
CA PRO A 9 5.44 1.10 -3.83
C PRO A 9 6.24 0.99 -2.55
N LYS A 10 7.56 0.83 -2.71
CA LYS A 10 8.48 0.70 -1.58
C LYS A 10 8.26 1.81 -0.55
N LEU A 11 8.34 3.06 -1.00
CA LEU A 11 8.23 4.20 -0.10
C LEU A 11 6.84 4.28 0.53
N ILE A 12 5.83 4.01 -0.29
CA ILE A 12 4.45 4.08 0.17
C ILE A 12 4.19 3.07 1.29
N VAL A 13 4.48 1.80 1.02
CA VAL A 13 4.23 0.73 1.99
C VAL A 13 5.10 0.89 3.23
N LYS A 14 6.33 1.39 3.04
CA LYS A 14 7.23 1.64 4.16
C LYS A 14 6.60 2.60 5.15
N HIS A 15 5.99 3.65 4.64
CA HIS A 15 5.41 4.67 5.49
C HIS A 15 4.02 4.28 5.96
N ALA A 16 3.34 3.47 5.17
CA ALA A 16 1.98 3.05 5.48
C ALA A 16 1.91 2.24 6.77
N ARG A 17 3.02 1.60 7.14
CA ARG A 17 3.06 0.83 8.37
C ARG A 17 2.88 1.74 9.59
N ILE A 18 3.20 3.02 9.42
CA ILE A 18 3.05 3.99 10.49
C ILE A 18 1.78 4.81 10.29
N PHE A 19 1.57 5.26 9.06
CA PHE A 19 0.44 6.13 8.71
C PHE A 19 -0.81 5.33 8.38
N LEU A 20 -0.75 4.02 8.65
CA LEU A 20 -1.77 3.01 8.31
C LEU A 20 -3.24 3.48 8.30
N THR A 21 -3.60 4.50 9.07
CA THR A 21 -4.96 5.03 9.00
C THR A 21 -4.94 6.47 8.50
N GLY A 22 -5.20 6.63 7.20
CA GLY A 22 -5.18 7.95 6.60
C GLY A 22 -5.52 7.92 5.14
N VAL A 23 -5.27 9.03 4.45
CA VAL A 23 -5.57 9.15 3.03
C VAL A 23 -4.30 9.54 2.27
N ILE A 24 -4.07 8.90 1.14
CA ILE A 24 -2.90 9.17 0.34
C ILE A 24 -3.32 9.61 -1.06
N TRP A 25 -2.60 10.57 -1.60
CA TRP A 25 -2.87 11.05 -2.95
C TRP A 25 -1.64 10.84 -3.82
N VAL A 26 -1.64 9.78 -4.61
CA VAL A 26 -0.54 9.48 -5.49
C VAL A 26 -0.77 10.15 -6.84
N LYS A 27 0.30 10.57 -7.48
CA LYS A 27 0.18 11.29 -8.74
C LYS A 27 -0.15 10.33 -9.89
N ASP A 28 0.32 9.10 -9.77
CA ASP A 28 0.13 8.10 -10.81
C ASP A 28 -1.13 7.28 -10.57
N LEU A 29 -1.90 7.65 -9.55
CA LEU A 29 -3.10 6.89 -9.19
C LEU A 29 -4.26 7.81 -8.83
N GLY A 30 -4.05 8.61 -7.79
CA GLY A 30 -5.10 9.47 -7.30
C GLY A 30 -5.23 9.35 -5.80
N ARG A 31 -6.42 9.63 -5.29
CA ARG A 31 -6.68 9.54 -3.86
C ARG A 31 -7.01 8.11 -3.45
N LEU A 32 -6.35 7.64 -2.41
CA LEU A 32 -6.59 6.31 -1.87
C LEU A 32 -6.69 6.38 -0.36
N GLU A 33 -7.66 5.68 0.19
CA GLU A 33 -7.83 5.63 1.64
C GLU A 33 -7.45 4.25 2.14
N PHE A 34 -6.69 4.19 3.22
CA PHE A 34 -6.16 2.93 3.70
C PHE A 34 -6.35 2.78 5.19
N GLU A 35 -6.44 1.54 5.63
CA GLU A 35 -6.55 1.19 7.03
C GLU A 35 -5.72 -0.05 7.30
N LYS A 36 -4.96 -0.05 8.40
CA LYS A 36 -4.03 -1.14 8.72
C LYS A 36 -2.92 -1.21 7.68
N GLY A 37 -2.75 -0.13 6.94
CA GLY A 37 -1.77 -0.10 5.87
C GLY A 37 -2.35 -0.58 4.55
N ARG A 38 -3.48 -1.26 4.62
CA ARG A 38 -4.11 -1.83 3.44
C ARG A 38 -5.09 -0.86 2.85
N PHE A 39 -4.75 -0.48 1.64
CA PHE A 39 -5.54 0.39 0.81
C PHE A 39 -6.94 -0.17 0.61
N LEU A 40 -7.93 0.65 0.92
CA LEU A 40 -9.32 0.24 0.84
C LEU A 40 -9.89 0.58 -0.52
N LEU A 41 -10.12 -0.43 -1.34
CA LEU A 41 -10.77 -0.24 -2.62
C LEU A 41 -12.26 -0.51 -2.49
N PRO A 42 -13.08 0.55 -2.44
CA PRO A 42 -14.53 0.43 -2.25
C PRO A 42 -15.18 -0.32 -3.41
N ARG A 43 -15.10 0.27 -4.59
CA ARG A 43 -15.65 -0.36 -5.79
C ARG A 43 -14.64 -0.27 -6.93
N LYS A 44 -14.84 -1.09 -7.95
CA LYS A 44 -13.97 -1.07 -9.12
C LYS A 44 -14.01 0.29 -9.80
N SER A 45 -12.84 0.84 -10.10
CA SER A 45 -12.76 2.12 -10.75
C SER A 45 -11.72 2.09 -11.87
N LEU A 46 -10.46 2.26 -11.51
CA LEU A 46 -9.38 2.25 -12.49
C LEU A 46 -8.55 0.98 -12.34
N PRO A 47 -8.40 0.21 -13.42
CA PRO A 47 -7.68 -1.07 -13.42
C PRO A 47 -6.27 -0.97 -12.84
N LYS A 48 -5.57 0.11 -13.16
CA LYS A 48 -4.20 0.29 -12.69
C LYS A 48 -4.17 0.51 -11.17
N VAL A 49 -5.21 1.16 -10.66
CA VAL A 49 -5.29 1.40 -9.23
C VAL A 49 -5.53 0.09 -8.48
N LYS A 50 -6.40 -0.74 -9.04
CA LYS A 50 -6.65 -2.07 -8.47
C LYS A 50 -5.36 -2.87 -8.46
N GLN A 51 -4.65 -2.86 -9.58
CA GLN A 51 -3.38 -3.55 -9.71
C GLN A 51 -2.39 -3.04 -8.67
N ALA A 52 -2.32 -1.72 -8.54
CA ALA A 52 -1.43 -1.08 -7.58
C ALA A 52 -1.72 -1.58 -6.16
N ILE A 53 -2.98 -1.50 -5.75
CA ILE A 53 -3.39 -1.93 -4.41
C ILE A 53 -3.00 -3.39 -4.17
N LEU A 54 -3.26 -4.25 -5.15
CA LEU A 54 -2.92 -5.66 -5.04
C LEU A 54 -1.41 -5.87 -4.88
N GLU A 55 -0.63 -5.17 -5.68
CA GLU A 55 0.82 -5.28 -5.61
C GLU A 55 1.34 -4.68 -4.30
N LEU A 56 0.70 -3.59 -3.87
CA LEU A 56 1.07 -2.95 -2.60
C LEU A 56 0.78 -3.88 -1.44
N ASN A 57 -0.40 -4.52 -1.45
CA ASN A 57 -0.77 -5.46 -0.39
C ASN A 57 0.20 -6.64 -0.36
N GLU A 58 0.66 -7.04 -1.53
CA GLU A 58 1.69 -8.08 -1.63
C GLU A 58 2.95 -7.65 -0.89
N LEU A 59 3.41 -6.45 -1.21
CA LEU A 59 4.57 -5.86 -0.58
C LEU A 59 4.37 -5.69 0.93
N ILE A 60 3.14 -5.32 1.32
CA ILE A 60 2.78 -5.18 2.73
C ILE A 60 3.00 -6.49 3.46
N GLU A 61 2.39 -7.56 2.97
CA GLU A 61 2.44 -8.85 3.64
C GLU A 61 3.86 -9.43 3.58
N ALA A 62 4.59 -9.11 2.53
CA ALA A 62 5.98 -9.56 2.41
C ALA A 62 6.81 -9.08 3.59
N GLN A 63 6.59 -7.83 3.98
CA GLN A 63 7.26 -7.25 5.13
C GLN A 63 6.56 -7.65 6.42
N ASN A 64 5.25 -7.82 6.33
CA ASN A 64 4.42 -8.23 7.46
C ASN A 64 4.85 -9.61 7.97
N HIS A 65 5.19 -10.49 7.03
CA HIS A 65 5.63 -11.84 7.35
C HIS A 65 6.89 -11.81 8.22
N GLN A 66 7.69 -10.76 8.03
CA GLN A 66 8.89 -10.52 8.84
C GLN A 66 9.89 -11.67 8.69
N THR A 67 10.71 -11.61 7.66
CA THR A 67 11.75 -12.60 7.43
C THR A 67 12.91 -11.98 6.67
N LYS A 68 14.06 -11.88 7.34
CA LYS A 68 15.26 -11.36 6.72
C LYS A 68 15.81 -12.37 5.71
N THR A 69 16.04 -11.90 4.49
CA THR A 69 16.45 -12.77 3.39
C THR A 69 17.85 -13.33 3.58
N ALA A 70 18.15 -14.39 2.82
CA ALA A 70 19.44 -15.05 2.89
C ALA A 70 20.45 -14.37 1.98
N LEU A 71 21.48 -15.08 1.58
CA LEU A 71 22.52 -14.52 0.74
C LEU A 71 22.04 -14.35 -0.70
N GLU A 72 21.37 -13.24 -0.96
CA GLU A 72 20.90 -12.92 -2.30
C GLU A 72 21.95 -12.13 -3.05
N HIS A 73 23.08 -11.93 -2.42
CA HIS A 73 24.18 -11.20 -3.04
C HIS A 73 25.02 -12.12 -3.90
N HIS A 74 24.70 -12.15 -5.18
CA HIS A 74 25.46 -12.91 -6.16
C HIS A 74 25.82 -12.02 -7.34
N MET A 1 -3.56 14.95 4.18
CA MET A 1 -3.39 14.19 2.91
C MET A 1 -1.93 14.18 2.52
N ARG A 2 -1.31 13.01 2.55
CA ARG A 2 0.08 12.89 2.13
C ARG A 2 0.12 12.62 0.63
N VAL A 3 0.51 13.62 -0.13
CA VAL A 3 0.53 13.51 -1.58
C VAL A 3 1.88 12.96 -2.06
N PHE A 4 1.84 12.12 -3.08
CA PHE A 4 3.04 11.53 -3.65
C PHE A 4 3.11 11.83 -5.15
N PRO A 5 4.00 12.76 -5.56
CA PRO A 5 4.22 13.08 -6.96
C PRO A 5 4.91 11.94 -7.69
N VAL A 6 5.59 11.10 -6.93
CA VAL A 6 6.28 9.94 -7.47
C VAL A 6 5.75 8.66 -6.83
N TYR A 7 5.88 7.55 -7.53
CA TYR A 7 5.43 6.27 -7.03
C TYR A 7 6.61 5.48 -6.49
N ALA A 8 6.72 5.43 -5.16
CA ALA A 8 7.78 4.68 -4.51
C ALA A 8 7.19 3.54 -3.68
N PRO A 9 7.15 2.32 -4.25
CA PRO A 9 6.46 1.17 -3.66
C PRO A 9 6.86 0.90 -2.20
N LYS A 10 8.13 0.57 -2.00
CA LYS A 10 8.63 0.21 -0.68
C LYS A 10 8.55 1.37 0.30
N LEU A 11 8.71 2.59 -0.21
CA LEU A 11 8.72 3.78 0.64
C LEU A 11 7.33 4.10 1.16
N ILE A 12 6.33 4.03 0.30
CA ILE A 12 4.96 4.35 0.69
C ILE A 12 4.49 3.41 1.81
N VAL A 13 4.64 2.11 1.59
CA VAL A 13 4.20 1.11 2.56
C VAL A 13 4.96 1.24 3.87
N LYS A 14 6.28 1.47 3.78
CA LYS A 14 7.12 1.57 4.96
C LYS A 14 6.74 2.77 5.82
N HIS A 15 6.22 3.80 5.18
CA HIS A 15 5.79 5.01 5.87
C HIS A 15 4.31 4.90 6.25
N ALA A 16 3.62 3.90 5.72
CA ALA A 16 2.22 3.68 6.05
C ALA A 16 2.09 2.80 7.29
N ARG A 17 3.21 2.20 7.70
CA ARG A 17 3.22 1.29 8.84
C ARG A 17 2.70 1.96 10.11
N ILE A 18 3.12 3.19 10.34
CA ILE A 18 2.74 3.92 11.55
C ILE A 18 1.52 4.80 11.29
N PHE A 19 1.41 5.27 10.06
CA PHE A 19 0.36 6.22 9.68
C PHE A 19 -0.82 5.50 9.02
N LEU A 20 -0.80 4.17 9.15
CA LEU A 20 -1.77 3.23 8.58
C LEU A 20 -3.25 3.70 8.52
N THR A 21 -3.62 4.72 9.27
CA THR A 21 -4.96 5.26 9.16
C THR A 21 -4.93 6.67 8.57
N GLY A 22 -5.22 6.77 7.28
CA GLY A 22 -5.19 8.06 6.61
C GLY A 22 -5.38 7.95 5.12
N VAL A 23 -5.09 9.03 4.40
CA VAL A 23 -5.25 9.07 2.95
C VAL A 23 -3.98 9.57 2.27
N ILE A 24 -3.71 9.03 1.09
CA ILE A 24 -2.54 9.40 0.30
C ILE A 24 -2.93 9.70 -1.14
N TRP A 25 -2.43 10.80 -1.68
CA TRP A 25 -2.76 11.20 -3.04
C TRP A 25 -1.57 11.03 -3.95
N VAL A 26 -1.50 9.91 -4.62
CA VAL A 26 -0.44 9.66 -5.59
C VAL A 26 -0.86 10.21 -6.95
N LYS A 27 0.11 10.62 -7.75
CA LYS A 27 -0.17 11.18 -9.07
C LYS A 27 -0.69 10.12 -10.01
N ASP A 28 -0.36 8.87 -9.72
CA ASP A 28 -0.74 7.75 -10.59
C ASP A 28 -2.14 7.24 -10.23
N LEU A 29 -2.36 6.96 -8.95
CA LEU A 29 -3.59 6.33 -8.50
C LEU A 29 -4.66 7.37 -8.13
N GLY A 30 -4.23 8.61 -7.93
CA GLY A 30 -5.16 9.66 -7.61
C GLY A 30 -5.35 9.84 -6.11
N ARG A 31 -6.18 9.00 -5.52
CA ARG A 31 -6.50 9.10 -4.10
C ARG A 31 -6.58 7.72 -3.48
N LEU A 32 -5.80 7.49 -2.43
CA LEU A 32 -5.79 6.20 -1.75
C LEU A 32 -6.24 6.36 -0.30
N GLU A 33 -7.17 5.51 0.11
CA GLU A 33 -7.62 5.49 1.49
C GLU A 33 -7.23 4.16 2.10
N PHE A 34 -6.59 4.21 3.26
CA PHE A 34 -6.09 3.00 3.90
C PHE A 34 -6.30 3.03 5.40
N GLU A 35 -6.60 1.86 5.96
CA GLU A 35 -6.71 1.70 7.40
C GLU A 35 -5.95 0.47 7.85
N LYS A 36 -5.08 0.69 8.83
CA LYS A 36 -4.32 -0.39 9.46
C LYS A 36 -3.33 -1.00 8.46
N GLY A 37 -2.98 -0.22 7.44
CA GLY A 37 -2.03 -0.67 6.45
C GLY A 37 -2.71 -1.16 5.18
N ARG A 38 -3.97 -1.55 5.30
CA ARG A 38 -4.70 -2.11 4.16
C ARG A 38 -5.30 -1.01 3.33
N PHE A 39 -4.64 -0.77 2.22
CA PHE A 39 -5.12 0.08 1.16
C PHE A 39 -6.50 -0.40 0.69
N LEU A 40 -7.48 0.49 0.74
CA LEU A 40 -8.83 0.16 0.36
C LEU A 40 -9.09 0.55 -1.09
N LEU A 41 -9.63 -0.39 -1.86
CA LEU A 41 -9.99 -0.13 -3.24
C LEU A 41 -11.29 0.68 -3.30
N PRO A 42 -11.23 1.87 -3.91
CA PRO A 42 -12.39 2.73 -4.12
C PRO A 42 -13.38 2.12 -5.12
N ARG A 43 -14.23 1.22 -4.62
CA ARG A 43 -15.29 0.58 -5.41
C ARG A 43 -14.72 -0.30 -6.51
N LYS A 44 -14.31 0.31 -7.61
CA LYS A 44 -13.82 -0.39 -8.78
C LYS A 44 -12.68 0.39 -9.41
N SER A 45 -12.85 1.71 -9.47
CA SER A 45 -11.86 2.66 -9.99
C SER A 45 -11.42 2.32 -11.42
N LEU A 46 -10.32 1.61 -11.55
CA LEU A 46 -9.75 1.31 -12.86
C LEU A 46 -8.80 0.11 -12.72
N PRO A 47 -8.81 -0.81 -13.70
CA PRO A 47 -7.98 -2.03 -13.67
C PRO A 47 -6.52 -1.78 -13.28
N LYS A 48 -5.91 -0.78 -13.91
CA LYS A 48 -4.53 -0.41 -13.62
C LYS A 48 -4.36 -0.03 -12.15
N VAL A 49 -5.33 0.71 -11.64
CA VAL A 49 -5.32 1.15 -10.24
C VAL A 49 -5.47 -0.04 -9.32
N LYS A 50 -6.39 -0.95 -9.66
CA LYS A 50 -6.58 -2.18 -8.91
C LYS A 50 -5.29 -2.98 -8.87
N GLN A 51 -4.63 -3.07 -10.03
CA GLN A 51 -3.37 -3.79 -10.16
C GLN A 51 -2.34 -3.23 -9.19
N ALA A 52 -2.28 -1.90 -9.09
CA ALA A 52 -1.34 -1.24 -8.18
C ALA A 52 -1.72 -1.50 -6.73
N ILE A 53 -3.02 -1.50 -6.45
CA ILE A 53 -3.52 -1.81 -5.11
C ILE A 53 -3.11 -3.23 -4.72
N LEU A 54 -3.35 -4.17 -5.63
CA LEU A 54 -2.97 -5.57 -5.40
C LEU A 54 -1.46 -5.67 -5.21
N GLU A 55 -0.72 -4.90 -5.99
CA GLU A 55 0.74 -4.88 -5.91
C GLU A 55 1.20 -4.39 -4.55
N LEU A 56 0.55 -3.33 -4.06
CA LEU A 56 0.83 -2.80 -2.74
C LEU A 56 0.49 -3.83 -1.66
N ASN A 57 -0.70 -4.44 -1.77
CA ASN A 57 -1.13 -5.44 -0.78
C ASN A 57 -0.13 -6.60 -0.74
N GLU A 58 0.33 -7.01 -1.92
CA GLU A 58 1.34 -8.06 -2.04
C GLU A 58 2.59 -7.64 -1.30
N LEU A 59 3.07 -6.45 -1.60
CA LEU A 59 4.27 -5.89 -1.00
C LEU A 59 4.14 -5.82 0.53
N ILE A 60 2.99 -5.34 1.01
CA ILE A 60 2.74 -5.24 2.45
C ILE A 60 2.89 -6.60 3.11
N GLU A 61 2.19 -7.59 2.58
CA GLU A 61 2.16 -8.93 3.16
C GLU A 61 3.53 -9.60 3.02
N ALA A 62 4.30 -9.16 2.03
CA ALA A 62 5.65 -9.68 1.82
C ALA A 62 6.64 -9.05 2.79
N GLN A 63 6.30 -7.86 3.30
CA GLN A 63 7.16 -7.17 4.26
C GLN A 63 7.06 -7.81 5.64
N ASN A 64 5.85 -8.17 6.06
CA ASN A 64 5.71 -8.90 7.31
C ASN A 64 6.14 -10.35 7.14
N HIS A 65 5.33 -11.14 6.41
CA HIS A 65 5.69 -12.50 6.04
C HIS A 65 6.05 -13.34 7.27
N GLN A 66 5.32 -13.13 8.36
CA GLN A 66 5.56 -13.84 9.60
C GLN A 66 4.57 -15.00 9.77
N THR A 67 4.98 -16.02 10.51
CA THR A 67 4.17 -17.22 10.68
C THR A 67 3.24 -17.10 11.90
N LYS A 68 3.16 -15.91 12.48
CA LYS A 68 2.31 -15.69 13.63
C LYS A 68 0.84 -15.63 13.24
N THR A 69 0.20 -16.78 13.19
CA THR A 69 -1.19 -16.89 12.80
C THR A 69 -2.13 -16.53 13.95
N ALA A 70 -2.04 -15.27 14.40
CA ALA A 70 -2.90 -14.74 15.47
C ALA A 70 -2.77 -15.53 16.77
N LEU A 71 -1.75 -16.39 16.84
CA LEU A 71 -1.54 -17.26 18.00
C LEU A 71 -2.73 -18.21 18.18
N GLU A 72 -3.44 -18.45 17.09
CA GLU A 72 -4.62 -19.30 17.11
C GLU A 72 -4.21 -20.77 16.95
N HIS A 73 -3.63 -21.09 15.79
CA HIS A 73 -3.10 -22.43 15.50
C HIS A 73 -4.19 -23.46 15.25
N HIS A 74 -4.74 -24.04 16.32
CA HIS A 74 -5.71 -25.12 16.19
C HIS A 74 -7.10 -24.58 15.90
N MET A 1 -2.88 12.36 6.48
CA MET A 1 -2.85 12.15 5.03
C MET A 1 -1.52 12.61 4.46
N ARG A 2 -1.17 12.15 3.27
CA ARG A 2 0.08 12.52 2.65
C ARG A 2 -0.03 12.46 1.13
N VAL A 3 0.59 13.42 0.46
CA VAL A 3 0.58 13.47 -1.00
C VAL A 3 1.97 13.14 -1.54
N PHE A 4 2.04 12.17 -2.44
CA PHE A 4 3.31 11.72 -3.00
C PHE A 4 3.44 12.12 -4.46
N PRO A 5 4.40 13.02 -4.75
CA PRO A 5 4.71 13.43 -6.12
C PRO A 5 5.56 12.38 -6.84
N VAL A 6 5.92 11.33 -6.12
CA VAL A 6 6.73 10.26 -6.68
C VAL A 6 6.12 8.90 -6.35
N TYR A 7 5.93 8.08 -7.37
CA TYR A 7 5.39 6.74 -7.18
C TYR A 7 6.50 5.75 -6.88
N ALA A 8 6.64 5.39 -5.62
CA ALA A 8 7.63 4.40 -5.20
C ALA A 8 6.99 3.35 -4.29
N PRO A 9 6.74 2.15 -4.84
CA PRO A 9 6.05 1.05 -4.13
C PRO A 9 6.53 0.84 -2.70
N LYS A 10 7.82 0.56 -2.53
CA LYS A 10 8.37 0.25 -1.22
C LYS A 10 8.24 1.43 -0.25
N LEU A 11 8.44 2.64 -0.76
CA LEU A 11 8.35 3.82 0.10
C LEU A 11 6.92 4.02 0.58
N ILE A 12 5.96 3.74 -0.29
CA ILE A 12 4.55 3.82 0.07
C ILE A 12 4.22 2.86 1.20
N VAL A 13 4.59 1.59 1.01
CA VAL A 13 4.33 0.55 2.01
C VAL A 13 5.05 0.82 3.32
N LYS A 14 6.32 1.23 3.23
CA LYS A 14 7.12 1.49 4.42
C LYS A 14 6.53 2.64 5.25
N HIS A 15 5.98 3.64 4.59
CA HIS A 15 5.35 4.74 5.29
C HIS A 15 3.95 4.36 5.76
N ALA A 16 3.30 3.47 5.01
CA ALA A 16 1.94 3.03 5.33
C ALA A 16 1.89 2.31 6.68
N ARG A 17 3.01 1.72 7.08
CA ARG A 17 3.09 1.07 8.38
C ARG A 17 2.88 2.06 9.51
N ILE A 18 3.20 3.32 9.25
CA ILE A 18 3.06 4.37 10.26
C ILE A 18 1.80 5.19 10.02
N PHE A 19 1.49 5.42 8.74
CA PHE A 19 0.32 6.21 8.36
C PHE A 19 -0.91 5.34 8.18
N LEU A 20 -0.79 4.07 8.56
CA LEU A 20 -1.82 3.02 8.39
C LEU A 20 -3.27 3.49 8.40
N THR A 21 -3.61 4.51 9.19
CA THR A 21 -4.96 5.05 9.18
C THR A 21 -4.97 6.46 8.57
N GLY A 22 -5.24 6.53 7.27
CA GLY A 22 -5.23 7.80 6.58
C GLY A 22 -5.49 7.67 5.10
N VAL A 23 -4.98 8.64 4.33
CA VAL A 23 -5.14 8.65 2.89
C VAL A 23 -3.84 9.11 2.24
N ILE A 24 -3.43 8.43 1.18
CA ILE A 24 -2.22 8.80 0.46
C ILE A 24 -2.57 9.12 -0.99
N TRP A 25 -2.28 10.34 -1.39
CA TRP A 25 -2.63 10.79 -2.73
C TRP A 25 -1.40 10.72 -3.64
N VAL A 26 -1.46 9.84 -4.62
CA VAL A 26 -0.38 9.72 -5.59
C VAL A 26 -0.86 10.25 -6.94
N LYS A 27 0.03 10.85 -7.69
CA LYS A 27 -0.33 11.50 -8.94
C LYS A 27 -0.81 10.49 -9.98
N ASP A 28 -0.11 9.37 -10.08
CA ASP A 28 -0.36 8.40 -11.13
C ASP A 28 -1.42 7.38 -10.75
N LEU A 29 -1.96 7.51 -9.55
CA LEU A 29 -2.98 6.59 -9.08
C LEU A 29 -4.23 7.35 -8.64
N GLY A 30 -4.06 8.22 -7.66
CA GLY A 30 -5.18 8.94 -7.08
C GLY A 30 -5.09 8.92 -5.57
N ARG A 31 -6.23 9.09 -4.91
CA ARG A 31 -6.26 9.05 -3.45
C ARG A 31 -6.46 7.62 -2.98
N LEU A 32 -5.48 7.11 -2.28
CA LEU A 32 -5.54 5.75 -1.76
C LEU A 32 -5.85 5.79 -0.28
N GLU A 33 -7.08 5.46 0.06
CA GLU A 33 -7.52 5.49 1.44
C GLU A 33 -7.24 4.15 2.08
N PHE A 34 -6.62 4.19 3.25
CA PHE A 34 -6.25 2.98 3.95
C PHE A 34 -6.44 3.16 5.44
N GLU A 35 -7.03 2.16 6.08
CA GLU A 35 -7.27 2.21 7.50
C GLU A 35 -6.67 0.99 8.18
N LYS A 36 -5.86 1.22 9.21
CA LYS A 36 -5.17 0.15 9.92
C LYS A 36 -4.20 -0.58 8.98
N GLY A 37 -3.80 0.09 7.91
CA GLY A 37 -2.97 -0.54 6.91
C GLY A 37 -3.79 -1.20 5.81
N ARG A 38 -5.07 -1.36 6.07
CA ARG A 38 -5.98 -1.99 5.13
C ARG A 38 -6.52 -0.95 4.17
N PHE A 39 -5.95 -0.98 2.98
CA PHE A 39 -6.40 -0.18 1.86
C PHE A 39 -7.89 -0.39 1.63
N LEU A 40 -8.66 0.69 1.71
CA LEU A 40 -10.10 0.63 1.57
C LEU A 40 -10.51 0.60 0.11
N LEU A 41 -9.51 0.71 -0.73
CA LEU A 41 -9.68 0.62 -2.16
C LEU A 41 -8.96 -0.62 -2.67
N PRO A 42 -9.69 -1.72 -2.83
CA PRO A 42 -9.16 -3.00 -3.26
C PRO A 42 -9.38 -3.26 -4.76
N ARG A 43 -10.31 -4.18 -5.07
CA ARG A 43 -10.63 -4.50 -6.44
C ARG A 43 -11.73 -3.59 -6.94
N LYS A 44 -12.43 -2.97 -6.00
CA LYS A 44 -13.42 -1.96 -6.31
C LYS A 44 -12.73 -0.63 -6.58
N SER A 45 -12.06 -0.56 -7.71
CA SER A 45 -11.25 0.60 -8.04
C SER A 45 -11.02 0.66 -9.56
N LEU A 46 -10.06 1.48 -9.99
CA LEU A 46 -9.73 1.58 -11.41
C LEU A 46 -8.86 0.40 -11.82
N PRO A 47 -9.06 -0.14 -13.04
CA PRO A 47 -8.37 -1.33 -13.53
C PRO A 47 -6.85 -1.33 -13.25
N LYS A 48 -6.15 -0.30 -13.70
CA LYS A 48 -4.69 -0.26 -13.55
C LYS A 48 -4.32 0.02 -12.09
N VAL A 49 -5.12 0.83 -11.43
CA VAL A 49 -4.85 1.18 -10.03
C VAL A 49 -5.07 -0.03 -9.14
N LYS A 50 -6.08 -0.83 -9.49
CA LYS A 50 -6.41 -2.04 -8.75
C LYS A 50 -5.22 -2.98 -8.65
N GLN A 51 -4.62 -3.31 -9.80
CA GLN A 51 -3.50 -4.22 -9.83
C GLN A 51 -2.29 -3.60 -9.13
N ALA A 52 -2.23 -2.28 -9.09
CA ALA A 52 -1.19 -1.58 -8.38
C ALA A 52 -1.41 -1.70 -6.88
N ILE A 53 -2.65 -1.52 -6.46
CA ILE A 53 -3.04 -1.68 -5.06
C ILE A 53 -2.79 -3.11 -4.61
N LEU A 54 -3.16 -4.07 -5.44
CA LEU A 54 -2.93 -5.48 -5.14
C LEU A 54 -1.44 -5.75 -4.96
N GLU A 55 -0.63 -5.20 -5.85
CA GLU A 55 0.81 -5.34 -5.77
C GLU A 55 1.34 -4.71 -4.49
N LEU A 56 0.80 -3.54 -4.14
CA LEU A 56 1.16 -2.86 -2.91
C LEU A 56 0.77 -3.69 -1.70
N ASN A 57 -0.45 -4.22 -1.71
CA ASN A 57 -0.95 -5.07 -0.63
C ASN A 57 -0.04 -6.28 -0.43
N GLU A 58 0.40 -6.84 -1.55
CA GLU A 58 1.31 -7.98 -1.52
C GLU A 58 2.64 -7.57 -0.93
N LEU A 59 3.14 -6.44 -1.37
CA LEU A 59 4.40 -5.89 -0.88
C LEU A 59 4.31 -5.61 0.62
N ILE A 60 3.13 -5.18 1.07
CA ILE A 60 2.89 -4.98 2.50
C ILE A 60 3.15 -6.27 3.25
N GLU A 61 2.50 -7.34 2.82
CA GLU A 61 2.67 -8.65 3.44
C GLU A 61 4.12 -9.10 3.34
N ALA A 62 4.72 -8.88 2.17
CA ALA A 62 6.11 -9.26 1.94
C ALA A 62 7.04 -8.70 3.02
N GLN A 63 6.83 -7.44 3.39
CA GLN A 63 7.65 -6.80 4.41
C GLN A 63 7.22 -7.25 5.82
N ASN A 64 5.92 -7.46 6.00
CA ASN A 64 5.38 -7.80 7.32
C ASN A 64 5.65 -9.27 7.67
N HIS A 65 5.71 -10.10 6.64
CA HIS A 65 5.91 -11.53 6.82
C HIS A 65 7.38 -11.85 7.06
N GLN A 66 8.24 -10.96 6.63
CA GLN A 66 9.67 -11.15 6.79
C GLN A 66 10.17 -10.42 8.03
N THR A 67 11.17 -10.98 8.69
CA THR A 67 11.80 -10.32 9.81
C THR A 67 13.00 -9.51 9.31
N LYS A 68 13.59 -8.71 10.19
CA LYS A 68 14.69 -7.85 9.82
C LYS A 68 15.94 -8.66 9.50
N THR A 69 16.86 -8.06 8.75
CA THR A 69 18.14 -8.68 8.46
C THR A 69 18.99 -8.70 9.72
N ALA A 70 19.26 -9.91 10.21
CA ALA A 70 19.91 -10.11 11.52
C ALA A 70 18.96 -9.65 12.64
N LEU A 71 19.43 -9.73 13.88
CA LEU A 71 18.60 -9.40 15.04
C LEU A 71 17.44 -10.38 15.16
N GLU A 72 17.68 -11.60 14.69
CA GLU A 72 16.65 -12.65 14.67
C GLU A 72 16.33 -13.12 16.08
N HIS A 73 17.14 -12.65 17.04
CA HIS A 73 16.99 -12.98 18.47
C HIS A 73 16.69 -14.46 18.67
N HIS A 74 17.54 -15.29 18.06
CA HIS A 74 17.41 -16.73 18.16
C HIS A 74 18.40 -17.25 19.20
N MET A 1 -2.95 15.35 5.06
CA MET A 1 -2.66 14.00 4.52
C MET A 1 -1.40 14.03 3.67
N ARG A 2 -1.00 12.89 3.15
CA ARG A 2 0.26 12.81 2.41
C ARG A 2 0.03 12.67 0.91
N VAL A 3 0.87 13.34 0.14
CA VAL A 3 0.82 13.26 -1.31
C VAL A 3 2.19 12.88 -1.85
N PHE A 4 2.24 11.83 -2.68
CA PHE A 4 3.49 11.36 -3.24
C PHE A 4 3.46 11.40 -4.76
N PRO A 5 4.04 12.45 -5.35
CA PRO A 5 4.16 12.58 -6.80
C PRO A 5 5.18 11.60 -7.37
N VAL A 6 6.21 11.32 -6.59
CA VAL A 6 7.29 10.42 -6.99
C VAL A 6 6.78 9.01 -7.29
N TYR A 7 5.81 8.55 -6.50
CA TYR A 7 5.28 7.19 -6.58
C TYR A 7 6.38 6.16 -6.39
N ALA A 8 6.64 5.82 -5.14
CA ALA A 8 7.61 4.80 -4.81
C ALA A 8 6.96 3.72 -3.95
N PRO A 9 6.59 2.59 -4.59
CA PRO A 9 5.86 1.49 -3.96
C PRO A 9 6.28 1.19 -2.52
N LYS A 10 7.55 0.83 -2.32
CA LYS A 10 8.01 0.42 -0.99
C LYS A 10 8.00 1.58 0.00
N LEU A 11 8.28 2.79 -0.48
CA LEU A 11 8.31 3.97 0.38
C LEU A 11 6.91 4.30 0.88
N ILE A 12 5.93 4.20 -0.01
CA ILE A 12 4.54 4.48 0.34
C ILE A 12 4.09 3.54 1.46
N VAL A 13 4.34 2.25 1.29
CA VAL A 13 3.95 1.26 2.27
C VAL A 13 4.72 1.44 3.58
N LYS A 14 6.00 1.80 3.47
CA LYS A 14 6.85 1.99 4.64
C LYS A 14 6.38 3.19 5.47
N HIS A 15 5.82 4.19 4.80
CA HIS A 15 5.25 5.33 5.50
C HIS A 15 3.85 5.00 6.01
N ALA A 16 3.14 4.16 5.26
CA ALA A 16 1.81 3.70 5.66
C ALA A 16 1.85 2.91 6.97
N ARG A 17 3.03 2.37 7.29
CA ARG A 17 3.24 1.65 8.54
C ARG A 17 2.91 2.54 9.74
N ILE A 18 3.13 3.82 9.56
CA ILE A 18 2.92 4.79 10.61
C ILE A 18 1.58 5.52 10.42
N PHE A 19 1.29 5.85 9.17
CA PHE A 19 0.08 6.61 8.81
C PHE A 19 -1.10 5.67 8.59
N LEU A 20 -0.92 4.40 8.96
CA LEU A 20 -1.86 3.29 8.77
C LEU A 20 -3.35 3.66 8.76
N THR A 21 -3.77 4.68 9.49
CA THR A 21 -5.14 5.15 9.37
C THR A 21 -5.16 6.59 8.83
N GLY A 22 -5.22 6.72 7.52
CA GLY A 22 -5.17 8.02 6.89
C GLY A 22 -5.35 7.96 5.39
N VAL A 23 -5.11 9.08 4.72
CA VAL A 23 -5.29 9.17 3.27
C VAL A 23 -4.01 9.62 2.60
N ILE A 24 -3.70 9.04 1.46
CA ILE A 24 -2.53 9.41 0.70
C ILE A 24 -2.91 9.62 -0.76
N TRP A 25 -2.36 10.65 -1.38
CA TRP A 25 -2.58 10.89 -2.79
C TRP A 25 -1.33 10.61 -3.58
N VAL A 26 -1.47 9.75 -4.56
CA VAL A 26 -0.37 9.45 -5.45
C VAL A 26 -0.66 10.04 -6.82
N LYS A 27 0.38 10.55 -7.45
CA LYS A 27 0.21 11.24 -8.72
C LYS A 27 -0.26 10.29 -9.82
N ASP A 28 0.22 9.06 -9.77
CA ASP A 28 -0.05 8.11 -10.84
C ASP A 28 -1.20 7.18 -10.48
N LEU A 29 -1.80 7.38 -9.31
CA LEU A 29 -2.87 6.51 -8.85
C LEU A 29 -4.11 7.30 -8.49
N GLY A 30 -3.95 8.32 -7.67
CA GLY A 30 -5.07 9.07 -7.16
C GLY A 30 -5.11 9.01 -5.65
N ARG A 31 -6.30 8.96 -5.08
CA ARG A 31 -6.44 8.87 -3.64
C ARG A 31 -6.37 7.42 -3.19
N LEU A 32 -5.67 7.18 -2.10
CA LEU A 32 -5.61 5.85 -1.51
C LEU A 32 -5.97 5.94 -0.04
N GLU A 33 -7.14 5.41 0.30
CA GLU A 33 -7.60 5.38 1.66
C GLU A 33 -7.38 4.01 2.27
N PHE A 34 -6.58 3.95 3.30
CA PHE A 34 -6.24 2.68 3.93
C PHE A 34 -6.51 2.72 5.42
N GLU A 35 -6.68 1.55 6.00
CA GLU A 35 -6.95 1.44 7.43
C GLU A 35 -6.11 0.32 8.02
N LYS A 36 -5.50 0.58 9.18
CA LYS A 36 -4.65 -0.40 9.87
C LYS A 36 -3.40 -0.70 9.05
N GLY A 37 -3.10 0.16 8.09
CA GLY A 37 -1.96 -0.05 7.23
C GLY A 37 -2.26 -1.05 6.14
N ARG A 38 -3.55 -1.22 5.85
CA ARG A 38 -3.98 -2.13 4.81
C ARG A 38 -4.84 -1.39 3.81
N PHE A 39 -4.26 -1.25 2.64
CA PHE A 39 -4.93 -0.67 1.49
C PHE A 39 -6.25 -1.39 1.21
N LEU A 40 -7.32 -0.62 1.13
CA LEU A 40 -8.65 -1.18 0.91
C LEU A 40 -8.87 -1.46 -0.57
N LEU A 41 -9.75 -2.39 -0.87
CA LEU A 41 -10.03 -2.77 -2.25
C LEU A 41 -11.37 -2.18 -2.71
N PRO A 42 -11.31 -1.12 -3.52
CA PRO A 42 -12.51 -0.50 -4.08
C PRO A 42 -12.90 -1.10 -5.43
N ARG A 43 -14.17 -1.46 -5.57
CA ARG A 43 -14.68 -1.97 -6.83
C ARG A 43 -14.92 -0.80 -7.79
N LYS A 44 -15.06 -1.09 -9.08
CA LYS A 44 -15.26 -0.05 -10.08
C LYS A 44 -14.06 0.90 -10.09
N SER A 45 -12.99 0.48 -10.75
CA SER A 45 -11.73 1.20 -10.68
C SER A 45 -11.00 1.18 -12.01
N LEU A 46 -9.88 1.88 -12.07
CA LEU A 46 -9.03 1.85 -13.24
C LEU A 46 -8.16 0.61 -13.22
N PRO A 47 -7.98 -0.05 -14.37
CA PRO A 47 -7.20 -1.29 -14.50
C PRO A 47 -5.84 -1.21 -13.81
N LYS A 48 -5.06 -0.20 -14.16
CA LYS A 48 -3.72 -0.01 -13.60
C LYS A 48 -3.78 0.14 -12.09
N VAL A 49 -4.68 1.00 -11.63
CA VAL A 49 -4.80 1.32 -10.21
C VAL A 49 -5.24 0.10 -9.40
N LYS A 50 -6.28 -0.58 -9.89
CA LYS A 50 -6.80 -1.77 -9.22
C LYS A 50 -5.71 -2.81 -9.02
N GLN A 51 -5.08 -3.21 -10.13
CA GLN A 51 -4.06 -4.25 -10.09
C GLN A 51 -2.86 -3.81 -9.23
N ALA A 52 -2.62 -2.51 -9.19
CA ALA A 52 -1.53 -1.97 -8.40
C ALA A 52 -1.80 -2.16 -6.91
N ILE A 53 -3.03 -1.84 -6.48
CA ILE A 53 -3.40 -1.98 -5.08
C ILE A 53 -3.28 -3.44 -4.63
N LEU A 54 -3.68 -4.35 -5.50
CA LEU A 54 -3.59 -5.78 -5.21
C LEU A 54 -2.14 -6.19 -4.95
N GLU A 55 -1.22 -5.66 -5.74
CA GLU A 55 0.18 -5.99 -5.57
C GLU A 55 0.81 -5.16 -4.45
N LEU A 56 0.19 -4.04 -4.13
CA LEU A 56 0.59 -3.27 -2.96
C LEU A 56 0.27 -4.04 -1.69
N ASN A 57 -0.88 -4.73 -1.70
CA ASN A 57 -1.25 -5.62 -0.61
C ASN A 57 -0.24 -6.77 -0.51
N GLU A 58 0.19 -7.26 -1.66
CA GLU A 58 1.24 -8.29 -1.72
C GLU A 58 2.50 -7.74 -1.06
N LEU A 59 2.89 -6.56 -1.48
CA LEU A 59 4.08 -5.89 -0.96
C LEU A 59 4.00 -5.72 0.56
N ILE A 60 2.78 -5.52 1.07
CA ILE A 60 2.56 -5.46 2.51
C ILE A 60 2.99 -6.76 3.17
N GLU A 61 2.41 -7.87 2.72
CA GLU A 61 2.70 -9.16 3.31
C GLU A 61 4.08 -9.67 2.86
N ALA A 62 4.68 -8.98 1.90
CA ALA A 62 6.04 -9.28 1.49
C ALA A 62 7.04 -8.66 2.46
N GLN A 63 6.70 -7.48 2.95
CA GLN A 63 7.52 -6.81 3.95
C GLN A 63 7.23 -7.37 5.34
N ASN A 64 5.98 -7.76 5.54
CA ASN A 64 5.60 -8.51 6.75
C ASN A 64 6.25 -9.88 6.69
N HIS A 65 5.72 -10.74 5.81
CA HIS A 65 6.25 -12.07 5.56
C HIS A 65 6.24 -12.87 6.86
N GLN A 66 5.28 -12.53 7.70
CA GLN A 66 5.20 -13.06 9.06
C GLN A 66 4.50 -14.41 9.08
N THR A 67 3.62 -14.65 8.11
CA THR A 67 2.91 -15.91 8.03
C THR A 67 3.88 -17.04 7.67
N LYS A 68 4.06 -17.96 8.62
CA LYS A 68 5.00 -19.07 8.46
C LYS A 68 4.33 -20.23 7.72
N THR A 69 3.56 -19.92 6.69
CA THR A 69 2.81 -20.93 5.96
C THR A 69 3.65 -21.59 4.86
N ALA A 70 4.94 -21.75 5.13
CA ALA A 70 5.82 -22.48 4.22
C ALA A 70 5.86 -23.95 4.60
N LEU A 71 4.96 -24.72 4.03
CA LEU A 71 4.84 -26.13 4.36
C LEU A 71 5.61 -26.99 3.36
N GLU A 72 5.80 -28.24 3.73
CA GLU A 72 6.41 -29.23 2.86
C GLU A 72 5.37 -29.75 1.85
N HIS A 73 4.11 -29.39 2.09
CA HIS A 73 3.01 -29.82 1.24
C HIS A 73 2.40 -28.63 0.51
N HIS A 74 3.21 -28.00 -0.35
CA HIS A 74 2.77 -26.86 -1.16
C HIS A 74 2.36 -25.67 -0.30
N MET A 1 -3.42 11.95 6.89
CA MET A 1 -3.38 12.05 5.40
C MET A 1 -1.95 12.32 4.94
N ARG A 2 -1.65 11.92 3.71
CA ARG A 2 -0.33 12.14 3.14
C ARG A 2 -0.38 12.11 1.62
N VAL A 3 0.42 12.96 0.99
CA VAL A 3 0.51 13.00 -0.46
C VAL A 3 1.86 12.44 -0.92
N PHE A 4 1.84 11.56 -1.91
CA PHE A 4 3.05 10.96 -2.43
C PHE A 4 3.31 11.41 -3.86
N PRO A 5 4.33 12.26 -4.05
CA PRO A 5 4.71 12.77 -5.37
C PRO A 5 5.34 11.70 -6.26
N VAL A 6 5.74 10.59 -5.65
CA VAL A 6 6.38 9.51 -6.38
C VAL A 6 5.75 8.17 -6.02
N TYR A 7 5.66 7.29 -7.01
CA TYR A 7 5.17 5.94 -6.78
C TYR A 7 6.36 5.01 -6.52
N ALA A 8 6.65 4.79 -5.25
CA ALA A 8 7.73 3.89 -4.86
C ALA A 8 7.18 2.77 -3.99
N PRO A 9 7.02 1.58 -4.59
CA PRO A 9 6.40 0.40 -3.95
C PRO A 9 6.75 0.24 -2.47
N LYS A 10 8.03 0.06 -2.17
CA LYS A 10 8.44 -0.19 -0.80
C LYS A 10 8.28 1.06 0.06
N LEU A 11 8.61 2.21 -0.50
CA LEU A 11 8.59 3.45 0.25
C LEU A 11 7.17 3.83 0.66
N ILE A 12 6.20 3.51 -0.20
CA ILE A 12 4.79 3.75 0.13
C ILE A 12 4.40 2.91 1.34
N VAL A 13 4.66 1.61 1.25
CA VAL A 13 4.38 0.68 2.35
C VAL A 13 5.11 1.11 3.62
N LYS A 14 6.38 1.42 3.47
CA LYS A 14 7.27 1.78 4.57
C LYS A 14 6.81 3.07 5.26
N HIS A 15 6.15 3.94 4.53
CA HIS A 15 5.66 5.19 5.09
C HIS A 15 4.21 5.07 5.54
N ALA A 16 3.44 4.20 4.88
CA ALA A 16 2.05 3.98 5.26
C ALA A 16 1.96 3.38 6.65
N ARG A 17 3.05 2.76 7.09
CA ARG A 17 3.15 2.24 8.45
C ARG A 17 2.85 3.33 9.48
N ILE A 18 3.15 4.57 9.12
CA ILE A 18 3.00 5.69 10.03
C ILE A 18 1.65 6.38 9.84
N PHE A 19 1.28 6.57 8.59
CA PHE A 19 0.10 7.37 8.23
C PHE A 19 -1.11 6.48 7.98
N LEU A 20 -0.97 5.19 8.31
CA LEU A 20 -1.94 4.11 8.01
C LEU A 20 -3.43 4.46 8.03
N THR A 21 -3.84 5.52 8.71
CA THR A 21 -5.24 5.89 8.71
C THR A 21 -5.44 7.26 8.06
N GLY A 22 -6.27 7.31 7.02
CA GLY A 22 -6.59 8.56 6.39
C GLY A 22 -6.72 8.43 4.89
N VAL A 23 -6.44 9.52 4.19
CA VAL A 23 -6.49 9.52 2.73
C VAL A 23 -5.11 9.82 2.16
N ILE A 24 -4.65 8.99 1.25
CA ILE A 24 -3.36 9.17 0.62
C ILE A 24 -3.54 9.58 -0.84
N TRP A 25 -2.78 10.56 -1.28
CA TRP A 25 -2.85 11.02 -2.66
C TRP A 25 -1.58 10.72 -3.40
N VAL A 26 -1.66 9.82 -4.34
CA VAL A 26 -0.51 9.47 -5.17
C VAL A 26 -0.75 9.97 -6.59
N LYS A 27 0.32 10.34 -7.27
CA LYS A 27 0.22 10.85 -8.63
C LYS A 27 -0.11 9.74 -9.62
N ASP A 28 0.40 8.55 -9.35
CA ASP A 28 0.25 7.41 -10.26
C ASP A 28 -1.06 6.67 -10.02
N LEU A 29 -1.79 7.03 -8.97
CA LEU A 29 -3.01 6.32 -8.62
C LEU A 29 -4.17 7.28 -8.43
N GLY A 30 -3.97 8.27 -7.59
CA GLY A 30 -5.04 9.19 -7.25
C GLY A 30 -5.23 9.24 -5.75
N ARG A 31 -6.44 9.51 -5.30
CA ARG A 31 -6.72 9.50 -3.88
C ARG A 31 -7.13 8.08 -3.43
N LEU A 32 -6.57 7.63 -2.33
CA LEU A 32 -6.87 6.29 -1.81
C LEU A 32 -7.27 6.36 -0.35
N GLU A 33 -8.17 5.47 0.05
CA GLU A 33 -8.66 5.39 1.41
C GLU A 33 -7.97 4.23 2.12
N PHE A 34 -7.03 4.52 3.00
CA PHE A 34 -6.28 3.45 3.65
C PHE A 34 -6.47 3.49 5.15
N GLU A 35 -6.57 2.31 5.74
CA GLU A 35 -6.88 2.17 7.15
C GLU A 35 -6.06 1.04 7.77
N LYS A 36 -5.21 1.41 8.73
CA LYS A 36 -4.35 0.45 9.45
C LYS A 36 -3.37 -0.24 8.50
N GLY A 37 -3.00 0.45 7.42
CA GLY A 37 -2.05 -0.12 6.48
C GLY A 37 -2.73 -0.76 5.30
N ARG A 38 -4.01 -1.03 5.42
CA ARG A 38 -4.78 -1.59 4.33
C ARG A 38 -5.27 -0.48 3.45
N PHE A 39 -5.07 -0.66 2.17
CA PHE A 39 -5.42 0.30 1.16
C PHE A 39 -6.83 0.01 0.64
N LEU A 40 -7.27 -1.23 0.88
CA LEU A 40 -8.57 -1.72 0.45
C LEU A 40 -8.81 -1.49 -1.04
N LEU A 41 -10.05 -1.70 -1.46
CA LEU A 41 -10.51 -1.26 -2.75
C LEU A 41 -11.57 -0.19 -2.53
N PRO A 42 -11.17 1.10 -2.62
CA PRO A 42 -12.05 2.24 -2.31
C PRO A 42 -13.29 2.30 -3.19
N ARG A 43 -14.34 1.59 -2.77
CA ARG A 43 -15.61 1.54 -3.48
C ARG A 43 -15.42 1.06 -4.92
N LYS A 44 -15.29 1.99 -5.86
CA LYS A 44 -15.01 1.65 -7.24
C LYS A 44 -13.65 2.20 -7.64
N SER A 45 -12.68 1.30 -7.75
CA SER A 45 -11.31 1.69 -7.99
C SER A 45 -10.91 1.45 -9.45
N LEU A 46 -9.94 2.23 -9.92
CA LEU A 46 -9.40 2.07 -11.25
C LEU A 46 -8.69 0.73 -11.39
N PRO A 47 -8.85 0.04 -12.53
CA PRO A 47 -8.17 -1.23 -12.79
C PRO A 47 -6.65 -1.04 -12.74
N LYS A 48 -6.21 0.12 -13.22
CA LYS A 48 -4.80 0.52 -13.15
C LYS A 48 -4.30 0.46 -11.71
N VAL A 49 -5.02 1.16 -10.83
CA VAL A 49 -4.61 1.31 -9.45
C VAL A 49 -4.93 0.08 -8.64
N LYS A 50 -5.93 -0.67 -9.08
CA LYS A 50 -6.32 -1.87 -8.38
C LYS A 50 -5.19 -2.89 -8.46
N GLN A 51 -4.60 -2.99 -9.64
CA GLN A 51 -3.44 -3.85 -9.86
C GLN A 51 -2.31 -3.39 -8.94
N ALA A 52 -2.11 -2.09 -8.88
CA ALA A 52 -1.07 -1.51 -8.03
C ALA A 52 -1.33 -1.78 -6.56
N ILE A 53 -2.53 -1.45 -6.10
CA ILE A 53 -2.93 -1.72 -4.71
C ILE A 53 -2.71 -3.19 -4.34
N LEU A 54 -3.19 -4.10 -5.18
CA LEU A 54 -3.03 -5.53 -4.95
C LEU A 54 -1.56 -5.93 -4.93
N GLU A 55 -0.78 -5.33 -5.81
CA GLU A 55 0.66 -5.59 -5.84
C GLU A 55 1.33 -5.03 -4.58
N LEU A 56 0.86 -3.86 -4.14
CA LEU A 56 1.34 -3.27 -2.90
C LEU A 56 1.05 -4.19 -1.73
N ASN A 57 -0.19 -4.67 -1.63
CA ASN A 57 -0.58 -5.58 -0.55
C ASN A 57 0.26 -6.85 -0.58
N GLU A 58 0.54 -7.33 -1.78
CA GLU A 58 1.36 -8.51 -1.96
C GLU A 58 2.77 -8.23 -1.45
N LEU A 59 3.28 -7.08 -1.84
CA LEU A 59 4.60 -6.62 -1.38
C LEU A 59 4.62 -6.45 0.14
N ILE A 60 3.54 -5.91 0.69
CA ILE A 60 3.43 -5.74 2.14
C ILE A 60 3.63 -7.06 2.86
N GLU A 61 2.86 -8.07 2.47
CA GLU A 61 2.92 -9.36 3.14
C GLU A 61 4.16 -10.14 2.75
N ALA A 62 4.78 -9.77 1.63
CA ALA A 62 6.09 -10.33 1.27
C ALA A 62 7.13 -9.88 2.29
N GLN A 63 7.05 -8.61 2.67
CA GLN A 63 7.92 -8.06 3.71
C GLN A 63 7.57 -8.66 5.07
N ASN A 64 6.27 -8.88 5.28
CA ASN A 64 5.78 -9.49 6.51
C ASN A 64 6.20 -10.95 6.61
N HIS A 65 6.32 -11.61 5.45
CA HIS A 65 6.84 -12.97 5.41
C HIS A 65 8.24 -12.99 6.00
N GLN A 66 9.17 -12.35 5.30
CA GLN A 66 10.56 -12.23 5.73
C GLN A 66 11.42 -11.70 4.58
N THR A 67 10.77 -11.39 3.46
CA THR A 67 11.47 -11.02 2.22
C THR A 67 12.38 -12.18 1.79
N LYS A 68 11.84 -13.39 1.94
CA LYS A 68 12.62 -14.61 1.75
C LYS A 68 12.75 -14.97 0.28
N THR A 69 11.67 -14.80 -0.47
CA THR A 69 11.63 -15.21 -1.87
C THR A 69 12.63 -14.42 -2.72
N ALA A 70 13.60 -15.14 -3.28
CA ALA A 70 14.56 -14.56 -4.20
C ALA A 70 14.26 -15.01 -5.62
N LEU A 71 13.23 -15.83 -5.74
CA LEU A 71 12.85 -16.39 -7.02
C LEU A 71 11.94 -15.42 -7.77
N GLU A 72 10.78 -15.16 -7.20
CA GLU A 72 9.83 -14.22 -7.79
C GLU A 72 10.35 -12.81 -7.56
N HIS A 73 10.84 -12.56 -6.36
CA HIS A 73 11.48 -11.29 -6.03
C HIS A 73 12.99 -11.46 -6.14
N HIS A 74 13.49 -11.34 -7.37
CA HIS A 74 14.91 -11.56 -7.65
C HIS A 74 15.79 -10.57 -6.89
N MET A 1 -3.13 11.78 6.60
CA MET A 1 -3.00 11.95 5.14
C MET A 1 -1.53 12.08 4.75
N ARG A 2 -1.21 11.71 3.52
CA ARG A 2 0.15 11.83 3.01
C ARG A 2 0.12 11.90 1.48
N VAL A 3 0.77 12.91 0.93
CA VAL A 3 0.81 13.09 -0.51
C VAL A 3 2.14 12.61 -1.06
N PHE A 4 2.08 11.73 -2.05
CA PHE A 4 3.28 11.18 -2.67
C PHE A 4 3.50 11.79 -4.05
N PRO A 5 4.55 12.62 -4.19
CA PRO A 5 4.91 13.22 -5.47
C PRO A 5 5.65 12.22 -6.37
N VAL A 6 5.84 11.02 -5.84
CA VAL A 6 6.49 9.94 -6.56
C VAL A 6 5.80 8.63 -6.20
N TYR A 7 5.83 7.66 -7.10
CA TYR A 7 5.20 6.37 -6.84
C TYR A 7 6.05 5.55 -5.85
N ALA A 8 7.06 4.87 -6.38
CA ALA A 8 7.97 4.04 -5.57
C ALA A 8 7.21 3.09 -4.65
N PRO A 9 6.88 1.88 -5.13
CA PRO A 9 6.07 0.89 -4.40
C PRO A 9 6.49 0.71 -2.94
N LYS A 10 7.76 0.36 -2.74
CA LYS A 10 8.27 0.05 -1.41
C LYS A 10 8.37 1.29 -0.54
N LEU A 11 8.51 2.45 -1.19
CA LEU A 11 8.59 3.71 -0.47
C LEU A 11 7.23 4.05 0.13
N ILE A 12 6.18 3.75 -0.64
CA ILE A 12 4.81 3.90 -0.16
C ILE A 12 4.58 3.05 1.08
N VAL A 13 4.81 1.73 0.93
CA VAL A 13 4.61 0.79 2.03
C VAL A 13 5.38 1.19 3.28
N LYS A 14 6.63 1.61 3.10
CA LYS A 14 7.48 1.97 4.21
C LYS A 14 6.93 3.16 5.00
N HIS A 15 6.29 4.10 4.29
CA HIS A 15 5.71 5.28 4.93
C HIS A 15 4.28 5.01 5.38
N ALA A 16 3.63 4.06 4.73
CA ALA A 16 2.21 3.78 4.96
C ALA A 16 1.95 3.30 6.37
N ARG A 17 2.94 2.66 6.99
CA ARG A 17 2.76 2.11 8.33
C ARG A 17 2.68 3.22 9.38
N ILE A 18 2.99 4.45 8.97
CA ILE A 18 2.92 5.59 9.86
C ILE A 18 1.54 6.23 9.77
N PHE A 19 1.09 6.41 8.55
CA PHE A 19 -0.16 7.11 8.26
C PHE A 19 -1.29 6.13 7.96
N LEU A 20 -1.03 4.85 8.26
CA LEU A 20 -1.90 3.70 7.95
C LEU A 20 -3.41 3.93 8.08
N THR A 21 -3.83 4.95 8.81
CA THR A 21 -5.24 5.28 8.91
C THR A 21 -5.52 6.67 8.34
N GLY A 22 -5.99 6.72 7.09
CA GLY A 22 -6.28 7.99 6.47
C GLY A 22 -6.36 7.90 4.97
N VAL A 23 -5.86 8.94 4.29
CA VAL A 23 -5.90 9.00 2.85
C VAL A 23 -4.53 9.33 2.28
N ILE A 24 -4.11 8.59 1.26
CA ILE A 24 -2.83 8.81 0.62
C ILE A 24 -3.03 9.33 -0.80
N TRP A 25 -2.43 10.47 -1.10
CA TRP A 25 -2.61 11.09 -2.40
C TRP A 25 -1.43 10.78 -3.30
N VAL A 26 -1.62 9.84 -4.20
CA VAL A 26 -0.61 9.50 -5.18
C VAL A 26 -0.89 10.25 -6.47
N LYS A 27 0.15 10.70 -7.14
CA LYS A 27 0.00 11.55 -8.32
C LYS A 27 -0.40 10.74 -9.54
N ASP A 28 -0.12 9.45 -9.53
CA ASP A 28 -0.34 8.61 -10.71
C ASP A 28 -1.75 8.01 -10.70
N LEU A 29 -2.41 8.06 -9.56
CA LEU A 29 -3.73 7.45 -9.41
C LEU A 29 -4.74 8.44 -8.83
N GLY A 30 -4.34 9.13 -7.77
CA GLY A 30 -5.24 10.00 -7.06
C GLY A 30 -5.20 9.70 -5.58
N ARG A 31 -6.23 10.11 -4.85
CA ARG A 31 -6.29 9.82 -3.43
C ARG A 31 -6.76 8.39 -3.20
N LEU A 32 -6.04 7.66 -2.37
CA LEU A 32 -6.37 6.29 -2.04
C LEU A 32 -6.66 6.19 -0.54
N GLU A 33 -7.52 5.26 -0.18
CA GLU A 33 -7.92 5.10 1.21
C GLU A 33 -7.32 3.83 1.78
N PHE A 34 -6.73 3.96 2.96
CA PHE A 34 -6.09 2.82 3.62
C PHE A 34 -6.33 2.89 5.12
N GLU A 35 -6.52 1.72 5.73
CA GLU A 35 -6.81 1.64 7.15
C GLU A 35 -5.99 0.52 7.77
N LYS A 36 -5.41 0.79 8.94
CA LYS A 36 -4.53 -0.15 9.66
C LYS A 36 -3.47 -0.79 8.75
N GLY A 37 -3.04 -0.02 7.75
CA GLY A 37 -2.00 -0.50 6.86
C GLY A 37 -2.56 -1.21 5.64
N ARG A 38 -3.86 -1.43 5.63
CA ARG A 38 -4.50 -2.11 4.52
C ARG A 38 -5.14 -1.13 3.59
N PHE A 39 -4.49 -1.00 2.44
CA PHE A 39 -5.03 -0.29 1.32
C PHE A 39 -6.34 -0.93 0.88
N LEU A 40 -7.42 -0.17 0.98
CA LEU A 40 -8.75 -0.70 0.69
C LEU A 40 -8.87 -1.12 -0.77
N LEU A 41 -9.14 -2.40 -0.97
CA LEU A 41 -9.27 -2.97 -2.31
C LEU A 41 -10.65 -2.64 -2.87
N PRO A 42 -10.70 -1.84 -3.95
CA PRO A 42 -11.95 -1.48 -4.60
C PRO A 42 -12.44 -2.59 -5.53
N ARG A 43 -13.68 -3.01 -5.35
CA ARG A 43 -14.25 -4.11 -6.11
C ARG A 43 -14.34 -3.76 -7.59
N LYS A 44 -15.14 -2.74 -7.90
CA LYS A 44 -15.21 -2.23 -9.25
C LYS A 44 -14.15 -1.16 -9.45
N SER A 45 -12.98 -1.58 -9.91
CA SER A 45 -11.87 -0.68 -10.07
C SER A 45 -11.23 -0.82 -11.44
N LEU A 46 -10.40 0.16 -11.80
CA LEU A 46 -9.62 0.09 -13.02
C LEU A 46 -8.43 -0.83 -12.81
N PRO A 47 -8.06 -1.62 -13.84
CA PRO A 47 -6.97 -2.61 -13.75
C PRO A 47 -5.68 -2.02 -13.20
N LYS A 48 -5.31 -0.84 -13.68
CA LYS A 48 -4.06 -0.21 -13.27
C LYS A 48 -4.11 0.24 -11.80
N VAL A 49 -5.32 0.49 -11.32
CA VAL A 49 -5.50 0.89 -9.93
C VAL A 49 -5.53 -0.33 -9.04
N LYS A 50 -6.28 -1.33 -9.46
CA LYS A 50 -6.40 -2.59 -8.74
C LYS A 50 -5.04 -3.26 -8.59
N GLN A 51 -4.28 -3.29 -9.68
CA GLN A 51 -2.98 -3.94 -9.67
C GLN A 51 -2.07 -3.25 -8.66
N ALA A 52 -2.06 -1.92 -8.69
CA ALA A 52 -1.23 -1.13 -7.79
C ALA A 52 -1.58 -1.41 -6.33
N ILE A 53 -2.86 -1.29 -6.01
CA ILE A 53 -3.34 -1.48 -4.64
C ILE A 53 -3.09 -2.89 -4.15
N LEU A 54 -3.43 -3.88 -4.97
CA LEU A 54 -3.27 -5.27 -4.58
C LEU A 54 -1.78 -5.63 -4.50
N GLU A 55 -0.96 -4.99 -5.34
CA GLU A 55 0.48 -5.21 -5.33
C GLU A 55 1.08 -4.66 -4.03
N LEU A 56 0.58 -3.49 -3.62
CA LEU A 56 1.02 -2.88 -2.37
C LEU A 56 0.68 -3.78 -1.18
N ASN A 57 -0.55 -4.28 -1.15
CA ASN A 57 -0.98 -5.19 -0.08
C ASN A 57 -0.15 -6.46 -0.07
N GLU A 58 0.12 -6.96 -1.27
CA GLU A 58 0.93 -8.17 -1.43
C GLU A 58 2.36 -7.91 -0.95
N LEU A 59 2.89 -6.76 -1.33
CA LEU A 59 4.23 -6.33 -0.91
C LEU A 59 4.32 -6.25 0.61
N ILE A 60 3.29 -5.69 1.23
CA ILE A 60 3.24 -5.60 2.70
C ILE A 60 3.29 -7.00 3.32
N GLU A 61 2.44 -7.88 2.83
CA GLU A 61 2.37 -9.25 3.35
C GLU A 61 3.52 -10.11 2.85
N ALA A 62 4.39 -9.53 2.03
CA ALA A 62 5.61 -10.20 1.62
C ALA A 62 6.70 -9.96 2.67
N GLN A 63 6.87 -8.69 3.03
CA GLN A 63 7.82 -8.29 4.05
C GLN A 63 7.40 -8.84 5.41
N ASN A 64 6.17 -8.52 5.78
CA ASN A 64 5.62 -8.94 7.05
C ASN A 64 5.34 -10.44 7.07
N HIS A 65 4.26 -10.85 6.40
CA HIS A 65 3.83 -12.26 6.21
C HIS A 65 3.59 -13.05 7.52
N GLN A 66 4.39 -12.80 8.53
CA GLN A 66 4.36 -13.60 9.75
C GLN A 66 3.20 -13.21 10.67
N THR A 67 2.40 -12.24 10.23
CA THR A 67 1.17 -11.92 10.96
C THR A 67 0.16 -13.03 10.69
N LYS A 68 0.35 -13.70 9.56
CA LYS A 68 -0.40 -14.89 9.24
C LYS A 68 0.41 -16.08 9.75
N THR A 69 -0.01 -16.62 10.89
CA THR A 69 0.76 -17.62 11.61
C THR A 69 1.20 -18.78 10.71
N ALA A 70 0.30 -19.18 9.81
CA ALA A 70 0.57 -20.25 8.84
C ALA A 70 0.75 -21.61 9.53
N LEU A 71 0.71 -21.61 10.86
CA LEU A 71 0.82 -22.85 11.64
C LEU A 71 -0.49 -23.62 11.58
N GLU A 72 -1.48 -22.99 10.94
CA GLU A 72 -2.80 -23.57 10.80
C GLU A 72 -2.86 -24.58 9.65
N HIS A 73 -1.70 -24.89 9.07
CA HIS A 73 -1.64 -25.87 8.00
C HIS A 73 -1.54 -27.28 8.60
N HIS A 74 -2.57 -28.06 8.39
CA HIS A 74 -2.59 -29.45 8.81
C HIS A 74 -2.63 -30.31 7.56
N MET A 1 -2.94 14.58 5.62
CA MET A 1 -2.90 13.83 4.35
C MET A 1 -1.49 13.86 3.78
N ARG A 2 -1.13 12.86 2.99
CA ARG A 2 0.17 12.84 2.35
C ARG A 2 0.04 12.75 0.84
N VAL A 3 0.84 13.53 0.15
CA VAL A 3 0.83 13.54 -1.31
C VAL A 3 2.18 13.11 -1.83
N PHE A 4 2.19 12.19 -2.79
CA PHE A 4 3.43 11.69 -3.36
C PHE A 4 3.42 11.78 -4.87
N PRO A 5 4.17 12.74 -5.43
CA PRO A 5 4.37 12.84 -6.88
C PRO A 5 5.17 11.66 -7.41
N VAL A 6 6.08 11.17 -6.59
CA VAL A 6 6.87 9.99 -6.94
C VAL A 6 6.16 8.73 -6.48
N TYR A 7 5.83 7.87 -7.43
CA TYR A 7 5.17 6.62 -7.11
C TYR A 7 6.19 5.53 -6.85
N ALA A 8 6.55 5.38 -5.59
CA ALA A 8 7.48 4.34 -5.17
C ALA A 8 6.83 3.45 -4.12
N PRO A 9 6.31 2.28 -4.58
CA PRO A 9 5.63 1.31 -3.71
C PRO A 9 6.30 1.09 -2.37
N LYS A 10 7.59 0.76 -2.40
CA LYS A 10 8.35 0.47 -1.18
C LYS A 10 8.22 1.59 -0.16
N LEU A 11 8.48 2.82 -0.58
CA LEU A 11 8.48 3.98 0.31
C LEU A 11 7.10 4.18 0.92
N ILE A 12 6.07 4.06 0.10
CA ILE A 12 4.70 4.25 0.55
C ILE A 12 4.33 3.20 1.60
N VAL A 13 4.54 1.93 1.26
CA VAL A 13 4.17 0.83 2.14
C VAL A 13 4.98 0.84 3.43
N LYS A 14 6.29 1.12 3.33
CA LYS A 14 7.16 1.18 4.50
C LYS A 14 6.63 2.19 5.51
N HIS A 15 6.14 3.32 5.02
CA HIS A 15 5.63 4.37 5.87
C HIS A 15 4.21 4.03 6.34
N ALA A 16 3.45 3.37 5.46
CA ALA A 16 2.09 2.94 5.81
C ALA A 16 2.10 1.97 6.98
N ARG A 17 3.22 1.29 7.16
CA ARG A 17 3.36 0.33 8.26
C ARG A 17 3.21 1.05 9.60
N ILE A 18 3.57 2.33 9.63
CA ILE A 18 3.44 3.16 10.82
C ILE A 18 2.20 4.06 10.73
N PHE A 19 1.98 4.61 9.54
CA PHE A 19 0.91 5.57 9.29
C PHE A 19 -0.40 4.88 8.91
N LEU A 20 -0.42 3.56 9.09
CA LEU A 20 -1.51 2.62 8.70
C LEU A 20 -2.95 3.16 8.66
N THR A 21 -3.27 4.26 9.32
CA THR A 21 -4.60 4.84 9.22
C THR A 21 -4.53 6.27 8.67
N GLY A 22 -4.74 6.41 7.36
CA GLY A 22 -4.70 7.72 6.74
C GLY A 22 -4.99 7.67 5.25
N VAL A 23 -4.90 8.81 4.58
CA VAL A 23 -5.15 8.89 3.15
C VAL A 23 -3.95 9.48 2.41
N ILE A 24 -3.60 8.86 1.29
CA ILE A 24 -2.46 9.30 0.49
C ILE A 24 -2.94 9.66 -0.91
N TRP A 25 -2.39 10.73 -1.46
CA TRP A 25 -2.71 11.12 -2.82
C TRP A 25 -1.51 10.88 -3.72
N VAL A 26 -1.65 9.93 -4.62
CA VAL A 26 -0.58 9.61 -5.57
C VAL A 26 -0.85 10.31 -6.89
N LYS A 27 0.22 10.66 -7.60
CA LYS A 27 0.11 11.44 -8.82
C LYS A 27 -0.83 10.81 -9.85
N ASP A 28 -0.60 9.55 -10.18
CA ASP A 28 -1.34 8.89 -11.25
C ASP A 28 -2.67 8.32 -10.74
N LEU A 29 -2.62 7.62 -9.63
CA LEU A 29 -3.77 6.87 -9.16
C LEU A 29 -4.82 7.77 -8.52
N GLY A 30 -4.37 8.85 -7.91
CA GLY A 30 -5.27 9.72 -7.18
C GLY A 30 -5.17 9.48 -5.69
N ARG A 31 -6.23 9.76 -4.96
CA ARG A 31 -6.22 9.58 -3.52
C ARG A 31 -6.58 8.13 -3.17
N LEU A 32 -5.86 7.58 -2.20
CA LEU A 32 -6.07 6.22 -1.75
C LEU A 32 -6.06 6.19 -0.23
N GLU A 33 -7.06 5.57 0.36
CA GLU A 33 -7.16 5.51 1.81
C GLU A 33 -6.71 4.16 2.32
N PHE A 34 -5.78 4.17 3.27
CA PHE A 34 -5.29 2.96 3.88
C PHE A 34 -5.70 2.93 5.36
N GLU A 35 -6.12 1.78 5.81
CA GLU A 35 -6.64 1.64 7.16
C GLU A 35 -6.17 0.32 7.78
N LYS A 36 -5.66 0.40 9.01
CA LYS A 36 -5.20 -0.78 9.76
C LYS A 36 -4.04 -1.47 9.05
N GLY A 37 -3.32 -0.71 8.23
CA GLY A 37 -2.19 -1.26 7.50
C GLY A 37 -2.64 -2.01 6.27
N ARG A 38 -3.86 -1.73 5.84
CA ARG A 38 -4.39 -2.30 4.62
C ARG A 38 -4.71 -1.18 3.65
N PHE A 39 -4.42 -1.42 2.40
CA PHE A 39 -4.54 -0.39 1.39
C PHE A 39 -5.90 -0.47 0.71
N LEU A 40 -6.73 -1.39 1.22
CA LEU A 40 -8.09 -1.57 0.74
C LEU A 40 -8.11 -1.85 -0.77
N LEU A 41 -9.21 -1.50 -1.42
CA LEU A 41 -9.34 -1.63 -2.84
C LEU A 41 -10.41 -0.67 -3.34
N PRO A 42 -10.26 -0.17 -4.57
CA PRO A 42 -11.20 0.79 -5.18
C PRO A 42 -12.52 0.15 -5.60
N ARG A 43 -13.01 -0.78 -4.78
CA ARG A 43 -14.22 -1.56 -5.07
C ARG A 43 -14.01 -2.41 -6.32
N LYS A 44 -14.17 -1.78 -7.47
CA LYS A 44 -13.91 -2.41 -8.74
C LYS A 44 -13.60 -1.33 -9.77
N SER A 45 -12.50 -1.48 -10.48
CA SER A 45 -11.99 -0.41 -11.33
C SER A 45 -11.15 -0.96 -12.47
N LEU A 46 -10.39 -0.08 -13.10
CA LEU A 46 -9.53 -0.46 -14.22
C LEU A 46 -8.37 -1.32 -13.71
N PRO A 47 -7.94 -2.31 -14.52
CA PRO A 47 -6.80 -3.18 -14.19
C PRO A 47 -5.54 -2.37 -13.93
N LYS A 48 -5.44 -1.22 -14.60
CA LYS A 48 -4.33 -0.29 -14.40
C LYS A 48 -4.17 0.05 -12.92
N VAL A 49 -5.28 0.38 -12.28
CA VAL A 49 -5.26 0.79 -10.88
C VAL A 49 -5.33 -0.42 -9.96
N LYS A 50 -6.22 -1.35 -10.28
CA LYS A 50 -6.43 -2.52 -9.43
C LYS A 50 -5.14 -3.32 -9.27
N GLN A 51 -4.39 -3.48 -10.36
CA GLN A 51 -3.14 -4.24 -10.32
C GLN A 51 -2.16 -3.60 -9.36
N ALA A 52 -2.12 -2.27 -9.38
CA ALA A 52 -1.25 -1.50 -8.50
C ALA A 52 -1.69 -1.66 -7.04
N ILE A 53 -2.99 -1.60 -6.82
CA ILE A 53 -3.55 -1.74 -5.48
C ILE A 53 -3.26 -3.12 -4.90
N LEU A 54 -3.48 -4.16 -5.72
CA LEU A 54 -3.20 -5.52 -5.30
C LEU A 54 -1.70 -5.71 -5.04
N GLU A 55 -0.89 -5.10 -5.90
CA GLU A 55 0.56 -5.13 -5.73
C GLU A 55 0.96 -4.50 -4.39
N LEU A 56 0.37 -3.34 -4.10
CA LEU A 56 0.67 -2.61 -2.87
C LEU A 56 0.26 -3.41 -1.64
N ASN A 57 -0.93 -3.99 -1.67
CA ASN A 57 -1.43 -4.76 -0.53
C ASN A 57 -0.57 -5.99 -0.29
N GLU A 58 -0.17 -6.62 -1.38
CA GLU A 58 0.71 -7.79 -1.33
C GLU A 58 2.07 -7.36 -0.76
N LEU A 59 2.54 -6.21 -1.20
CA LEU A 59 3.80 -5.67 -0.72
C LEU A 59 3.71 -5.32 0.77
N ILE A 60 2.54 -4.88 1.21
CA ILE A 60 2.34 -4.56 2.62
C ILE A 60 2.56 -5.80 3.49
N GLU A 61 1.84 -6.86 3.19
CA GLU A 61 1.93 -8.10 3.95
C GLU A 61 3.28 -8.77 3.75
N ALA A 62 4.02 -8.30 2.75
CA ALA A 62 5.38 -8.75 2.54
C ALA A 62 6.35 -8.00 3.45
N GLN A 63 6.18 -6.68 3.55
CA GLN A 63 7.09 -5.85 4.35
C GLN A 63 6.79 -5.93 5.83
N ASN A 64 5.54 -6.19 6.19
CA ASN A 64 5.18 -6.36 7.60
C ASN A 64 5.47 -7.79 8.06
N HIS A 65 5.92 -8.61 7.12
CA HIS A 65 6.24 -10.00 7.39
C HIS A 65 7.69 -10.12 7.85
N GLN A 66 7.95 -9.56 9.03
CA GLN A 66 9.27 -9.66 9.64
C GLN A 66 9.52 -11.10 10.07
N THR A 67 10.45 -11.75 9.39
CA THR A 67 10.71 -13.17 9.56
C THR A 67 11.02 -13.54 11.01
N LYS A 68 11.70 -12.64 11.71
CA LYS A 68 12.13 -12.94 13.08
C LYS A 68 11.01 -12.66 14.09
N THR A 69 9.81 -12.38 13.59
CA THR A 69 8.66 -12.19 14.46
C THR A 69 7.41 -12.78 13.82
N ALA A 70 6.98 -13.93 14.34
CA ALA A 70 5.80 -14.62 13.82
C ALA A 70 4.53 -14.10 14.48
N LEU A 71 4.69 -13.12 15.36
CA LEU A 71 3.57 -12.47 16.04
C LEU A 71 2.80 -13.48 16.90
N GLU A 72 3.54 -14.35 17.59
CA GLU A 72 2.93 -15.27 18.53
C GLU A 72 2.26 -14.49 19.67
N HIS A 73 2.91 -13.43 20.09
CA HIS A 73 2.33 -12.51 21.06
C HIS A 73 1.83 -11.28 20.34
N HIS A 74 0.54 -11.03 20.44
CA HIS A 74 -0.09 -9.94 19.72
C HIS A 74 0.12 -8.62 20.42
N MET A 1 -2.21 13.08 6.84
CA MET A 1 -2.29 12.78 5.40
C MET A 1 -0.90 12.59 4.82
N ARG A 2 -0.82 12.07 3.60
CA ARG A 2 0.45 11.96 2.90
C ARG A 2 0.23 11.99 1.40
N VAL A 3 1.00 12.81 0.70
CA VAL A 3 0.91 12.91 -0.74
C VAL A 3 2.22 12.50 -1.40
N PHE A 4 2.17 11.51 -2.28
CA PHE A 4 3.34 11.04 -3.00
C PHE A 4 3.30 11.44 -4.46
N PRO A 5 4.18 12.38 -4.88
CA PRO A 5 4.33 12.76 -6.28
C PRO A 5 5.00 11.66 -7.08
N VAL A 6 5.70 10.79 -6.38
CA VAL A 6 6.40 9.67 -7.00
C VAL A 6 5.85 8.35 -6.46
N TYR A 7 5.50 7.46 -7.37
CA TYR A 7 5.04 6.13 -6.99
C TYR A 7 6.25 5.26 -6.63
N ALA A 8 6.47 5.10 -5.33
CA ALA A 8 7.58 4.29 -4.86
C ALA A 8 7.04 3.11 -4.04
N PRO A 9 7.08 1.91 -4.62
CA PRO A 9 6.48 0.70 -4.03
C PRO A 9 6.80 0.49 -2.55
N LYS A 10 8.08 0.32 -2.23
CA LYS A 10 8.48 0.01 -0.88
C LYS A 10 8.27 1.20 0.05
N LEU A 11 8.48 2.41 -0.47
CA LEU A 11 8.35 3.61 0.34
C LEU A 11 6.90 3.83 0.76
N ILE A 12 5.96 3.55 -0.13
CA ILE A 12 4.54 3.67 0.18
C ILE A 12 4.14 2.66 1.24
N VAL A 13 4.52 1.39 1.03
CA VAL A 13 4.22 0.32 1.97
C VAL A 13 4.80 0.60 3.35
N LYS A 14 6.06 1.03 3.37
CA LYS A 14 6.76 1.30 4.61
C LYS A 14 6.11 2.45 5.38
N HIS A 15 5.70 3.49 4.66
CA HIS A 15 5.15 4.68 5.30
C HIS A 15 3.67 4.52 5.64
N ALA A 16 2.99 3.60 4.96
CA ALA A 16 1.59 3.32 5.26
C ALA A 16 1.46 2.83 6.70
N ARG A 17 2.50 2.16 7.19
CA ARG A 17 2.54 1.68 8.58
C ARG A 17 2.50 2.83 9.57
N ILE A 18 2.88 4.01 9.09
CA ILE A 18 2.96 5.19 9.93
C ILE A 18 1.74 6.07 9.74
N PHE A 19 1.40 6.31 8.47
CA PHE A 19 0.28 7.18 8.10
C PHE A 19 -1.03 6.39 8.02
N LEU A 20 -0.98 5.13 8.49
CA LEU A 20 -2.07 4.14 8.43
C LEU A 20 -3.52 4.64 8.63
N THR A 21 -3.73 5.89 9.00
CA THR A 21 -5.08 6.39 9.16
C THR A 21 -5.25 7.72 8.42
N GLY A 22 -6.15 7.71 7.45
CA GLY A 22 -6.44 8.92 6.71
C GLY A 22 -6.43 8.68 5.21
N VAL A 23 -5.89 9.64 4.47
CA VAL A 23 -5.85 9.54 3.02
C VAL A 23 -4.43 9.78 2.51
N ILE A 24 -4.07 9.00 1.50
CA ILE A 24 -2.78 9.15 0.84
C ILE A 24 -3.00 9.44 -0.64
N TRP A 25 -2.46 10.56 -1.08
CA TRP A 25 -2.66 10.98 -2.45
C TRP A 25 -1.45 10.64 -3.30
N VAL A 26 -1.64 9.75 -4.23
CA VAL A 26 -0.61 9.42 -5.20
C VAL A 26 -0.89 10.16 -6.49
N LYS A 27 0.14 10.68 -7.09
CA LYS A 27 0.00 11.52 -8.28
C LYS A 27 -0.54 10.72 -9.47
N ASP A 28 -0.19 9.44 -9.52
CA ASP A 28 -0.56 8.61 -10.65
C ASP A 28 -1.92 7.92 -10.43
N LEU A 29 -2.37 7.87 -9.18
CA LEU A 29 -3.58 7.13 -8.85
C LEU A 29 -4.70 8.04 -8.37
N GLY A 30 -4.38 8.94 -7.44
CA GLY A 30 -5.40 9.78 -6.85
C GLY A 30 -5.43 9.63 -5.34
N ARG A 31 -6.62 9.71 -4.76
CA ARG A 31 -6.76 9.59 -3.31
C ARG A 31 -7.00 8.15 -2.90
N LEU A 32 -6.17 7.64 -2.02
CA LEU A 32 -6.36 6.32 -1.45
C LEU A 32 -6.64 6.44 0.03
N GLU A 33 -7.76 5.91 0.48
CA GLU A 33 -8.11 5.94 1.88
C GLU A 33 -7.72 4.63 2.54
N PHE A 34 -7.17 4.70 3.75
CA PHE A 34 -6.66 3.50 4.41
C PHE A 34 -6.75 3.64 5.92
N GLU A 35 -6.87 2.50 6.58
CA GLU A 35 -6.91 2.45 8.03
C GLU A 35 -6.19 1.19 8.51
N LYS A 36 -5.33 1.36 9.52
CA LYS A 36 -4.50 0.27 10.05
C LYS A 36 -3.53 -0.25 9.01
N GLY A 37 -3.26 0.57 7.99
CA GLY A 37 -2.32 0.19 6.94
C GLY A 37 -2.99 -0.59 5.83
N ARG A 38 -4.29 -0.81 5.97
CA ARG A 38 -5.05 -1.52 4.94
C ARG A 38 -5.76 -0.54 4.05
N PHE A 39 -5.26 -0.47 2.84
CA PHE A 39 -5.83 0.32 1.78
C PHE A 39 -7.27 -0.08 1.50
N LEU A 40 -8.18 0.88 1.52
CA LEU A 40 -9.57 0.61 1.17
C LEU A 40 -9.75 0.65 -0.34
N LEU A 41 -9.82 -0.53 -0.91
CA LEU A 41 -9.98 -0.68 -2.34
C LEU A 41 -11.44 -0.92 -2.68
N PRO A 42 -12.01 -0.04 -3.52
CA PRO A 42 -13.36 -0.21 -4.05
C PRO A 42 -13.51 -1.48 -4.89
N ARG A 43 -14.65 -1.63 -5.56
CA ARG A 43 -14.92 -2.82 -6.34
C ARG A 43 -13.86 -3.04 -7.42
N LYS A 44 -13.60 -2.00 -8.20
CA LYS A 44 -12.61 -2.09 -9.28
C LYS A 44 -12.07 -0.71 -9.61
N SER A 45 -12.96 0.18 -10.04
CA SER A 45 -12.59 1.53 -10.49
C SER A 45 -11.74 1.46 -11.77
N LEU A 46 -10.43 1.26 -11.59
CA LEU A 46 -9.54 1.13 -12.72
C LEU A 46 -8.64 -0.09 -12.53
N PRO A 47 -8.51 -0.92 -13.57
CA PRO A 47 -7.73 -2.15 -13.51
C PRO A 47 -6.26 -1.89 -13.14
N LYS A 48 -5.68 -0.86 -13.74
CA LYS A 48 -4.30 -0.49 -13.46
C LYS A 48 -4.10 -0.12 -11.99
N VAL A 49 -5.10 0.53 -11.42
CA VAL A 49 -5.03 0.94 -10.02
C VAL A 49 -5.13 -0.27 -9.10
N LYS A 50 -6.09 -1.13 -9.39
CA LYS A 50 -6.28 -2.34 -8.60
C LYS A 50 -5.07 -3.25 -8.73
N GLN A 51 -4.51 -3.32 -9.93
CA GLN A 51 -3.31 -4.12 -10.18
C GLN A 51 -2.14 -3.62 -9.34
N ALA A 52 -1.97 -2.31 -9.30
CA ALA A 52 -0.91 -1.69 -8.53
C ALA A 52 -1.08 -1.97 -7.03
N ILE A 53 -2.29 -1.78 -6.54
CA ILE A 53 -2.60 -2.03 -5.13
C ILE A 53 -2.40 -3.50 -4.77
N LEU A 54 -2.78 -4.39 -5.67
CA LEU A 54 -2.56 -5.82 -5.45
C LEU A 54 -1.08 -6.15 -5.38
N GLU A 55 -0.29 -5.51 -6.23
CA GLU A 55 1.16 -5.69 -6.20
C GLU A 55 1.74 -5.10 -4.92
N LEU A 56 1.15 -4.01 -4.45
CA LEU A 56 1.50 -3.43 -3.17
C LEU A 56 1.14 -4.40 -2.03
N ASN A 57 -0.05 -4.99 -2.12
CA ASN A 57 -0.49 -5.97 -1.13
C ASN A 57 0.46 -7.16 -1.07
N GLU A 58 0.95 -7.56 -2.24
CA GLU A 58 1.94 -8.63 -2.33
C GLU A 58 3.22 -8.22 -1.62
N LEU A 59 3.68 -7.03 -1.93
CA LEU A 59 4.87 -6.46 -1.30
C LEU A 59 4.67 -6.34 0.21
N ILE A 60 3.48 -5.92 0.62
CA ILE A 60 3.12 -5.86 2.03
C ILE A 60 3.26 -7.23 2.66
N GLU A 61 2.57 -8.21 2.08
CA GLU A 61 2.57 -9.58 2.58
C GLU A 61 3.99 -10.10 2.76
N ALA A 62 4.85 -9.80 1.79
CA ALA A 62 6.24 -10.22 1.84
C ALA A 62 7.01 -9.52 2.97
N GLN A 63 6.98 -8.19 2.96
CA GLN A 63 7.74 -7.39 3.92
C GLN A 63 7.15 -7.47 5.33
N ASN A 64 5.89 -7.87 5.40
CA ASN A 64 5.21 -8.06 6.68
C ASN A 64 5.59 -9.42 7.26
N HIS A 65 5.91 -10.36 6.38
CA HIS A 65 6.28 -11.70 6.81
C HIS A 65 7.75 -11.73 7.18
N GLN A 66 8.62 -11.54 6.20
CA GLN A 66 10.05 -11.69 6.39
C GLN A 66 10.78 -11.35 5.09
N THR A 67 11.99 -10.80 5.21
CA THR A 67 12.79 -10.47 4.03
C THR A 67 13.60 -11.68 3.58
N LYS A 68 13.62 -12.71 4.39
CA LYS A 68 14.38 -13.91 4.11
C LYS A 68 13.51 -14.96 3.42
N THR A 69 14.16 -15.99 2.89
CA THR A 69 13.47 -17.04 2.16
C THR A 69 12.65 -17.92 3.10
N ALA A 70 13.09 -18.00 4.35
CA ALA A 70 12.42 -18.78 5.40
C ALA A 70 12.55 -20.28 5.16
N LEU A 71 11.82 -20.79 4.18
CA LEU A 71 11.78 -22.22 3.93
C LEU A 71 12.50 -22.57 2.64
N GLU A 72 12.33 -23.81 2.20
CA GLU A 72 13.02 -24.32 1.03
C GLU A 72 11.99 -24.76 0.00
N HIS A 73 11.24 -23.78 -0.47
CA HIS A 73 10.32 -23.99 -1.57
C HIS A 73 11.10 -24.46 -2.82
N HIS A 74 11.12 -25.78 -3.02
CA HIS A 74 11.86 -26.39 -4.12
C HIS A 74 11.49 -25.78 -5.46
N MET A 1 -3.40 14.28 4.35
CA MET A 1 -3.32 13.72 2.98
C MET A 1 -1.89 13.83 2.46
N ARG A 2 -1.25 12.69 2.24
CA ARG A 2 0.13 12.69 1.77
C ARG A 2 0.17 12.46 0.28
N VAL A 3 0.61 13.48 -0.46
CA VAL A 3 0.71 13.40 -1.90
C VAL A 3 2.06 12.82 -2.32
N PHE A 4 2.02 11.79 -3.15
CA PHE A 4 3.24 11.18 -3.66
C PHE A 4 3.28 11.32 -5.18
N PRO A 5 4.09 12.27 -5.68
CA PRO A 5 4.26 12.52 -7.11
C PRO A 5 4.98 11.38 -7.82
N VAL A 6 5.52 10.46 -7.03
CA VAL A 6 6.24 9.32 -7.57
C VAL A 6 5.72 8.02 -6.96
N TYR A 7 5.41 7.06 -7.81
CA TYR A 7 4.99 5.75 -7.35
C TYR A 7 6.19 4.95 -6.88
N ALA A 8 6.46 5.02 -5.60
CA ALA A 8 7.54 4.25 -5.00
C ALA A 8 6.95 3.18 -4.07
N PRO A 9 6.70 1.98 -4.63
CA PRO A 9 5.97 0.89 -3.95
C PRO A 9 6.38 0.67 -2.50
N LYS A 10 7.62 0.25 -2.31
CA LYS A 10 8.11 -0.15 -1.00
C LYS A 10 8.19 1.03 -0.04
N LEU A 11 8.32 2.24 -0.59
CA LEU A 11 8.34 3.44 0.24
C LEU A 11 6.93 3.76 0.73
N ILE A 12 5.96 3.62 -0.17
CA ILE A 12 4.56 3.86 0.18
C ILE A 12 4.14 2.98 1.34
N VAL A 13 4.44 1.69 1.25
CA VAL A 13 4.09 0.75 2.30
C VAL A 13 4.84 1.06 3.59
N LYS A 14 6.10 1.47 3.45
CA LYS A 14 6.92 1.81 4.61
C LYS A 14 6.31 2.99 5.38
N HIS A 15 5.78 3.95 4.64
CA HIS A 15 5.14 5.10 5.25
C HIS A 15 3.74 4.75 5.75
N ALA A 16 3.05 3.87 5.00
CA ALA A 16 1.71 3.43 5.36
C ALA A 16 1.70 2.72 6.71
N ARG A 17 2.84 2.15 7.08
CA ARG A 17 3.00 1.52 8.39
C ARG A 17 2.76 2.51 9.52
N ILE A 18 3.00 3.78 9.25
CA ILE A 18 2.81 4.83 10.23
C ILE A 18 1.50 5.56 9.98
N PHE A 19 1.20 5.79 8.71
CA PHE A 19 -0.01 6.53 8.30
C PHE A 19 -1.21 5.59 8.19
N LEU A 20 -1.03 4.34 8.64
CA LEU A 20 -1.97 3.22 8.49
C LEU A 20 -3.46 3.61 8.41
N THR A 21 -3.89 4.60 9.16
CA THR A 21 -5.25 5.10 9.03
C THR A 21 -5.22 6.57 8.59
N GLY A 22 -5.34 6.77 7.28
CA GLY A 22 -5.28 8.11 6.73
C GLY A 22 -5.61 8.14 5.25
N VAL A 23 -5.27 9.25 4.60
CA VAL A 23 -5.54 9.43 3.19
C VAL A 23 -4.25 9.75 2.44
N ILE A 24 -3.99 8.99 1.39
CA ILE A 24 -2.80 9.21 0.58
C ILE A 24 -3.21 9.56 -0.84
N TRP A 25 -2.42 10.37 -1.52
CA TRP A 25 -2.73 10.78 -2.87
C TRP A 25 -1.52 10.56 -3.77
N VAL A 26 -1.52 9.44 -4.49
CA VAL A 26 -0.42 9.13 -5.39
C VAL A 26 -0.74 9.65 -6.78
N LYS A 27 0.30 10.02 -7.51
CA LYS A 27 0.13 10.62 -8.84
C LYS A 27 -0.56 9.66 -9.79
N ASP A 28 -0.09 8.41 -9.81
CA ASP A 28 -0.61 7.42 -10.76
C ASP A 28 -1.84 6.70 -10.22
N LEU A 29 -2.21 7.00 -8.99
CA LEU A 29 -3.31 6.30 -8.36
C LEU A 29 -4.45 7.25 -8.01
N GLY A 30 -4.14 8.28 -7.26
CA GLY A 30 -5.14 9.22 -6.82
C GLY A 30 -5.38 9.13 -5.32
N ARG A 31 -6.60 9.44 -4.91
CA ARG A 31 -6.97 9.41 -3.51
C ARG A 31 -7.17 7.98 -3.02
N LEU A 32 -6.38 7.58 -2.04
CA LEU A 32 -6.52 6.26 -1.45
C LEU A 32 -6.70 6.40 0.06
N GLU A 33 -7.89 6.05 0.53
CA GLU A 33 -8.16 6.07 1.95
C GLU A 33 -7.93 4.69 2.54
N PHE A 34 -6.84 4.53 3.26
CA PHE A 34 -6.40 3.23 3.74
C PHE A 34 -6.58 3.12 5.24
N GLU A 35 -6.72 1.90 5.71
CA GLU A 35 -6.92 1.64 7.14
C GLU A 35 -6.18 0.36 7.53
N LYS A 36 -5.62 0.37 8.74
CA LYS A 36 -4.81 -0.74 9.27
C LYS A 36 -3.56 -0.95 8.43
N GLY A 37 -3.22 0.05 7.62
CA GLY A 37 -2.07 -0.06 6.73
C GLY A 37 -2.43 -0.75 5.43
N ARG A 38 -3.72 -1.04 5.27
CA ARG A 38 -4.20 -1.70 4.07
C ARG A 38 -5.11 -0.78 3.30
N PHE A 39 -4.84 -0.75 2.02
CA PHE A 39 -5.45 0.19 1.11
C PHE A 39 -6.80 -0.31 0.61
N LEU A 40 -7.82 0.53 0.76
CA LEU A 40 -9.15 0.20 0.28
C LEU A 40 -9.25 0.44 -1.22
N LEU A 41 -9.99 -0.43 -1.89
CA LEU A 41 -10.13 -0.36 -3.34
C LEU A 41 -11.44 0.33 -3.70
N PRO A 42 -11.37 1.42 -4.49
CA PRO A 42 -12.56 2.08 -5.04
C PRO A 42 -13.42 1.10 -5.84
N ARG A 43 -14.66 1.50 -6.09
CA ARG A 43 -15.61 0.63 -6.80
C ARG A 43 -15.12 0.30 -8.21
N LYS A 44 -14.51 -0.89 -8.34
CA LYS A 44 -13.94 -1.37 -9.61
C LYS A 44 -12.65 -0.61 -9.92
N SER A 45 -12.75 0.71 -9.89
CA SER A 45 -11.60 1.59 -10.01
C SER A 45 -10.97 1.51 -11.40
N LEU A 46 -9.77 2.02 -11.51
CA LEU A 46 -9.06 2.04 -12.79
C LEU A 46 -7.96 0.98 -12.78
N PRO A 47 -7.62 0.45 -13.96
CA PRO A 47 -6.61 -0.62 -14.14
C PRO A 47 -5.33 -0.40 -13.31
N LYS A 48 -4.69 0.76 -13.49
CA LYS A 48 -3.42 1.02 -12.82
C LYS A 48 -3.60 1.09 -11.31
N VAL A 49 -4.77 1.53 -10.87
CA VAL A 49 -5.04 1.69 -9.45
C VAL A 49 -5.30 0.33 -8.81
N LYS A 50 -6.13 -0.47 -9.46
CA LYS A 50 -6.51 -1.78 -8.93
C LYS A 50 -5.29 -2.68 -8.79
N GLN A 51 -4.43 -2.68 -9.80
CA GLN A 51 -3.21 -3.48 -9.78
C GLN A 51 -2.29 -3.02 -8.65
N ALA A 52 -2.11 -1.71 -8.55
CA ALA A 52 -1.17 -1.15 -7.58
C ALA A 52 -1.60 -1.44 -6.15
N ILE A 53 -2.88 -1.31 -5.87
CA ILE A 53 -3.39 -1.57 -4.52
C ILE A 53 -3.13 -3.01 -4.11
N LEU A 54 -3.43 -3.96 -5.00
CA LEU A 54 -3.19 -5.36 -4.71
C LEU A 54 -1.68 -5.67 -4.70
N GLU A 55 -0.93 -4.92 -5.48
CA GLU A 55 0.53 -5.01 -5.47
C GLU A 55 1.06 -4.60 -4.11
N LEU A 56 0.56 -3.48 -3.60
CA LEU A 56 0.93 -2.99 -2.28
C LEU A 56 0.56 -4.00 -1.20
N ASN A 57 -0.64 -4.58 -1.33
CA ASN A 57 -1.10 -5.63 -0.41
C ASN A 57 -0.09 -6.76 -0.33
N GLU A 58 0.32 -7.24 -1.51
CA GLU A 58 1.29 -8.31 -1.62
C GLU A 58 2.62 -7.88 -1.01
N LEU A 59 3.00 -6.66 -1.33
CA LEU A 59 4.25 -6.08 -0.86
C LEU A 59 4.28 -6.00 0.67
N ILE A 60 3.14 -5.72 1.28
CA ILE A 60 3.03 -5.75 2.74
C ILE A 60 3.36 -7.15 3.25
N GLU A 61 2.77 -8.15 2.60
CA GLU A 61 2.98 -9.54 2.94
C GLU A 61 4.38 -10.01 2.53
N ALA A 62 5.10 -9.18 1.80
CA ALA A 62 6.46 -9.48 1.42
C ALA A 62 7.43 -8.97 2.48
N GLN A 63 7.03 -7.90 3.16
CA GLN A 63 7.89 -7.29 4.16
C GLN A 63 7.73 -7.97 5.52
N ASN A 64 6.55 -8.53 5.77
CA ASN A 64 6.28 -9.17 7.05
C ASN A 64 6.45 -10.69 6.94
N HIS A 65 6.92 -11.15 5.79
CA HIS A 65 7.00 -12.59 5.52
C HIS A 65 8.29 -13.19 6.06
N GLN A 66 9.23 -12.31 6.45
CA GLN A 66 10.54 -12.72 6.97
C GLN A 66 11.42 -13.26 5.85
N THR A 67 11.00 -14.35 5.23
CA THR A 67 11.73 -14.93 4.11
C THR A 67 10.75 -15.23 2.98
N LYS A 68 11.21 -15.11 1.75
CA LYS A 68 10.33 -15.32 0.61
C LYS A 68 10.96 -16.29 -0.39
N THR A 69 12.25 -16.13 -0.63
CA THR A 69 12.97 -17.04 -1.51
C THR A 69 14.44 -17.13 -1.10
N ALA A 70 14.78 -18.19 -0.38
CA ALA A 70 16.15 -18.40 0.06
C ALA A 70 16.91 -19.25 -0.94
N LEU A 71 16.33 -20.37 -1.34
CA LEU A 71 16.95 -21.26 -2.30
C LEU A 71 16.14 -21.32 -3.58
N GLU A 72 15.94 -20.15 -4.18
CA GLU A 72 15.24 -20.01 -5.46
C GLU A 72 13.76 -20.36 -5.34
N HIS A 73 13.30 -20.58 -4.10
CA HIS A 73 11.91 -20.93 -3.80
C HIS A 73 11.59 -22.36 -4.27
N HIS A 74 11.81 -22.60 -5.55
CA HIS A 74 11.68 -23.94 -6.12
C HIS A 74 12.83 -24.19 -7.08
N MET A 1 -2.62 13.87 4.94
CA MET A 1 -2.52 13.36 3.55
C MET A 1 -1.21 13.79 2.93
N ARG A 2 -0.43 12.83 2.45
CA ARG A 2 0.84 13.14 1.79
C ARG A 2 0.73 12.86 0.31
N VAL A 3 1.52 13.57 -0.49
CA VAL A 3 1.48 13.43 -1.94
C VAL A 3 2.71 12.66 -2.44
N PHE A 4 2.49 11.73 -3.37
CA PHE A 4 3.58 10.96 -3.97
C PHE A 4 3.58 11.10 -5.48
N PRO A 5 4.38 12.04 -6.02
CA PRO A 5 4.51 12.27 -7.45
C PRO A 5 5.41 11.23 -8.13
N VAL A 6 6.22 10.54 -7.33
CA VAL A 6 7.15 9.56 -7.86
C VAL A 6 6.56 8.14 -7.81
N TYR A 7 5.72 7.89 -6.81
CA TYR A 7 5.18 6.55 -6.54
C TYR A 7 6.31 5.59 -6.18
N ALA A 8 6.59 5.47 -4.89
CA ALA A 8 7.60 4.57 -4.41
C ALA A 8 7.00 3.54 -3.48
N PRO A 9 6.83 2.30 -3.97
CA PRO A 9 6.16 1.21 -3.24
C PRO A 9 6.61 1.08 -1.79
N LYS A 10 7.88 0.81 -1.58
CA LYS A 10 8.41 0.57 -0.23
C LYS A 10 8.25 1.81 0.64
N LEU A 11 8.47 2.98 0.06
CA LEU A 11 8.35 4.24 0.77
C LEU A 11 6.91 4.41 1.28
N ILE A 12 5.94 4.13 0.42
CA ILE A 12 4.54 4.22 0.78
C ILE A 12 4.18 3.19 1.85
N VAL A 13 4.55 1.93 1.61
CA VAL A 13 4.23 0.84 2.52
C VAL A 13 4.79 1.11 3.92
N LYS A 14 6.05 1.53 3.99
CA LYS A 14 6.71 1.77 5.26
C LYS A 14 6.03 2.90 6.04
N HIS A 15 5.60 3.93 5.32
CA HIS A 15 4.94 5.07 5.96
C HIS A 15 3.50 4.73 6.32
N ALA A 16 2.90 3.82 5.55
CA ALA A 16 1.52 3.38 5.80
C ALA A 16 1.41 2.72 7.18
N ARG A 17 2.52 2.20 7.67
CA ARG A 17 2.58 1.61 9.00
C ARG A 17 2.18 2.66 10.05
N ILE A 18 2.57 3.90 9.80
CA ILE A 18 2.24 5.00 10.69
C ILE A 18 0.92 5.65 10.25
N PHE A 19 0.75 5.74 8.94
CA PHE A 19 -0.43 6.34 8.33
C PHE A 19 -1.59 5.34 8.27
N LEU A 20 -1.44 4.22 8.98
CA LEU A 20 -2.39 3.10 9.05
C LEU A 20 -3.84 3.47 8.72
N THR A 21 -4.34 4.58 9.23
CA THR A 21 -5.63 5.07 8.79
C THR A 21 -5.51 6.51 8.29
N GLY A 22 -5.04 6.66 7.06
CA GLY A 22 -4.78 7.97 6.50
C GLY A 22 -4.91 7.99 4.99
N VAL A 23 -4.55 9.11 4.38
CA VAL A 23 -4.71 9.29 2.94
C VAL A 23 -3.40 9.69 2.28
N ILE A 24 -3.12 9.08 1.14
CA ILE A 24 -1.96 9.40 0.35
C ILE A 24 -2.38 9.70 -1.09
N TRP A 25 -2.01 10.86 -1.58
CA TRP A 25 -2.40 11.27 -2.93
C TRP A 25 -1.27 10.93 -3.91
N VAL A 26 -1.51 9.96 -4.77
CA VAL A 26 -0.52 9.59 -5.77
C VAL A 26 -0.91 10.16 -7.12
N LYS A 27 0.07 10.42 -7.95
CA LYS A 27 -0.17 10.97 -9.28
C LYS A 27 -0.70 9.90 -10.23
N ASP A 28 -0.72 8.67 -9.75
CA ASP A 28 -1.10 7.53 -10.57
C ASP A 28 -2.52 7.07 -10.30
N LEU A 29 -2.88 6.99 -9.02
CA LEU A 29 -4.18 6.45 -8.64
C LEU A 29 -5.08 7.54 -8.03
N GLY A 30 -4.50 8.69 -7.73
CA GLY A 30 -5.25 9.74 -7.08
C GLY A 30 -5.12 9.65 -5.58
N ARG A 31 -6.14 10.09 -4.86
CA ARG A 31 -6.11 10.05 -3.40
C ARG A 31 -6.47 8.66 -2.90
N LEU A 32 -5.56 8.05 -2.16
CA LEU A 32 -5.76 6.71 -1.65
C LEU A 32 -5.91 6.73 -0.14
N GLU A 33 -7.07 6.33 0.34
CA GLU A 33 -7.27 6.16 1.78
C GLU A 33 -7.08 4.71 2.12
N PHE A 34 -6.36 4.47 3.20
CA PHE A 34 -6.08 3.11 3.63
C PHE A 34 -6.35 2.97 5.12
N GLU A 35 -6.72 1.76 5.51
CA GLU A 35 -7.11 1.48 6.87
C GLU A 35 -6.49 0.19 7.37
N LYS A 36 -5.79 0.29 8.49
CA LYS A 36 -5.16 -0.86 9.13
C LYS A 36 -4.23 -1.59 8.17
N GLY A 37 -3.46 -0.81 7.41
CA GLY A 37 -2.52 -1.38 6.48
C GLY A 37 -3.15 -1.78 5.15
N ARG A 38 -4.47 -1.72 5.09
CA ARG A 38 -5.20 -2.13 3.89
C ARG A 38 -5.52 -0.94 3.05
N PHE A 39 -5.09 -1.02 1.81
CA PHE A 39 -5.28 0.04 0.84
C PHE A 39 -6.72 0.10 0.34
N LEU A 40 -7.57 -0.76 0.90
CA LEU A 40 -9.00 -0.79 0.59
C LEU A 40 -9.23 -1.03 -0.90
N LEU A 41 -10.40 -0.64 -1.37
CA LEU A 41 -10.72 -0.72 -2.79
C LEU A 41 -11.69 0.40 -3.15
N PRO A 42 -11.33 1.21 -4.14
CA PRO A 42 -12.20 2.26 -4.66
C PRO A 42 -13.34 1.67 -5.48
N ARG A 43 -14.54 1.75 -4.92
CA ARG A 43 -15.71 1.09 -5.51
C ARG A 43 -16.07 1.68 -6.87
N LYS A 44 -15.72 2.94 -7.08
CA LYS A 44 -16.10 3.61 -8.33
C LYS A 44 -15.02 3.45 -9.41
N SER A 45 -13.80 3.12 -9.01
CA SER A 45 -12.69 3.01 -9.94
C SER A 45 -11.60 2.11 -9.37
N LEU A 46 -11.48 0.90 -9.91
CA LEU A 46 -10.49 -0.05 -9.43
C LEU A 46 -9.65 -0.73 -10.54
N PRO A 47 -10.10 -0.82 -11.82
CA PRO A 47 -9.27 -1.43 -12.89
C PRO A 47 -7.82 -0.93 -12.89
N LYS A 48 -7.65 0.36 -12.68
CA LYS A 48 -6.31 0.95 -12.64
C LYS A 48 -5.68 0.77 -11.26
N VAL A 49 -6.50 0.89 -10.23
CA VAL A 49 -6.04 0.98 -8.87
C VAL A 49 -5.65 -0.40 -8.31
N LYS A 50 -6.47 -1.40 -8.60
CA LYS A 50 -6.27 -2.75 -8.08
C LYS A 50 -4.96 -3.35 -8.60
N GLN A 51 -4.50 -2.85 -9.74
CA GLN A 51 -3.24 -3.31 -10.32
C GLN A 51 -2.08 -2.92 -9.42
N ALA A 52 -2.03 -1.64 -9.05
CA ALA A 52 -1.00 -1.13 -8.16
C ALA A 52 -1.24 -1.62 -6.73
N ILE A 53 -2.51 -1.71 -6.35
CA ILE A 53 -2.88 -2.24 -5.04
C ILE A 53 -2.34 -3.65 -4.87
N LEU A 54 -2.43 -4.45 -5.92
CA LEU A 54 -1.94 -5.83 -5.90
C LEU A 54 -0.43 -5.84 -5.69
N GLU A 55 0.24 -4.94 -6.41
CA GLU A 55 1.69 -4.79 -6.29
C GLU A 55 2.10 -4.42 -4.86
N LEU A 56 1.41 -3.41 -4.33
CA LEU A 56 1.73 -2.89 -3.00
C LEU A 56 1.43 -3.91 -1.90
N ASN A 57 0.26 -4.53 -1.95
CA ASN A 57 -0.15 -5.48 -0.91
C ASN A 57 0.72 -6.73 -0.92
N GLU A 58 1.14 -7.15 -2.11
CA GLU A 58 2.06 -8.28 -2.22
C GLU A 58 3.36 -7.92 -1.52
N LEU A 59 3.80 -6.69 -1.74
CA LEU A 59 4.99 -6.17 -1.10
C LEU A 59 4.79 -6.08 0.42
N ILE A 60 3.58 -5.72 0.83
CA ILE A 60 3.23 -5.63 2.24
C ILE A 60 3.39 -6.99 2.92
N GLU A 61 2.67 -7.99 2.43
CA GLU A 61 2.66 -9.30 3.06
C GLU A 61 4.04 -9.97 3.00
N ALA A 62 4.84 -9.59 2.02
CA ALA A 62 6.20 -10.09 1.92
C ALA A 62 7.06 -9.57 3.07
N GLN A 63 6.96 -8.27 3.33
CA GLN A 63 7.71 -7.64 4.42
C GLN A 63 7.08 -7.99 5.76
N ASN A 64 5.75 -8.02 5.77
CA ASN A 64 4.97 -8.33 6.96
C ASN A 64 5.23 -9.76 7.45
N HIS A 65 5.74 -10.61 6.54
CA HIS A 65 6.14 -11.96 6.91
C HIS A 65 7.26 -11.89 7.94
N GLN A 66 8.35 -11.20 7.58
CA GLN A 66 9.44 -10.87 8.50
C GLN A 66 10.32 -12.06 8.88
N THR A 67 9.69 -13.21 9.12
CA THR A 67 10.40 -14.41 9.57
C THR A 67 11.45 -14.86 8.56
N LYS A 68 12.70 -14.50 8.82
CA LYS A 68 13.84 -14.99 8.06
C LYS A 68 15.07 -14.95 8.94
N THR A 69 15.32 -13.79 9.53
CA THR A 69 16.43 -13.61 10.45
C THR A 69 16.26 -14.50 11.68
N ALA A 70 15.01 -14.79 12.04
CA ALA A 70 14.71 -15.73 13.12
C ALA A 70 15.17 -17.12 12.70
N LEU A 71 16.05 -17.70 13.49
CA LEU A 71 16.66 -18.98 13.14
C LEU A 71 15.92 -20.13 13.82
N GLU A 72 15.60 -21.15 13.03
CA GLU A 72 14.88 -22.32 13.50
C GLU A 72 13.57 -21.94 14.16
N HIS A 73 12.65 -21.45 13.36
CA HIS A 73 11.30 -21.13 13.81
C HIS A 73 10.63 -22.39 14.33
N HIS A 74 10.92 -23.52 13.68
CA HIS A 74 10.47 -24.80 14.17
C HIS A 74 11.53 -25.36 15.13
N MET A 1 -2.05 12.97 6.77
CA MET A 1 -2.14 12.94 5.29
C MET A 1 -0.75 12.75 4.68
N ARG A 2 -0.71 12.11 3.52
CA ARG A 2 0.54 11.94 2.79
C ARG A 2 0.32 12.08 1.30
N VAL A 3 1.28 12.68 0.62
CA VAL A 3 1.22 12.85 -0.82
C VAL A 3 2.51 12.34 -1.45
N PHE A 4 2.37 11.54 -2.50
CA PHE A 4 3.53 11.02 -3.22
C PHE A 4 3.43 11.37 -4.69
N PRO A 5 4.25 12.31 -5.15
CA PRO A 5 4.26 12.76 -6.54
C PRO A 5 4.95 11.76 -7.47
N VAL A 6 5.26 10.60 -6.93
CA VAL A 6 5.90 9.53 -7.69
C VAL A 6 5.32 8.18 -7.31
N TYR A 7 5.09 7.33 -8.31
CA TYR A 7 4.58 6.00 -8.07
C TYR A 7 5.69 5.06 -7.65
N ALA A 8 5.86 4.93 -6.35
CA ALA A 8 6.88 4.04 -5.80
C ALA A 8 6.30 3.19 -4.67
N PRO A 9 5.86 1.96 -5.01
CA PRO A 9 5.24 1.03 -4.06
C PRO A 9 5.96 0.93 -2.71
N LYS A 10 7.26 0.59 -2.75
CA LYS A 10 8.03 0.40 -1.52
C LYS A 10 8.02 1.66 -0.65
N LEU A 11 8.14 2.82 -1.27
CA LEU A 11 8.13 4.08 -0.53
C LEU A 11 6.77 4.32 0.11
N ILE A 12 5.72 3.97 -0.63
CA ILE A 12 4.36 4.07 -0.13
C ILE A 12 4.16 3.17 1.09
N VAL A 13 4.53 1.90 0.95
CA VAL A 13 4.36 0.92 2.01
C VAL A 13 5.16 1.30 3.25
N LYS A 14 6.42 1.70 3.05
CA LYS A 14 7.29 2.06 4.17
C LYS A 14 6.75 3.27 4.92
N HIS A 15 6.02 4.12 4.22
CA HIS A 15 5.43 5.29 4.86
C HIS A 15 4.07 4.95 5.46
N ALA A 16 3.40 3.97 4.86
CA ALA A 16 2.09 3.52 5.34
C ALA A 16 2.21 2.82 6.69
N ARG A 17 3.42 2.38 7.02
CA ARG A 17 3.70 1.73 8.31
C ARG A 17 3.17 2.57 9.47
N ILE A 18 3.24 3.88 9.30
CA ILE A 18 2.87 4.81 10.34
C ILE A 18 1.47 5.40 10.07
N PHE A 19 1.21 5.65 8.80
CA PHE A 19 0.01 6.38 8.37
C PHE A 19 -1.13 5.44 7.98
N LEU A 20 -0.97 4.16 8.26
CA LEU A 20 -1.88 3.07 7.82
C LEU A 20 -3.39 3.28 8.12
N THR A 21 -3.77 4.42 8.64
CA THR A 21 -5.18 4.67 8.95
C THR A 21 -5.58 6.08 8.51
N GLY A 22 -5.10 6.48 7.34
CA GLY A 22 -5.37 7.82 6.83
C GLY A 22 -5.59 7.83 5.34
N VAL A 23 -5.13 8.88 4.68
CA VAL A 23 -5.28 9.01 3.24
C VAL A 23 -3.94 9.38 2.60
N ILE A 24 -3.66 8.77 1.45
CA ILE A 24 -2.43 9.03 0.73
C ILE A 24 -2.72 9.38 -0.72
N TRP A 25 -2.14 10.46 -1.17
CA TRP A 25 -2.37 10.95 -2.53
C TRP A 25 -1.17 10.64 -3.41
N VAL A 26 -1.29 9.59 -4.18
CA VAL A 26 -0.26 9.24 -5.14
C VAL A 26 -0.60 9.86 -6.49
N LYS A 27 0.40 10.34 -7.19
CA LYS A 27 0.17 11.08 -8.43
C LYS A 27 -0.39 10.17 -9.52
N ASP A 28 0.21 9.00 -9.67
CA ASP A 28 -0.17 8.08 -10.73
C ASP A 28 -1.41 7.29 -10.36
N LEU A 29 -1.77 7.29 -9.09
CA LEU A 29 -2.91 6.53 -8.62
C LEU A 29 -4.09 7.43 -8.28
N GLY A 30 -3.89 8.28 -7.27
CA GLY A 30 -4.94 9.17 -6.84
C GLY A 30 -5.08 9.21 -5.33
N ARG A 31 -6.25 9.60 -4.87
CA ARG A 31 -6.53 9.66 -3.45
C ARG A 31 -6.85 8.25 -2.92
N LEU A 32 -5.97 7.71 -2.09
CA LEU A 32 -6.14 6.36 -1.57
C LEU A 32 -6.33 6.38 -0.07
N GLU A 33 -7.40 5.75 0.39
CA GLU A 33 -7.66 5.62 1.81
C GLU A 33 -7.34 4.22 2.28
N PHE A 34 -6.66 4.13 3.40
CA PHE A 34 -6.24 2.84 3.93
C PHE A 34 -6.46 2.80 5.44
N GLU A 35 -6.90 1.64 5.90
CA GLU A 35 -7.29 1.49 7.31
C GLU A 35 -6.58 0.29 7.92
N LYS A 36 -5.82 0.55 8.99
CA LYS A 36 -5.09 -0.49 9.70
C LYS A 36 -4.09 -1.19 8.78
N GLY A 37 -3.61 -0.46 7.78
CA GLY A 37 -2.69 -1.02 6.80
C GLY A 37 -3.39 -1.64 5.62
N ARG A 38 -4.71 -1.76 5.70
CA ARG A 38 -5.50 -2.33 4.63
C ARG A 38 -5.91 -1.26 3.65
N PHE A 39 -5.38 -1.37 2.46
CA PHE A 39 -5.66 -0.46 1.38
C PHE A 39 -6.96 -0.83 0.69
N LEU A 40 -7.91 0.10 0.69
CA LEU A 40 -9.22 -0.15 0.10
C LEU A 40 -9.12 -0.22 -1.42
N LEU A 41 -9.55 -1.35 -1.97
CA LEU A 41 -9.52 -1.57 -3.41
C LEU A 41 -10.91 -1.34 -4.00
N PRO A 42 -11.07 -0.31 -4.84
CA PRO A 42 -12.35 -0.02 -5.49
C PRO A 42 -12.77 -1.14 -6.45
N ARG A 43 -13.89 -1.77 -6.14
CA ARG A 43 -14.41 -2.86 -6.95
C ARG A 43 -14.76 -2.37 -8.36
N LYS A 44 -14.15 -3.03 -9.35
CA LYS A 44 -14.37 -2.71 -10.76
C LYS A 44 -13.91 -1.28 -11.06
N SER A 45 -12.62 -1.16 -11.34
CA SER A 45 -12.01 0.11 -11.66
C SER A 45 -10.91 -0.12 -12.68
N LEU A 46 -10.13 0.91 -12.97
CA LEU A 46 -9.02 0.76 -13.91
C LEU A 46 -8.01 -0.26 -13.37
N PRO A 47 -7.67 -1.25 -14.19
CA PRO A 47 -6.81 -2.37 -13.75
C PRO A 47 -5.42 -1.91 -13.37
N LYS A 48 -4.98 -0.81 -13.98
CA LYS A 48 -3.69 -0.22 -13.68
C LYS A 48 -3.63 0.20 -12.22
N VAL A 49 -4.73 0.75 -11.71
CA VAL A 49 -4.82 1.16 -10.32
C VAL A 49 -5.21 -0.02 -9.44
N LYS A 50 -6.14 -0.83 -9.94
CA LYS A 50 -6.61 -2.02 -9.23
C LYS A 50 -5.46 -2.93 -8.84
N GLN A 51 -4.68 -3.35 -9.83
CA GLN A 51 -3.55 -4.23 -9.58
C GLN A 51 -2.47 -3.53 -8.77
N ALA A 52 -2.35 -2.22 -8.94
CA ALA A 52 -1.37 -1.44 -8.19
C ALA A 52 -1.64 -1.53 -6.69
N ILE A 53 -2.90 -1.33 -6.31
CA ILE A 53 -3.30 -1.42 -4.91
C ILE A 53 -3.15 -2.86 -4.41
N LEU A 54 -3.42 -3.82 -5.28
CA LEU A 54 -3.19 -5.23 -4.97
C LEU A 54 -1.73 -5.47 -4.65
N GLU A 55 -0.85 -4.95 -5.51
CA GLU A 55 0.58 -5.06 -5.31
C GLU A 55 1.00 -4.45 -3.99
N LEU A 56 0.38 -3.32 -3.64
CA LEU A 56 0.70 -2.62 -2.40
C LEU A 56 0.36 -3.47 -1.18
N ASN A 57 -0.83 -4.06 -1.18
CA ASN A 57 -1.28 -4.88 -0.05
C ASN A 57 -0.42 -6.12 0.05
N GLU A 58 -0.08 -6.63 -1.11
CA GLU A 58 0.78 -7.80 -1.23
C GLU A 58 2.18 -7.45 -0.73
N LEU A 59 2.66 -6.27 -1.10
CA LEU A 59 3.98 -5.80 -0.72
C LEU A 59 4.07 -5.55 0.78
N ILE A 60 2.96 -5.10 1.38
CA ILE A 60 2.90 -4.93 2.83
C ILE A 60 3.14 -6.26 3.52
N GLU A 61 2.48 -7.30 3.03
CA GLU A 61 2.63 -8.64 3.57
C GLU A 61 3.99 -9.23 3.17
N ALA A 62 4.50 -8.80 2.02
CA ALA A 62 5.82 -9.21 1.57
C ALA A 62 6.89 -8.69 2.53
N GLN A 63 6.81 -7.42 2.88
CA GLN A 63 7.75 -6.83 3.84
C GLN A 63 7.37 -7.23 5.26
N ASN A 64 6.18 -7.80 5.39
CA ASN A 64 5.70 -8.33 6.66
C ASN A 64 6.43 -9.62 6.99
N HIS A 65 6.91 -10.27 5.94
CA HIS A 65 7.57 -11.56 6.04
C HIS A 65 8.95 -11.48 5.41
N GLN A 66 9.89 -10.90 6.12
CA GLN A 66 11.24 -10.71 5.61
C GLN A 66 12.29 -11.30 6.53
N THR A 67 13.55 -11.05 6.19
CA THR A 67 14.69 -11.65 6.88
C THR A 67 14.80 -11.19 8.33
N LYS A 68 15.29 -12.08 9.17
CA LYS A 68 15.53 -11.77 10.58
C LYS A 68 16.89 -11.09 10.74
N THR A 69 16.86 -9.81 11.09
CA THR A 69 18.07 -9.04 11.35
C THR A 69 18.98 -9.00 10.12
N ALA A 70 18.75 -8.01 9.26
CA ALA A 70 19.53 -7.85 8.04
C ALA A 70 20.90 -7.25 8.36
N LEU A 71 20.96 -6.45 9.42
CA LEU A 71 22.20 -5.80 9.81
C LEU A 71 22.81 -6.51 11.01
N GLU A 72 23.00 -7.82 10.89
CA GLU A 72 23.65 -8.59 11.93
C GLU A 72 25.13 -8.24 11.99
N HIS A 73 25.67 -7.80 10.86
CA HIS A 73 27.04 -7.32 10.79
C HIS A 73 27.07 -5.82 10.96
N HIS A 74 27.92 -5.33 11.84
CA HIS A 74 27.98 -3.91 12.13
C HIS A 74 29.22 -3.26 11.56
N MET A 1 -3.40 14.47 5.31
CA MET A 1 -3.43 13.74 4.02
C MET A 1 -2.16 14.06 3.24
N ARG A 2 -1.36 13.05 2.99
CA ARG A 2 -0.07 13.26 2.33
C ARG A 2 -0.14 12.96 0.85
N VAL A 3 0.37 13.89 0.05
CA VAL A 3 0.51 13.67 -1.38
C VAL A 3 1.82 12.96 -1.68
N PHE A 4 1.81 12.09 -2.68
CA PHE A 4 3.01 11.41 -3.10
C PHE A 4 3.31 11.72 -4.56
N PRO A 5 4.19 12.71 -4.79
CA PRO A 5 4.61 13.10 -6.14
C PRO A 5 5.61 12.12 -6.73
N VAL A 6 5.93 11.10 -5.96
CA VAL A 6 6.86 10.07 -6.38
C VAL A 6 6.30 8.69 -6.05
N TYR A 7 6.16 7.86 -7.07
CA TYR A 7 5.67 6.50 -6.87
C TYR A 7 6.83 5.58 -6.54
N ALA A 8 7.03 5.33 -5.26
CA ALA A 8 8.08 4.44 -4.80
C ALA A 8 7.50 3.32 -3.95
N PRO A 9 7.37 2.11 -4.53
CA PRO A 9 6.75 0.95 -3.89
C PRO A 9 7.15 0.77 -2.42
N LYS A 10 8.41 0.44 -2.20
CA LYS A 10 8.92 0.14 -0.86
C LYS A 10 8.78 1.34 0.09
N LEU A 11 8.76 2.54 -0.47
CA LEU A 11 8.60 3.74 0.34
C LEU A 11 7.16 3.90 0.80
N ILE A 12 6.23 3.86 -0.15
CA ILE A 12 4.81 4.02 0.15
C ILE A 12 4.34 2.95 1.12
N VAL A 13 4.66 1.69 0.81
CA VAL A 13 4.22 0.56 1.61
C VAL A 13 4.78 0.61 3.03
N LYS A 14 6.08 0.84 3.16
CA LYS A 14 6.73 0.82 4.46
C LYS A 14 6.30 2.02 5.30
N HIS A 15 5.94 3.12 4.63
CA HIS A 15 5.43 4.29 5.32
C HIS A 15 3.98 4.10 5.73
N ALA A 16 3.23 3.35 4.92
CA ALA A 16 1.84 3.03 5.22
C ALA A 16 1.75 2.17 6.48
N ARG A 17 2.86 1.53 6.83
CA ARG A 17 2.95 0.75 8.05
C ARG A 17 2.72 1.66 9.27
N ILE A 18 3.09 2.93 9.12
CA ILE A 18 2.92 3.90 10.19
C ILE A 18 1.69 4.77 9.94
N PHE A 19 1.53 5.19 8.69
CA PHE A 19 0.42 6.05 8.27
C PHE A 19 -0.86 5.24 8.02
N LEU A 20 -0.80 3.95 8.40
CA LEU A 20 -1.88 2.95 8.19
C LEU A 20 -3.32 3.49 8.26
N THR A 21 -3.55 4.58 8.96
CA THR A 21 -4.88 5.19 9.00
C THR A 21 -4.82 6.63 8.49
N GLY A 22 -5.20 6.82 7.23
CA GLY A 22 -5.17 8.15 6.64
C GLY A 22 -5.50 8.15 5.17
N VAL A 23 -5.08 9.21 4.49
CA VAL A 23 -5.35 9.39 3.07
C VAL A 23 -4.08 9.79 2.33
N ILE A 24 -3.81 9.11 1.23
CA ILE A 24 -2.60 9.34 0.45
C ILE A 24 -2.97 9.77 -0.97
N TRP A 25 -2.36 10.84 -1.45
CA TRP A 25 -2.62 11.31 -2.80
C TRP A 25 -1.49 10.90 -3.72
N VAL A 26 -1.63 9.73 -4.31
CA VAL A 26 -0.61 9.20 -5.20
C VAL A 26 -0.69 9.88 -6.57
N LYS A 27 0.45 10.00 -7.22
CA LYS A 27 0.53 10.67 -8.52
C LYS A 27 -0.17 9.86 -9.59
N ASP A 28 0.26 8.61 -9.75
CA ASP A 28 -0.21 7.76 -10.84
C ASP A 28 -1.61 7.21 -10.55
N LEU A 29 -1.96 7.16 -9.28
CA LEU A 29 -3.26 6.63 -8.87
C LEU A 29 -4.22 7.76 -8.54
N GLY A 30 -4.13 8.30 -7.33
CA GLY A 30 -5.01 9.38 -6.92
C GLY A 30 -5.23 9.40 -5.43
N ARG A 31 -6.38 9.88 -5.01
CA ARG A 31 -6.71 9.98 -3.59
C ARG A 31 -7.10 8.61 -3.04
N LEU A 32 -6.23 8.03 -2.23
CA LEU A 32 -6.48 6.71 -1.69
C LEU A 32 -6.62 6.77 -0.18
N GLU A 33 -7.63 6.11 0.34
CA GLU A 33 -7.84 6.04 1.77
C GLU A 33 -7.54 4.64 2.26
N PHE A 34 -6.83 4.56 3.37
CA PHE A 34 -6.41 3.28 3.91
C PHE A 34 -6.51 3.29 5.41
N GLU A 35 -6.96 2.18 5.97
CA GLU A 35 -7.21 2.07 7.39
C GLU A 35 -6.61 0.78 7.93
N LYS A 36 -5.83 0.91 9.02
CA LYS A 36 -5.23 -0.24 9.70
C LYS A 36 -4.24 -0.96 8.79
N GLY A 37 -3.71 -0.23 7.80
CA GLY A 37 -2.76 -0.80 6.88
C GLY A 37 -3.41 -1.37 5.64
N ARG A 38 -4.73 -1.44 5.65
CA ARG A 38 -5.46 -2.01 4.52
C ARG A 38 -5.98 -0.90 3.64
N PHE A 39 -5.31 -0.77 2.50
CA PHE A 39 -5.70 0.14 1.46
C PHE A 39 -7.12 -0.14 0.97
N LEU A 40 -7.96 0.88 1.00
CA LEU A 40 -9.35 0.74 0.61
C LEU A 40 -9.55 1.22 -0.82
N LEU A 41 -9.50 0.29 -1.76
CA LEU A 41 -9.71 0.60 -3.16
C LEU A 41 -11.21 0.81 -3.43
N PRO A 42 -11.55 1.32 -4.62
CA PRO A 42 -12.96 1.46 -5.05
C PRO A 42 -13.71 0.12 -5.03
N ARG A 43 -15.00 0.16 -5.36
CA ARG A 43 -15.85 -1.03 -5.32
C ARG A 43 -15.26 -2.15 -6.17
N LYS A 44 -14.90 -1.84 -7.41
CA LYS A 44 -14.20 -2.81 -8.24
C LYS A 44 -12.83 -2.26 -8.66
N SER A 45 -12.71 -0.94 -8.66
CA SER A 45 -11.47 -0.24 -8.99
C SER A 45 -11.19 -0.31 -10.49
N LEU A 46 -10.26 0.54 -10.93
CA LEU A 46 -9.87 0.57 -12.33
C LEU A 46 -8.72 -0.41 -12.56
N PRO A 47 -8.58 -0.95 -13.79
CA PRO A 47 -7.57 -1.96 -14.12
C PRO A 47 -6.19 -1.68 -13.52
N LYS A 48 -5.61 -0.53 -13.86
CA LYS A 48 -4.29 -0.16 -13.37
C LYS A 48 -4.29 -0.01 -11.85
N VAL A 49 -5.33 0.65 -11.34
CA VAL A 49 -5.44 0.93 -9.91
C VAL A 49 -5.56 -0.37 -9.11
N LYS A 50 -6.37 -1.30 -9.61
CA LYS A 50 -6.57 -2.58 -8.96
C LYS A 50 -5.24 -3.35 -8.88
N GLN A 51 -4.49 -3.33 -9.98
CA GLN A 51 -3.18 -3.96 -10.01
C GLN A 51 -2.26 -3.35 -8.96
N ALA A 52 -2.35 -2.03 -8.81
CA ALA A 52 -1.50 -1.31 -7.86
C ALA A 52 -1.90 -1.62 -6.42
N ILE A 53 -3.20 -1.65 -6.14
CA ILE A 53 -3.68 -1.95 -4.81
C ILE A 53 -3.23 -3.35 -4.36
N LEU A 54 -3.43 -4.33 -5.22
CA LEU A 54 -3.01 -5.70 -4.93
C LEU A 54 -1.50 -5.77 -4.80
N GLU A 55 -0.79 -5.04 -5.66
CA GLU A 55 0.66 -4.96 -5.62
C GLU A 55 1.12 -4.46 -4.26
N LEU A 56 0.57 -3.33 -3.84
CA LEU A 56 0.94 -2.71 -2.59
C LEU A 56 0.61 -3.61 -1.41
N ASN A 57 -0.58 -4.21 -1.44
CA ASN A 57 -1.02 -5.08 -0.35
C ASN A 57 -0.10 -6.29 -0.22
N GLU A 58 0.32 -6.84 -1.35
CA GLU A 58 1.26 -7.94 -1.37
C GLU A 58 2.58 -7.49 -0.77
N LEU A 59 3.07 -6.36 -1.29
CA LEU A 59 4.33 -5.79 -0.84
C LEU A 59 4.32 -5.52 0.66
N ILE A 60 3.16 -5.15 1.21
CA ILE A 60 3.01 -4.99 2.64
C ILE A 60 3.37 -6.30 3.36
N GLU A 61 2.70 -7.37 2.94
CA GLU A 61 2.94 -8.69 3.53
C GLU A 61 4.34 -9.19 3.20
N ALA A 62 4.85 -8.81 2.04
CA ALA A 62 6.21 -9.16 1.65
C ALA A 62 7.21 -8.58 2.64
N GLN A 63 7.05 -7.30 2.96
CA GLN A 63 7.94 -6.64 3.92
C GLN A 63 7.72 -7.17 5.33
N ASN A 64 6.49 -7.61 5.60
CA ASN A 64 6.15 -8.20 6.89
C ASN A 64 6.75 -9.59 7.06
N HIS A 65 7.46 -10.07 6.04
CA HIS A 65 8.08 -11.38 6.09
C HIS A 65 9.53 -11.32 5.62
N GLN A 66 9.71 -11.02 4.35
CA GLN A 66 11.02 -11.02 3.70
C GLN A 66 12.02 -10.11 4.43
N THR A 67 11.69 -8.83 4.50
CA THR A 67 12.59 -7.86 5.11
C THR A 67 12.15 -7.49 6.52
N LYS A 68 11.45 -8.42 7.17
CA LYS A 68 11.00 -8.20 8.54
C LYS A 68 12.19 -8.07 9.48
N THR A 69 13.25 -8.82 9.18
CA THR A 69 14.47 -8.76 9.95
C THR A 69 15.46 -7.77 9.35
N ALA A 70 16.11 -6.98 10.19
CA ALA A 70 17.15 -6.08 9.73
C ALA A 70 18.42 -6.87 9.48
N LEU A 71 18.51 -7.42 8.27
CA LEU A 71 19.60 -8.31 7.91
C LEU A 71 20.94 -7.57 7.81
N GLU A 72 21.95 -8.17 8.43
CA GLU A 72 23.33 -7.71 8.30
C GLU A 72 23.54 -6.33 8.94
N HIS A 73 22.65 -5.96 9.87
CA HIS A 73 22.79 -4.70 10.56
C HIS A 73 23.77 -4.85 11.72
N HIS A 74 23.88 -6.10 12.19
CA HIS A 74 24.88 -6.50 13.21
C HIS A 74 25.00 -5.51 14.37
N MET A 1 -3.79 13.69 3.93
CA MET A 1 -2.71 13.53 4.92
C MET A 1 -1.36 13.76 4.26
N ARG A 2 -1.06 12.99 3.22
CA ARG A 2 0.21 13.13 2.53
C ARG A 2 0.04 12.90 1.03
N VAL A 3 0.76 13.68 0.23
CA VAL A 3 0.76 13.50 -1.21
C VAL A 3 2.10 12.92 -1.66
N PHE A 4 2.05 12.03 -2.63
CA PHE A 4 3.25 11.40 -3.17
C PHE A 4 3.43 11.72 -4.65
N PRO A 5 4.37 12.63 -4.96
CA PRO A 5 4.71 12.99 -6.33
C PRO A 5 5.59 11.92 -6.99
N VAL A 6 5.86 10.87 -6.24
CA VAL A 6 6.69 9.78 -6.71
C VAL A 6 6.03 8.44 -6.38
N TYR A 7 5.98 7.54 -7.36
CA TYR A 7 5.40 6.23 -7.14
C TYR A 7 6.51 5.23 -6.79
N ALA A 8 6.69 5.00 -5.52
CA ALA A 8 7.67 4.04 -5.03
C ALA A 8 7.03 3.13 -3.99
N PRO A 9 6.65 1.91 -4.40
CA PRO A 9 5.92 0.94 -3.56
C PRO A 9 6.50 0.80 -2.15
N LYS A 10 7.76 0.40 -2.08
CA LYS A 10 8.42 0.13 -0.80
C LYS A 10 8.50 1.40 0.07
N LEU A 11 8.59 2.56 -0.58
CA LEU A 11 8.63 3.83 0.14
C LEU A 11 7.26 4.15 0.70
N ILE A 12 6.24 4.03 -0.14
CA ILE A 12 4.87 4.32 0.25
C ILE A 12 4.43 3.41 1.39
N VAL A 13 4.65 2.10 1.24
CA VAL A 13 4.26 1.12 2.25
C VAL A 13 4.92 1.41 3.60
N LYS A 14 6.23 1.65 3.56
CA LYS A 14 6.99 1.89 4.79
C LYS A 14 6.54 3.18 5.46
N HIS A 15 6.24 4.20 4.67
CA HIS A 15 5.85 5.50 5.20
C HIS A 15 4.40 5.44 5.70
N ALA A 16 3.58 4.64 5.03
CA ALA A 16 2.17 4.48 5.40
C ALA A 16 2.02 3.60 6.64
N ARG A 17 3.10 2.94 7.02
CA ARG A 17 3.09 2.07 8.20
C ARG A 17 2.76 2.89 9.45
N ILE A 18 3.06 4.17 9.41
CA ILE A 18 2.76 5.07 10.52
C ILE A 18 1.40 5.74 10.34
N PHE A 19 1.03 5.89 9.07
CA PHE A 19 -0.19 6.61 8.70
C PHE A 19 -1.33 5.66 8.37
N LEU A 20 -1.10 4.37 8.68
CA LEU A 20 -1.98 3.23 8.31
C LEU A 20 -3.48 3.52 8.18
N THR A 21 -4.02 4.49 8.93
CA THR A 21 -5.39 4.94 8.68
C THR A 21 -5.37 6.43 8.34
N GLY A 22 -5.43 6.74 7.05
CA GLY A 22 -5.40 8.11 6.61
C GLY A 22 -5.67 8.27 5.14
N VAL A 23 -5.43 9.48 4.62
CA VAL A 23 -5.67 9.79 3.22
C VAL A 23 -4.37 10.11 2.50
N ILE A 24 -4.07 9.37 1.44
CA ILE A 24 -2.85 9.58 0.68
C ILE A 24 -3.21 9.98 -0.74
N TRP A 25 -2.42 10.84 -1.34
CA TRP A 25 -2.68 11.23 -2.72
C TRP A 25 -1.48 10.87 -3.59
N VAL A 26 -1.63 9.84 -4.39
CA VAL A 26 -0.57 9.41 -5.28
C VAL A 26 -0.78 10.04 -6.65
N LYS A 27 0.29 10.18 -7.41
CA LYS A 27 0.24 10.79 -8.73
C LYS A 27 -0.63 9.97 -9.68
N ASP A 28 -0.29 8.70 -9.83
CA ASP A 28 -0.98 7.83 -10.79
C ASP A 28 -2.30 7.30 -10.22
N LEU A 29 -2.25 6.84 -8.98
CA LEU A 29 -3.41 6.20 -8.36
C LEU A 29 -4.43 7.21 -7.87
N GLY A 30 -3.96 8.41 -7.53
CA GLY A 30 -4.85 9.44 -7.04
C GLY A 30 -5.01 9.40 -5.54
N ARG A 31 -6.14 9.93 -5.07
CA ARG A 31 -6.43 9.94 -3.64
C ARG A 31 -6.86 8.55 -3.18
N LEU A 32 -6.14 8.00 -2.23
CA LEU A 32 -6.40 6.66 -1.74
C LEU A 32 -6.65 6.70 -0.24
N GLU A 33 -7.61 5.91 0.20
CA GLU A 33 -7.84 5.73 1.62
C GLU A 33 -7.32 4.37 2.02
N PHE A 34 -6.65 4.30 3.15
CA PHE A 34 -6.13 3.04 3.62
C PHE A 34 -6.44 2.86 5.10
N GLU A 35 -6.75 1.62 5.47
CA GLU A 35 -7.13 1.30 6.83
C GLU A 35 -6.28 0.16 7.34
N LYS A 36 -5.56 0.41 8.44
CA LYS A 36 -4.71 -0.61 9.07
C LYS A 36 -3.57 -1.00 8.13
N GLY A 37 -3.18 -0.08 7.26
CA GLY A 37 -2.13 -0.37 6.31
C GLY A 37 -2.66 -0.89 4.99
N ARG A 38 -3.91 -1.36 4.99
CA ARG A 38 -4.52 -1.89 3.80
C ARG A 38 -5.01 -0.78 2.91
N PHE A 39 -4.24 -0.55 1.87
CA PHE A 39 -4.60 0.34 0.82
C PHE A 39 -5.92 -0.08 0.17
N LEU A 40 -6.92 0.78 0.24
CA LEU A 40 -8.22 0.51 -0.34
C LEU A 40 -8.31 1.15 -1.71
N LEU A 41 -8.55 0.33 -2.72
CA LEU A 41 -8.65 0.82 -4.09
C LEU A 41 -10.00 1.51 -4.32
N PRO A 42 -10.00 2.63 -5.03
CA PRO A 42 -11.22 3.33 -5.41
C PRO A 42 -11.99 2.60 -6.51
N ARG A 43 -13.21 3.02 -6.75
CA ARG A 43 -14.05 2.38 -7.76
C ARG A 43 -13.92 3.10 -9.10
N LYS A 44 -12.80 3.78 -9.27
CA LYS A 44 -12.56 4.57 -10.47
C LYS A 44 -11.09 4.42 -10.88
N SER A 45 -10.86 4.12 -12.16
CA SER A 45 -9.50 3.89 -12.68
C SER A 45 -8.92 2.60 -12.12
N LEU A 46 -9.79 1.80 -11.49
CA LEU A 46 -9.38 0.57 -10.83
C LEU A 46 -8.70 -0.47 -11.76
N PRO A 47 -8.97 -0.52 -13.09
CA PRO A 47 -8.22 -1.40 -13.99
C PRO A 47 -6.72 -1.37 -13.74
N LYS A 48 -6.17 -0.18 -13.47
CA LYS A 48 -4.75 -0.06 -13.17
C LYS A 48 -4.53 0.03 -11.67
N VAL A 49 -5.47 0.65 -10.96
CA VAL A 49 -5.31 0.89 -9.53
C VAL A 49 -5.37 -0.41 -8.74
N LYS A 50 -6.32 -1.28 -9.08
CA LYS A 50 -6.47 -2.55 -8.38
C LYS A 50 -5.18 -3.36 -8.43
N GLN A 51 -4.59 -3.43 -9.62
CA GLN A 51 -3.34 -4.15 -9.81
C GLN A 51 -2.24 -3.55 -8.93
N ALA A 52 -2.15 -2.23 -8.92
CA ALA A 52 -1.14 -1.53 -8.13
C ALA A 52 -1.40 -1.68 -6.62
N ILE A 53 -2.67 -1.66 -6.25
CA ILE A 53 -3.07 -1.85 -4.87
C ILE A 53 -2.73 -3.25 -4.40
N LEU A 54 -2.95 -4.23 -5.27
CA LEU A 54 -2.59 -5.61 -4.96
C LEU A 54 -1.08 -5.76 -4.86
N GLU A 55 -0.35 -5.03 -5.69
CA GLU A 55 1.11 -4.98 -5.59
C GLU A 55 1.53 -4.54 -4.20
N LEU A 56 0.96 -3.43 -3.75
CA LEU A 56 1.27 -2.88 -2.43
C LEU A 56 0.89 -3.88 -1.33
N ASN A 57 -0.30 -4.44 -1.44
CA ASN A 57 -0.81 -5.38 -0.43
C ASN A 57 0.03 -6.66 -0.42
N GLU A 58 0.45 -7.09 -1.60
CA GLU A 58 1.30 -8.27 -1.71
C GLU A 58 2.68 -7.96 -1.10
N LEU A 59 3.16 -6.75 -1.38
CA LEU A 59 4.42 -6.28 -0.82
C LEU A 59 4.35 -6.30 0.71
N ILE A 60 3.20 -5.88 1.25
CA ILE A 60 2.98 -5.93 2.69
C ILE A 60 3.09 -7.37 3.19
N GLU A 61 2.44 -8.28 2.47
CA GLU A 61 2.50 -9.71 2.78
C GLU A 61 3.94 -10.22 2.72
N ALA A 62 4.69 -9.79 1.72
CA ALA A 62 6.07 -10.23 1.54
C ALA A 62 6.97 -9.70 2.66
N GLN A 63 6.73 -8.46 3.08
CA GLN A 63 7.49 -7.87 4.17
C GLN A 63 7.06 -8.49 5.50
N ASN A 64 5.89 -9.09 5.48
CA ASN A 64 5.28 -9.69 6.66
C ASN A 64 5.75 -11.13 6.82
N HIS A 65 5.58 -11.91 5.76
CA HIS A 65 5.87 -13.35 5.79
C HIS A 65 7.33 -13.61 5.45
N GLN A 66 8.03 -12.56 5.04
CA GLN A 66 9.41 -12.66 4.55
C GLN A 66 9.44 -13.40 3.22
N THR A 67 10.64 -13.56 2.66
CA THR A 67 10.79 -14.19 1.35
C THR A 67 11.04 -15.69 1.47
N LYS A 68 11.01 -16.20 2.70
CA LYS A 68 11.26 -17.61 2.93
C LYS A 68 9.93 -18.35 3.16
N THR A 69 9.70 -19.37 2.35
CA THR A 69 8.47 -20.19 2.42
C THR A 69 7.20 -19.31 2.44
N ALA A 70 7.21 -18.26 1.62
CA ALA A 70 6.09 -17.34 1.55
C ALA A 70 5.01 -17.89 0.64
N LEU A 71 5.42 -18.41 -0.51
CA LEU A 71 4.48 -19.00 -1.45
C LEU A 71 4.82 -20.48 -1.66
N GLU A 72 4.18 -21.32 -0.87
CA GLU A 72 4.38 -22.76 -0.96
C GLU A 72 3.03 -23.44 -1.09
N HIS A 73 2.12 -22.77 -1.81
CA HIS A 73 0.74 -23.22 -2.01
C HIS A 73 -0.07 -23.07 -0.74
N HIS A 74 0.26 -23.87 0.28
CA HIS A 74 -0.47 -23.83 1.54
C HIS A 74 0.13 -22.78 2.47
N MET A 1 -2.93 13.78 6.11
CA MET A 1 -2.76 14.17 4.70
C MET A 1 -1.36 13.82 4.22
N ARG A 2 -1.27 12.98 3.21
CA ARG A 2 0.02 12.58 2.66
C ARG A 2 -0.05 12.54 1.14
N VAL A 3 0.74 13.39 0.49
CA VAL A 3 0.71 13.47 -0.97
C VAL A 3 2.02 12.94 -1.56
N PHE A 4 1.89 12.14 -2.61
CA PHE A 4 3.05 11.59 -3.31
C PHE A 4 2.96 11.90 -4.80
N PRO A 5 3.73 12.89 -5.27
CA PRO A 5 3.76 13.28 -6.68
C PRO A 5 4.49 12.26 -7.55
N VAL A 6 5.08 11.26 -6.91
CA VAL A 6 5.82 10.22 -7.60
C VAL A 6 5.35 8.84 -7.15
N TYR A 7 5.35 7.89 -8.07
CA TYR A 7 4.97 6.52 -7.75
C TYR A 7 6.19 5.74 -7.26
N ALA A 8 6.29 5.58 -5.95
CA ALA A 8 7.37 4.82 -5.35
C ALA A 8 6.81 3.80 -4.36
N PRO A 9 6.60 2.56 -4.82
CA PRO A 9 5.97 1.48 -4.04
C PRO A 9 6.55 1.31 -2.64
N LYS A 10 7.83 0.96 -2.57
CA LYS A 10 8.48 0.66 -1.30
C LYS A 10 8.42 1.83 -0.32
N LEU A 11 8.59 3.04 -0.84
CA LEU A 11 8.52 4.23 0.00
C LEU A 11 7.13 4.41 0.59
N ILE A 12 6.13 4.35 -0.29
CA ILE A 12 4.75 4.50 0.12
C ILE A 12 4.36 3.42 1.12
N VAL A 13 4.66 2.17 0.79
CA VAL A 13 4.29 1.03 1.64
C VAL A 13 4.98 1.08 3.00
N LYS A 14 6.27 1.42 3.01
CA LYS A 14 7.02 1.46 4.26
C LYS A 14 6.48 2.57 5.16
N HIS A 15 6.04 3.67 4.54
CA HIS A 15 5.43 4.75 5.29
C HIS A 15 4.00 4.37 5.70
N ALA A 16 3.36 3.57 4.87
CA ALA A 16 2.00 3.11 5.14
C ALA A 16 1.96 2.21 6.37
N ARG A 17 3.05 1.51 6.65
CA ARG A 17 3.10 0.66 7.83
C ARG A 17 3.22 1.51 9.09
N ILE A 18 3.46 2.80 8.92
CA ILE A 18 3.48 3.75 10.02
C ILE A 18 2.17 4.56 10.07
N PHE A 19 1.82 5.12 8.92
CA PHE A 19 0.68 6.03 8.80
C PHE A 19 -0.59 5.29 8.40
N LEU A 20 -0.53 3.96 8.47
CA LEU A 20 -1.56 3.01 8.00
C LEU A 20 -3.02 3.50 7.99
N THR A 21 -3.41 4.41 8.86
CA THR A 21 -4.75 4.96 8.82
C THR A 21 -4.72 6.46 8.51
N GLY A 22 -5.11 6.81 7.28
CA GLY A 22 -5.12 8.19 6.87
C GLY A 22 -5.53 8.36 5.42
N VAL A 23 -5.15 9.48 4.83
CA VAL A 23 -5.47 9.80 3.45
C VAL A 23 -4.20 10.04 2.65
N ILE A 24 -4.04 9.32 1.55
CA ILE A 24 -2.89 9.49 0.69
C ILE A 24 -3.32 9.92 -0.70
N TRP A 25 -2.53 10.76 -1.34
CA TRP A 25 -2.83 11.20 -2.69
C TRP A 25 -1.62 10.98 -3.58
N VAL A 26 -1.70 9.98 -4.44
CA VAL A 26 -0.63 9.68 -5.38
C VAL A 26 -1.03 10.21 -6.76
N LYS A 27 -0.05 10.50 -7.60
CA LYS A 27 -0.34 11.04 -8.92
C LYS A 27 -0.94 9.97 -9.82
N ASP A 28 -0.43 8.76 -9.73
CA ASP A 28 -0.87 7.67 -10.60
C ASP A 28 -2.16 7.04 -10.10
N LEU A 29 -2.29 6.88 -8.79
CA LEU A 29 -3.42 6.17 -8.20
C LEU A 29 -4.48 7.13 -7.69
N GLY A 30 -4.13 8.40 -7.56
CA GLY A 30 -5.07 9.39 -7.06
C GLY A 30 -5.17 9.35 -5.55
N ARG A 31 -6.33 9.72 -5.02
CA ARG A 31 -6.56 9.71 -3.59
C ARG A 31 -6.96 8.33 -3.13
N LEU A 32 -6.37 7.88 -2.02
CA LEU A 32 -6.67 6.57 -1.48
C LEU A 32 -6.83 6.66 0.03
N GLU A 33 -7.97 6.20 0.53
CA GLU A 33 -8.17 6.08 1.96
C GLU A 33 -7.62 4.75 2.44
N PHE A 34 -6.45 4.78 3.02
CA PHE A 34 -5.83 3.59 3.54
C PHE A 34 -6.03 3.56 5.04
N GLU A 35 -6.61 2.49 5.53
CA GLU A 35 -7.00 2.42 6.91
C GLU A 35 -6.47 1.14 7.55
N LYS A 36 -5.61 1.31 8.54
CA LYS A 36 -5.03 0.19 9.29
C LYS A 36 -4.20 -0.71 8.38
N GLY A 37 -3.58 -0.10 7.37
CA GLY A 37 -2.70 -0.83 6.48
C GLY A 37 -3.40 -1.36 5.25
N ARG A 38 -4.71 -1.16 5.18
CA ARG A 38 -5.48 -1.62 4.04
C ARG A 38 -5.82 -0.46 3.14
N PHE A 39 -5.38 -0.60 1.91
CA PHE A 39 -5.54 0.41 0.89
C PHE A 39 -6.87 0.26 0.17
N LEU A 40 -7.76 -0.55 0.75
CA LEU A 40 -9.05 -0.88 0.15
C LEU A 40 -8.84 -1.64 -1.15
N LEU A 41 -9.91 -1.89 -1.90
CA LEU A 41 -9.81 -2.64 -3.14
C LEU A 41 -11.03 -2.42 -4.06
N PRO A 42 -11.40 -1.16 -4.31
CA PRO A 42 -12.62 -0.84 -5.06
C PRO A 42 -12.46 -1.01 -6.57
N ARG A 43 -13.53 -0.73 -7.29
CA ARG A 43 -13.50 -0.78 -8.75
C ARG A 43 -13.97 0.57 -9.28
N LYS A 44 -14.69 0.57 -10.41
CA LYS A 44 -15.20 1.81 -11.03
C LYS A 44 -14.05 2.71 -11.44
N SER A 45 -12.90 2.10 -11.69
CA SER A 45 -11.69 2.84 -11.97
C SER A 45 -10.80 2.04 -12.92
N LEU A 46 -9.56 2.47 -13.06
CA LEU A 46 -8.62 1.82 -13.97
C LEU A 46 -8.09 0.53 -13.34
N PRO A 47 -8.00 -0.55 -14.14
CA PRO A 47 -7.45 -1.83 -13.68
C PRO A 47 -6.05 -1.69 -13.06
N LYS A 48 -5.26 -0.79 -13.63
CA LYS A 48 -3.90 -0.54 -13.14
C LYS A 48 -3.90 -0.13 -11.67
N VAL A 49 -4.92 0.62 -11.27
CA VAL A 49 -5.04 1.09 -9.90
C VAL A 49 -5.19 -0.11 -8.96
N LYS A 50 -6.09 -1.02 -9.30
CA LYS A 50 -6.33 -2.19 -8.47
C LYS A 50 -5.13 -3.13 -8.50
N GLN A 51 -4.48 -3.24 -9.66
CA GLN A 51 -3.27 -4.04 -9.81
C GLN A 51 -2.17 -3.50 -8.89
N ALA A 52 -2.09 -2.17 -8.80
CA ALA A 52 -1.13 -1.53 -7.92
C ALA A 52 -1.44 -1.83 -6.47
N ILE A 53 -2.73 -1.87 -6.15
CA ILE A 53 -3.17 -2.24 -4.81
C ILE A 53 -2.67 -3.63 -4.45
N LEU A 54 -2.81 -4.57 -5.38
CA LEU A 54 -2.30 -5.92 -5.19
C LEU A 54 -0.81 -5.90 -4.94
N GLU A 55 -0.08 -5.17 -5.77
CA GLU A 55 1.37 -5.05 -5.64
C GLU A 55 1.77 -4.45 -4.29
N LEU A 56 1.06 -3.39 -3.89
CA LEU A 56 1.33 -2.75 -2.61
C LEU A 56 1.03 -3.69 -1.46
N ASN A 57 -0.14 -4.33 -1.52
CA ASN A 57 -0.56 -5.26 -0.47
C ASN A 57 0.33 -6.49 -0.43
N GLU A 58 0.84 -6.90 -1.59
CA GLU A 58 1.79 -8.01 -1.66
C GLU A 58 3.07 -7.61 -0.94
N LEU A 59 3.55 -6.42 -1.27
CA LEU A 59 4.73 -5.86 -0.62
C LEU A 59 4.53 -5.77 0.90
N ILE A 60 3.35 -5.32 1.31
CA ILE A 60 3.00 -5.26 2.73
C ILE A 60 3.02 -6.67 3.35
N GLU A 61 2.34 -7.59 2.69
CA GLU A 61 2.18 -8.94 3.21
C GLU A 61 3.49 -9.71 3.19
N ALA A 62 4.35 -9.39 2.21
CA ALA A 62 5.67 -10.00 2.12
C ALA A 62 6.52 -9.62 3.32
N GLN A 63 6.36 -8.37 3.76
CA GLN A 63 7.06 -7.90 4.95
C GLN A 63 6.48 -8.55 6.20
N ASN A 64 5.17 -8.73 6.21
CA ASN A 64 4.50 -9.42 7.32
C ASN A 64 4.92 -10.88 7.36
N HIS A 65 5.01 -11.49 6.19
CA HIS A 65 5.41 -12.88 6.05
C HIS A 65 6.93 -12.97 5.89
N GLN A 66 7.64 -12.21 6.72
CA GLN A 66 9.10 -12.19 6.68
C GLN A 66 9.68 -13.47 7.26
N THR A 67 8.86 -14.20 8.01
CA THR A 67 9.25 -15.50 8.53
C THR A 67 9.20 -16.53 7.41
N LYS A 68 10.12 -17.48 7.45
CA LYS A 68 10.20 -18.49 6.40
C LYS A 68 9.49 -19.76 6.88
N THR A 69 9.58 -20.04 8.16
CA THR A 69 8.96 -21.23 8.74
C THR A 69 7.44 -21.09 8.80
N ALA A 70 6.77 -21.76 7.90
CA ALA A 70 5.31 -21.75 7.86
C ALA A 70 4.74 -23.16 7.80
N LEU A 71 5.57 -24.10 7.30
CA LEU A 71 5.20 -25.51 7.16
C LEU A 71 4.14 -25.68 6.09
N GLU A 72 2.91 -25.25 6.38
CA GLU A 72 1.83 -25.33 5.40
C GLU A 72 2.01 -24.25 4.34
N HIS A 73 2.97 -23.34 4.61
CA HIS A 73 3.43 -22.27 3.71
C HIS A 73 2.33 -21.26 3.28
N HIS A 74 1.15 -21.74 2.93
CA HIS A 74 0.04 -20.89 2.45
C HIS A 74 0.34 -20.32 1.06
N MET A 1 -2.78 12.91 5.68
CA MET A 1 -2.82 12.86 4.21
C MET A 1 -1.46 13.20 3.61
N ARG A 2 -1.08 12.48 2.57
CA ARG A 2 0.17 12.76 1.86
C ARG A 2 -0.02 12.61 0.36
N VAL A 3 0.47 13.58 -0.39
CA VAL A 3 0.41 13.54 -1.84
C VAL A 3 1.76 13.17 -2.41
N PHE A 4 1.83 12.02 -3.04
CA PHE A 4 3.07 11.50 -3.59
C PHE A 4 3.20 11.85 -5.06
N PRO A 5 4.22 12.65 -5.41
CA PRO A 5 4.52 13.00 -6.78
C PRO A 5 5.36 11.94 -7.48
N VAL A 6 5.62 10.87 -6.74
CA VAL A 6 6.44 9.76 -7.22
C VAL A 6 5.76 8.43 -6.90
N TYR A 7 6.03 7.42 -7.70
CA TYR A 7 5.48 6.09 -7.46
C TYR A 7 6.55 5.19 -6.85
N ALA A 8 6.57 5.13 -5.53
CA ALA A 8 7.55 4.31 -4.83
C ALA A 8 6.85 3.36 -3.85
N PRO A 9 6.54 2.14 -4.32
CA PRO A 9 5.83 1.12 -3.53
C PRO A 9 6.42 0.91 -2.13
N LYS A 10 7.71 0.60 -2.07
CA LYS A 10 8.38 0.29 -0.82
C LYS A 10 8.27 1.44 0.19
N LEU A 11 8.42 2.67 -0.29
CA LEU A 11 8.27 3.84 0.55
C LEU A 11 6.86 3.89 1.13
N ILE A 12 5.87 3.67 0.27
CA ILE A 12 4.47 3.71 0.67
C ILE A 12 4.20 2.70 1.80
N VAL A 13 4.73 1.50 1.65
CA VAL A 13 4.53 0.44 2.64
C VAL A 13 5.14 0.83 3.99
N LYS A 14 6.35 1.38 3.96
CA LYS A 14 7.04 1.77 5.19
C LYS A 14 6.30 2.92 5.86
N HIS A 15 5.72 3.81 5.05
CA HIS A 15 4.92 4.90 5.58
C HIS A 15 3.63 4.38 6.20
N ALA A 16 3.02 3.40 5.52
CA ALA A 16 1.73 2.83 5.96
C ALA A 16 1.83 2.22 7.35
N ARG A 17 3.01 1.72 7.70
CA ARG A 17 3.23 1.15 9.02
C ARG A 17 3.04 2.20 10.12
N ILE A 18 3.29 3.46 9.78
CA ILE A 18 3.17 4.57 10.72
C ILE A 18 1.86 5.32 10.53
N PHE A 19 1.47 5.48 9.27
CA PHE A 19 0.33 6.32 8.89
C PHE A 19 -0.91 5.49 8.61
N LEU A 20 -0.85 4.20 8.98
CA LEU A 20 -1.89 3.17 8.72
C LEU A 20 -3.33 3.70 8.62
N THR A 21 -3.68 4.74 9.36
CA THR A 21 -4.99 5.35 9.19
C THR A 21 -4.82 6.75 8.57
N GLY A 22 -5.01 6.82 7.26
CA GLY A 22 -4.85 8.07 6.55
C GLY A 22 -5.17 7.95 5.08
N VAL A 23 -4.97 9.04 4.35
CA VAL A 23 -5.23 9.06 2.92
C VAL A 23 -3.98 9.49 2.15
N ILE A 24 -3.69 8.78 1.07
CA ILE A 24 -2.54 9.09 0.24
C ILE A 24 -3.02 9.42 -1.18
N TRP A 25 -2.44 10.43 -1.77
CA TRP A 25 -2.83 10.82 -3.12
C TRP A 25 -1.61 10.75 -4.03
N VAL A 26 -1.56 9.76 -4.88
CA VAL A 26 -0.48 9.64 -5.85
C VAL A 26 -0.94 10.18 -7.19
N LYS A 27 -0.03 10.75 -7.95
CA LYS A 27 -0.38 11.35 -9.22
C LYS A 27 -0.75 10.28 -10.25
N ASP A 28 -0.16 9.11 -10.11
CA ASP A 28 -0.46 7.98 -10.99
C ASP A 28 -1.83 7.40 -10.68
N LEU A 29 -2.02 6.96 -9.45
CA LEU A 29 -3.22 6.23 -9.06
C LEU A 29 -4.37 7.16 -8.71
N GLY A 30 -4.11 8.13 -7.85
CA GLY A 30 -5.15 9.00 -7.35
C GLY A 30 -5.21 8.98 -5.84
N ARG A 31 -6.40 9.17 -5.29
CA ARG A 31 -6.56 9.17 -3.85
C ARG A 31 -6.79 7.74 -3.34
N LEU A 32 -6.05 7.37 -2.31
CA LEU A 32 -6.17 6.07 -1.70
C LEU A 32 -6.31 6.22 -0.20
N GLU A 33 -7.47 5.85 0.33
CA GLU A 33 -7.70 5.95 1.75
C GLU A 33 -7.47 4.59 2.42
N PHE A 34 -6.52 4.55 3.33
CA PHE A 34 -6.15 3.30 3.97
C PHE A 34 -6.41 3.37 5.48
N GLU A 35 -6.80 2.24 6.05
CA GLU A 35 -7.09 2.15 7.46
C GLU A 35 -6.50 0.85 8.01
N LYS A 36 -5.83 0.95 9.16
CA LYS A 36 -5.17 -0.21 9.78
C LYS A 36 -4.03 -0.73 8.89
N GLY A 37 -3.59 0.10 7.95
CA GLY A 37 -2.59 -0.33 6.99
C GLY A 37 -3.20 -0.97 5.76
N ARG A 38 -4.52 -1.15 5.80
CA ARG A 38 -5.25 -1.75 4.70
C ARG A 38 -5.80 -0.68 3.79
N PHE A 39 -5.36 -0.73 2.57
CA PHE A 39 -5.75 0.20 1.54
C PHE A 39 -7.16 -0.08 1.05
N LEU A 40 -8.08 0.86 1.28
CA LEU A 40 -9.44 0.73 0.79
C LEU A 40 -9.50 1.18 -0.66
N LEU A 41 -9.76 0.23 -1.55
CA LEU A 41 -9.85 0.54 -2.96
C LEU A 41 -11.26 0.97 -3.32
N PRO A 42 -11.39 1.86 -4.31
CA PRO A 42 -12.68 2.25 -4.86
C PRO A 42 -13.42 1.04 -5.42
N ARG A 43 -14.63 0.82 -4.91
CA ARG A 43 -15.41 -0.36 -5.27
C ARG A 43 -15.72 -0.42 -6.76
N LYS A 44 -15.73 0.74 -7.41
CA LYS A 44 -15.79 0.77 -8.86
C LYS A 44 -14.82 1.82 -9.40
N SER A 45 -13.64 1.36 -9.79
CA SER A 45 -12.59 2.24 -10.27
C SER A 45 -11.94 1.64 -11.52
N LEU A 46 -10.75 2.12 -11.84
CA LEU A 46 -10.02 1.66 -13.01
C LEU A 46 -9.08 0.52 -12.62
N PRO A 47 -8.98 -0.50 -13.48
CA PRO A 47 -8.15 -1.69 -13.24
C PRO A 47 -6.68 -1.35 -12.95
N LYS A 48 -6.20 -0.26 -13.54
CA LYS A 48 -4.83 0.19 -13.34
C LYS A 48 -4.58 0.51 -11.87
N VAL A 49 -5.54 1.22 -11.27
CA VAL A 49 -5.43 1.61 -9.87
C VAL A 49 -5.45 0.39 -8.97
N LYS A 50 -6.37 -0.53 -9.25
CA LYS A 50 -6.51 -1.76 -8.47
C LYS A 50 -5.23 -2.59 -8.54
N GLN A 51 -4.64 -2.65 -9.74
CA GLN A 51 -3.44 -3.45 -9.96
C GLN A 51 -2.31 -3.01 -9.05
N ALA A 52 -2.07 -1.71 -8.97
CA ALA A 52 -0.99 -1.16 -8.15
C ALA A 52 -1.27 -1.41 -6.68
N ILE A 53 -2.55 -1.34 -6.29
CA ILE A 53 -2.95 -1.64 -4.93
C ILE A 53 -2.65 -3.10 -4.59
N LEU A 54 -2.96 -3.99 -5.53
CA LEU A 54 -2.67 -5.41 -5.37
C LEU A 54 -1.16 -5.64 -5.29
N GLU A 55 -0.41 -4.87 -6.09
CA GLU A 55 1.04 -4.91 -6.07
C GLU A 55 1.56 -4.49 -4.70
N LEU A 56 0.95 -3.43 -4.15
CA LEU A 56 1.30 -2.95 -2.82
C LEU A 56 0.94 -3.98 -1.76
N ASN A 57 -0.24 -4.58 -1.88
CA ASN A 57 -0.69 -5.61 -0.94
C ASN A 57 0.29 -6.77 -0.90
N GLU A 58 0.79 -7.16 -2.06
CA GLU A 58 1.80 -8.21 -2.17
C GLU A 58 3.04 -7.82 -1.38
N LEU A 59 3.52 -6.62 -1.65
CA LEU A 59 4.71 -6.09 -0.99
C LEU A 59 4.51 -6.02 0.52
N ILE A 60 3.31 -5.64 0.94
CA ILE A 60 2.98 -5.59 2.37
C ILE A 60 3.17 -6.97 3.01
N GLU A 61 2.63 -8.00 2.36
CA GLU A 61 2.78 -9.37 2.85
C GLU A 61 4.24 -9.79 2.85
N ALA A 62 4.99 -9.35 1.84
CA ALA A 62 6.41 -9.64 1.75
C ALA A 62 7.16 -9.07 2.96
N GLN A 63 6.80 -7.85 3.34
CA GLN A 63 7.44 -7.19 4.48
C GLN A 63 7.07 -7.90 5.78
N ASN A 64 5.88 -8.47 5.83
CA ASN A 64 5.38 -9.12 7.05
C ASN A 64 5.80 -10.59 7.12
N HIS A 65 6.42 -11.09 6.06
CA HIS A 65 6.90 -12.46 6.05
C HIS A 65 8.41 -12.49 6.20
N GLN A 66 9.07 -11.62 5.43
CA GLN A 66 10.53 -11.56 5.38
C GLN A 66 11.13 -12.88 4.93
N THR A 67 11.29 -13.04 3.62
CA THR A 67 12.00 -14.17 3.08
C THR A 67 13.50 -13.89 3.12
N LYS A 68 13.83 -12.66 3.50
CA LYS A 68 15.20 -12.21 3.62
C LYS A 68 15.83 -12.78 4.89
N THR A 69 17.03 -13.33 4.76
CA THR A 69 17.77 -13.99 5.84
C THR A 69 16.96 -15.12 6.50
N ALA A 70 17.52 -15.73 7.53
CA ALA A 70 16.87 -16.85 8.20
C ALA A 70 16.45 -16.47 9.62
N LEU A 71 16.75 -15.22 9.99
CA LEU A 71 16.38 -14.69 11.30
C LEU A 71 17.01 -15.52 12.42
N GLU A 72 18.33 -15.62 12.39
CA GLU A 72 19.06 -16.50 13.31
C GLU A 72 19.61 -15.74 14.51
N HIS A 73 18.89 -14.71 14.97
CA HIS A 73 19.34 -13.98 16.16
C HIS A 73 18.16 -13.66 17.08
N HIS A 74 17.60 -12.45 16.97
CA HIS A 74 16.50 -12.08 17.85
C HIS A 74 15.31 -11.53 17.07
N MET A 1 -2.80 13.62 5.99
CA MET A 1 -2.65 12.97 4.66
C MET A 1 -1.34 13.42 4.01
N ARG A 2 -0.92 12.70 2.98
CA ARG A 2 0.30 13.05 2.26
C ARG A 2 0.10 12.92 0.75
N VAL A 3 0.72 13.81 -0.01
CA VAL A 3 0.63 13.77 -1.46
C VAL A 3 1.95 13.27 -2.04
N PHE A 4 1.88 12.33 -2.97
CA PHE A 4 3.07 11.77 -3.58
C PHE A 4 3.08 12.03 -5.08
N PRO A 5 3.95 12.96 -5.53
CA PRO A 5 4.16 13.22 -6.95
C PRO A 5 5.02 12.14 -7.59
N VAL A 6 5.53 11.25 -6.75
CA VAL A 6 6.37 10.16 -7.19
C VAL A 6 5.81 8.83 -6.67
N TYR A 7 5.75 7.83 -7.54
CA TYR A 7 5.28 6.53 -7.15
C TYR A 7 6.47 5.66 -6.73
N ALA A 8 6.70 5.57 -5.44
CA ALA A 8 7.77 4.76 -4.91
C ALA A 8 7.20 3.64 -4.05
N PRO A 9 7.00 2.44 -4.64
CA PRO A 9 6.33 1.31 -3.99
C PRO A 9 6.84 1.04 -2.58
N LYS A 10 8.12 0.71 -2.49
CA LYS A 10 8.77 0.40 -1.21
C LYS A 10 8.56 1.52 -0.19
N LEU A 11 8.75 2.76 -0.64
CA LEU A 11 8.68 3.92 0.24
C LEU A 11 7.25 4.13 0.73
N ILE A 12 6.29 4.09 -0.19
CA ILE A 12 4.90 4.33 0.14
C ILE A 12 4.42 3.34 1.21
N VAL A 13 4.62 2.06 0.95
CA VAL A 13 4.18 1.01 1.86
C VAL A 13 4.93 1.08 3.19
N LYS A 14 6.21 1.40 3.13
CA LYS A 14 7.03 1.55 4.33
C LYS A 14 6.43 2.61 5.25
N HIS A 15 6.10 3.75 4.67
CA HIS A 15 5.59 4.88 5.42
C HIS A 15 4.13 4.65 5.81
N ALA A 16 3.39 3.97 4.95
CA ALA A 16 1.98 3.69 5.20
C ALA A 16 1.81 2.67 6.32
N ARG A 17 2.83 1.85 6.53
CA ARG A 17 2.77 0.81 7.58
C ARG A 17 2.71 1.46 8.96
N ILE A 18 3.18 2.68 9.06
CA ILE A 18 3.16 3.42 10.33
C ILE A 18 1.96 4.38 10.36
N PHE A 19 1.65 4.94 9.20
CA PHE A 19 0.57 5.91 9.05
C PHE A 19 -0.74 5.23 8.64
N LEU A 20 -0.73 3.89 8.75
CA LEU A 20 -1.80 2.97 8.34
C LEU A 20 -3.25 3.49 8.39
N THR A 21 -3.54 4.51 9.18
CA THR A 21 -4.86 5.12 9.15
C THR A 21 -4.79 6.54 8.58
N GLY A 22 -5.15 6.67 7.30
CA GLY A 22 -5.09 7.97 6.65
C GLY A 22 -5.31 7.90 5.15
N VAL A 23 -5.00 8.98 4.46
CA VAL A 23 -5.17 9.06 3.01
C VAL A 23 -3.87 9.51 2.35
N ILE A 24 -3.54 8.92 1.21
CA ILE A 24 -2.35 9.30 0.46
C ILE A 24 -2.72 9.67 -0.98
N TRP A 25 -2.30 10.84 -1.42
CA TRP A 25 -2.65 11.32 -2.74
C TRP A 25 -1.52 11.08 -3.72
N VAL A 26 -1.53 9.91 -4.31
CA VAL A 26 -0.58 9.59 -5.37
C VAL A 26 -1.06 10.23 -6.67
N LYS A 27 -0.15 10.66 -7.52
CA LYS A 27 -0.51 11.45 -8.68
C LYS A 27 -1.24 10.61 -9.73
N ASP A 28 -0.77 9.39 -9.95
CA ASP A 28 -1.32 8.53 -11.00
C ASP A 28 -2.68 7.97 -10.62
N LEU A 29 -2.80 7.47 -9.40
CA LEU A 29 -4.03 6.81 -8.96
C LEU A 29 -4.98 7.81 -8.31
N GLY A 30 -4.43 8.85 -7.70
CA GLY A 30 -5.25 9.81 -7.01
C GLY A 30 -5.23 9.58 -5.50
N ARG A 31 -6.28 10.02 -4.83
CA ARG A 31 -6.39 9.84 -3.39
C ARG A 31 -6.65 8.38 -3.04
N LEU A 32 -5.75 7.82 -2.26
CA LEU A 32 -5.90 6.44 -1.82
C LEU A 32 -6.06 6.41 -0.31
N GLU A 33 -7.22 5.99 0.14
CA GLU A 33 -7.49 5.89 1.56
C GLU A 33 -7.17 4.48 2.05
N PHE A 34 -6.56 4.40 3.21
CA PHE A 34 -6.14 3.14 3.77
C PHE A 34 -6.35 3.11 5.27
N GLU A 35 -6.64 1.93 5.79
CA GLU A 35 -6.80 1.73 7.21
C GLU A 35 -6.26 0.36 7.57
N LYS A 36 -5.67 0.24 8.76
CA LYS A 36 -5.08 -1.03 9.21
C LYS A 36 -3.88 -1.41 8.32
N GLY A 37 -3.37 -0.43 7.58
CA GLY A 37 -2.30 -0.69 6.64
C GLY A 37 -2.81 -1.30 5.36
N ARG A 38 -4.13 -1.41 5.25
CA ARG A 38 -4.76 -2.00 4.08
C ARG A 38 -5.58 -0.97 3.35
N PHE A 39 -5.09 -0.66 2.17
CA PHE A 39 -5.75 0.21 1.23
C PHE A 39 -7.18 -0.25 0.95
N LEU A 40 -8.11 0.68 0.99
CA LEU A 40 -9.52 0.35 0.79
C LEU A 40 -9.82 0.14 -0.69
N LEU A 41 -10.04 -1.11 -1.07
CA LEU A 41 -10.34 -1.47 -2.44
C LEU A 41 -11.81 -1.21 -2.75
N PRO A 42 -12.10 -0.27 -3.66
CA PRO A 42 -13.48 0.11 -4.00
C PRO A 42 -14.19 -0.96 -4.84
N ARG A 43 -14.87 -1.86 -4.16
CA ARG A 43 -15.63 -2.95 -4.78
C ARG A 43 -14.69 -3.91 -5.54
N LYS A 44 -14.38 -3.58 -6.78
CA LYS A 44 -13.44 -4.37 -7.56
C LYS A 44 -12.33 -3.49 -8.10
N SER A 45 -12.51 -2.17 -7.97
CA SER A 45 -11.55 -1.17 -8.44
C SER A 45 -11.37 -1.23 -9.97
N LEU A 46 -10.46 -0.42 -10.47
CA LEU A 46 -10.16 -0.39 -11.89
C LEU A 46 -8.84 -1.13 -12.14
N PRO A 47 -8.67 -1.70 -13.35
CA PRO A 47 -7.48 -2.51 -13.70
C PRO A 47 -6.16 -1.93 -13.17
N LYS A 48 -5.84 -0.71 -13.59
CA LYS A 48 -4.57 -0.07 -13.19
C LYS A 48 -4.51 0.08 -11.67
N VAL A 49 -5.58 0.61 -11.11
CA VAL A 49 -5.63 0.94 -9.70
C VAL A 49 -5.53 -0.31 -8.84
N LYS A 50 -6.30 -1.33 -9.20
CA LYS A 50 -6.30 -2.58 -8.46
C LYS A 50 -4.94 -3.26 -8.56
N GLN A 51 -4.35 -3.25 -9.75
CA GLN A 51 -3.05 -3.87 -9.96
C GLN A 51 -1.99 -3.23 -9.06
N ALA A 52 -1.96 -1.91 -9.05
CA ALA A 52 -1.00 -1.17 -8.24
C ALA A 52 -1.21 -1.46 -6.77
N ILE A 53 -2.46 -1.33 -6.30
CA ILE A 53 -2.79 -1.59 -4.91
C ILE A 53 -2.50 -3.04 -4.52
N LEU A 54 -2.86 -3.97 -5.41
CA LEU A 54 -2.68 -5.39 -5.16
C LEU A 54 -1.20 -5.72 -4.98
N GLU A 55 -0.36 -5.08 -5.81
CA GLU A 55 1.07 -5.28 -5.73
C GLU A 55 1.62 -4.64 -4.45
N LEU A 56 1.00 -3.54 -4.04
CA LEU A 56 1.37 -2.90 -2.78
C LEU A 56 1.00 -3.81 -1.61
N ASN A 57 -0.19 -4.41 -1.69
CA ASN A 57 -0.66 -5.36 -0.68
C ASN A 57 0.33 -6.53 -0.58
N GLU A 58 0.84 -6.96 -1.73
CA GLU A 58 1.82 -8.03 -1.80
C GLU A 58 3.05 -7.65 -0.98
N LEU A 59 3.46 -6.40 -1.14
CA LEU A 59 4.60 -5.85 -0.39
C LEU A 59 4.29 -5.76 1.11
N ILE A 60 3.04 -5.42 1.42
CA ILE A 60 2.60 -5.34 2.80
C ILE A 60 2.67 -6.71 3.48
N GLU A 61 2.13 -7.71 2.81
CA GLU A 61 2.13 -9.06 3.34
C GLU A 61 3.55 -9.62 3.38
N ALA A 62 4.42 -9.09 2.53
CA ALA A 62 5.83 -9.47 2.54
C ALA A 62 6.49 -8.97 3.81
N GLN A 63 6.06 -7.80 4.29
CA GLN A 63 6.56 -7.24 5.54
C GLN A 63 6.03 -8.03 6.73
N ASN A 64 4.82 -8.57 6.58
CA ASN A 64 4.24 -9.43 7.60
C ASN A 64 4.96 -10.77 7.63
N HIS A 65 5.58 -11.12 6.51
CA HIS A 65 6.34 -12.36 6.40
C HIS A 65 7.72 -12.19 7.04
N GLN A 66 8.07 -10.94 7.32
CA GLN A 66 9.34 -10.62 7.96
C GLN A 66 9.24 -10.85 9.46
N THR A 67 9.69 -12.01 9.89
CA THR A 67 9.69 -12.34 11.31
C THR A 67 10.89 -11.69 11.98
N LYS A 68 10.64 -10.57 12.64
CA LYS A 68 11.70 -9.79 13.26
C LYS A 68 12.18 -10.44 14.55
N THR A 69 11.47 -10.17 15.63
CA THR A 69 11.83 -10.66 16.95
C THR A 69 10.74 -10.31 17.94
N ALA A 70 10.86 -10.80 19.16
CA ALA A 70 9.89 -10.49 20.21
C ALA A 70 10.21 -9.14 20.83
N LEU A 71 9.36 -8.70 21.75
CA LEU A 71 9.58 -7.43 22.43
C LEU A 71 10.73 -7.54 23.41
N GLU A 72 11.90 -7.07 22.98
CA GLU A 72 13.09 -7.07 23.82
C GLU A 72 13.40 -5.66 24.28
N HIS A 73 12.40 -4.79 24.15
CA HIS A 73 12.56 -3.39 24.50
C HIS A 73 12.63 -3.22 26.01
N HIS A 74 13.34 -2.19 26.45
CA HIS A 74 13.48 -1.92 27.88
C HIS A 74 13.07 -0.48 28.16
N MET A 1 -4.00 14.08 4.59
CA MET A 1 -3.79 13.80 3.15
C MET A 1 -2.33 14.00 2.77
N ARG A 2 -1.63 12.90 2.57
CA ARG A 2 -0.24 12.98 2.12
C ARG A 2 -0.19 12.87 0.61
N VAL A 3 0.52 13.79 -0.01
CA VAL A 3 0.57 13.87 -1.46
C VAL A 3 1.93 13.42 -1.98
N PHE A 4 1.91 12.37 -2.79
CA PHE A 4 3.13 11.82 -3.36
C PHE A 4 3.11 11.95 -4.88
N PRO A 5 3.95 12.84 -5.42
CA PRO A 5 4.07 13.03 -6.87
C PRO A 5 4.82 11.88 -7.53
N VAL A 6 5.61 11.18 -6.74
CA VAL A 6 6.41 10.08 -7.24
C VAL A 6 5.81 8.74 -6.85
N TYR A 7 5.66 7.85 -7.83
CA TYR A 7 5.15 6.52 -7.59
C TYR A 7 6.26 5.58 -7.18
N ALA A 8 6.41 5.37 -5.88
CA ALA A 8 7.39 4.44 -5.35
C ALA A 8 6.73 3.48 -4.37
N PRO A 9 6.34 2.29 -4.84
CA PRO A 9 5.62 1.28 -4.03
C PRO A 9 6.27 1.01 -2.68
N LYS A 10 7.56 0.69 -2.70
CA LYS A 10 8.31 0.44 -1.48
C LYS A 10 8.13 1.57 -0.46
N LEU A 11 8.38 2.79 -0.89
CA LEU A 11 8.36 3.94 0.02
C LEU A 11 6.96 4.19 0.58
N ILE A 12 5.94 3.98 -0.24
CA ILE A 12 4.56 4.18 0.19
C ILE A 12 4.19 3.18 1.29
N VAL A 13 4.41 1.89 1.02
CA VAL A 13 4.07 0.85 1.97
C VAL A 13 4.96 0.94 3.21
N LYS A 14 6.23 1.26 3.00
CA LYS A 14 7.19 1.38 4.08
C LYS A 14 6.77 2.46 5.08
N HIS A 15 6.19 3.53 4.57
CA HIS A 15 5.80 4.65 5.41
C HIS A 15 4.38 4.47 5.91
N ALA A 16 3.64 3.53 5.31
CA ALA A 16 2.27 3.24 5.70
C ALA A 16 2.21 2.68 7.12
N ARG A 17 3.34 2.21 7.62
CA ARG A 17 3.44 1.70 8.98
C ARG A 17 3.16 2.80 10.01
N ILE A 18 3.31 4.05 9.60
CA ILE A 18 3.05 5.18 10.49
C ILE A 18 1.67 5.76 10.23
N PHE A 19 1.34 5.93 8.97
CA PHE A 19 0.10 6.58 8.55
C PHE A 19 -1.01 5.57 8.30
N LEU A 20 -0.77 4.31 8.71
CA LEU A 20 -1.64 3.15 8.47
C LEU A 20 -3.15 3.44 8.46
N THR A 21 -3.60 4.45 9.19
CA THR A 21 -4.97 4.89 9.12
C THR A 21 -5.04 6.30 8.53
N GLY A 22 -5.48 6.41 7.28
CA GLY A 22 -5.57 7.73 6.67
C GLY A 22 -5.81 7.68 5.18
N VAL A 23 -5.31 8.68 4.48
CA VAL A 23 -5.53 8.81 3.06
C VAL A 23 -4.29 9.41 2.37
N ILE A 24 -3.92 8.83 1.24
CA ILE A 24 -2.75 9.27 0.50
C ILE A 24 -3.17 9.63 -0.93
N TRP A 25 -2.59 10.70 -1.46
CA TRP A 25 -2.91 11.14 -2.80
C TRP A 25 -1.68 11.01 -3.69
N VAL A 26 -1.74 10.09 -4.63
CA VAL A 26 -0.66 9.89 -5.58
C VAL A 26 -1.01 10.54 -6.91
N LYS A 27 -0.01 10.94 -7.67
CA LYS A 27 -0.24 11.61 -8.94
C LYS A 27 -0.76 10.63 -9.99
N ASP A 28 -0.05 9.53 -10.16
CA ASP A 28 -0.36 8.57 -11.22
C ASP A 28 -1.64 7.79 -10.92
N LEU A 29 -1.73 7.27 -9.71
CA LEU A 29 -2.87 6.44 -9.32
C LEU A 29 -4.07 7.29 -8.92
N GLY A 30 -3.87 8.14 -7.93
CA GLY A 30 -4.95 8.95 -7.40
C GLY A 30 -5.00 8.90 -5.89
N ARG A 31 -6.18 9.08 -5.34
CA ARG A 31 -6.34 9.06 -3.88
C ARG A 31 -6.57 7.64 -3.40
N LEU A 32 -5.79 7.21 -2.42
CA LEU A 32 -5.87 5.85 -1.91
C LEU A 32 -6.27 5.85 -0.45
N GLU A 33 -7.07 4.85 -0.07
CA GLU A 33 -7.59 4.72 1.29
C GLU A 33 -7.09 3.44 1.91
N PHE A 34 -6.54 3.53 3.11
CA PHE A 34 -5.96 2.38 3.76
C PHE A 34 -6.17 2.41 5.27
N GLU A 35 -6.37 1.23 5.85
CA GLU A 35 -6.51 1.08 7.28
C GLU A 35 -5.65 -0.09 7.75
N LYS A 36 -4.95 0.10 8.86
CA LYS A 36 -4.03 -0.91 9.39
C LYS A 36 -2.87 -1.11 8.43
N GLY A 37 -2.64 -0.12 7.57
CA GLY A 37 -1.58 -0.20 6.59
C GLY A 37 -2.04 -0.87 5.31
N ARG A 38 -3.19 -1.53 5.37
CA ARG A 38 -3.70 -2.29 4.24
C ARG A 38 -4.65 -1.45 3.42
N PHE A 39 -4.31 -1.36 2.16
CA PHE A 39 -5.01 -0.55 1.21
C PHE A 39 -6.32 -1.19 0.79
N LEU A 40 -7.39 -0.41 0.82
CA LEU A 40 -8.72 -0.89 0.48
C LEU A 40 -8.94 -0.81 -1.02
N LEU A 41 -9.87 -1.61 -1.53
CA LEU A 41 -10.14 -1.65 -2.96
C LEU A 41 -11.64 -1.57 -3.23
N PRO A 42 -12.09 -0.44 -3.81
CA PRO A 42 -13.48 -0.27 -4.25
C PRO A 42 -13.86 -1.30 -5.32
N ARG A 43 -15.15 -1.31 -5.70
CA ARG A 43 -15.70 -2.30 -6.63
C ARG A 43 -14.80 -2.54 -7.83
N LYS A 44 -14.63 -1.52 -8.65
CA LYS A 44 -13.88 -1.66 -9.89
C LYS A 44 -12.62 -0.83 -9.85
N SER A 45 -12.77 0.44 -9.45
CA SER A 45 -11.65 1.38 -9.43
C SER A 45 -11.07 1.58 -10.82
N LEU A 46 -9.87 2.13 -10.89
CA LEU A 46 -9.15 2.27 -12.13
C LEU A 46 -8.22 1.07 -12.30
N PRO A 47 -8.06 0.54 -13.52
CA PRO A 47 -7.24 -0.64 -13.80
C PRO A 47 -5.85 -0.58 -13.15
N LYS A 48 -5.13 0.50 -13.41
CA LYS A 48 -3.80 0.68 -12.85
C LYS A 48 -3.84 0.71 -11.33
N VAL A 49 -4.88 1.32 -10.78
CA VAL A 49 -5.00 1.49 -9.34
C VAL A 49 -5.32 0.17 -8.67
N LYS A 50 -6.24 -0.59 -9.25
CA LYS A 50 -6.64 -1.88 -8.70
C LYS A 50 -5.45 -2.83 -8.66
N GLN A 51 -4.70 -2.87 -9.76
CA GLN A 51 -3.49 -3.69 -9.83
C GLN A 51 -2.45 -3.21 -8.82
N ALA A 52 -2.26 -1.90 -8.76
CA ALA A 52 -1.31 -1.32 -7.82
C ALA A 52 -1.67 -1.68 -6.38
N ILE A 53 -2.95 -1.54 -6.04
CA ILE A 53 -3.41 -1.86 -4.69
C ILE A 53 -3.16 -3.33 -4.35
N LEU A 54 -3.38 -4.21 -5.33
CA LEU A 54 -3.13 -5.64 -5.14
C LEU A 54 -1.65 -5.91 -4.91
N GLU A 55 -0.81 -5.27 -5.72
CA GLU A 55 0.65 -5.40 -5.58
C GLU A 55 1.13 -4.76 -4.28
N LEU A 56 0.52 -3.65 -3.88
CA LEU A 56 0.86 -3.01 -2.62
C LEU A 56 0.53 -3.92 -1.46
N ASN A 57 -0.65 -4.53 -1.49
CA ASN A 57 -1.05 -5.48 -0.44
C ASN A 57 -0.08 -6.65 -0.39
N GLU A 58 0.44 -7.02 -1.54
CA GLU A 58 1.46 -8.07 -1.63
C GLU A 58 2.70 -7.65 -0.85
N LEU A 59 3.19 -6.47 -1.16
CA LEU A 59 4.36 -5.91 -0.51
C LEU A 59 4.14 -5.77 1.00
N ILE A 60 2.92 -5.38 1.36
CA ILE A 60 2.53 -5.28 2.77
C ILE A 60 2.67 -6.64 3.45
N GLU A 61 2.03 -7.64 2.88
CA GLU A 61 2.01 -8.97 3.47
C GLU A 61 3.39 -9.62 3.42
N ALA A 62 4.19 -9.22 2.43
CA ALA A 62 5.56 -9.73 2.31
C ALA A 62 6.45 -9.19 3.42
N GLN A 63 6.11 -8.03 3.95
CA GLN A 63 6.84 -7.44 5.06
C GLN A 63 6.29 -7.94 6.40
N ASN A 64 5.08 -8.48 6.34
CA ASN A 64 4.48 -9.12 7.50
C ASN A 64 4.96 -10.56 7.60
N HIS A 65 4.89 -11.25 6.47
CA HIS A 65 5.33 -12.63 6.35
C HIS A 65 6.60 -12.67 5.52
N GLN A 66 7.70 -12.27 6.14
CA GLN A 66 8.99 -12.25 5.47
C GLN A 66 9.31 -13.62 4.87
N THR A 67 9.96 -13.62 3.71
CA THR A 67 10.30 -14.85 3.02
C THR A 67 11.49 -15.55 3.68
N LYS A 68 11.27 -15.97 4.93
CA LYS A 68 12.27 -16.67 5.71
C LYS A 68 11.66 -17.91 6.34
N THR A 69 11.71 -19.01 5.61
CA THR A 69 11.18 -20.28 6.10
C THR A 69 12.27 -21.07 6.79
N ALA A 70 12.44 -20.82 8.07
CA ALA A 70 13.47 -21.48 8.85
C ALA A 70 13.03 -21.58 10.31
N LEU A 71 13.75 -22.39 11.07
CA LEU A 71 13.43 -22.57 12.48
C LEU A 71 14.06 -21.45 13.30
N GLU A 72 13.69 -21.36 14.56
CA GLU A 72 14.21 -20.32 15.43
C GLU A 72 15.30 -20.90 16.30
N HIS A 73 16.28 -21.48 15.62
CA HIS A 73 17.48 -22.03 16.25
C HIS A 73 17.14 -23.27 17.06
N HIS A 74 16.22 -24.07 16.54
CA HIS A 74 15.78 -25.28 17.21
C HIS A 74 16.32 -26.52 16.51
N MET A 1 -3.23 13.57 5.41
CA MET A 1 -2.93 12.92 4.11
C MET A 1 -1.47 13.09 3.74
N ARG A 2 -0.99 12.22 2.88
CA ARG A 2 0.38 12.31 2.36
C ARG A 2 0.37 12.19 0.84
N VAL A 3 0.90 13.18 0.15
CA VAL A 3 0.88 13.21 -1.30
C VAL A 3 2.25 12.85 -1.89
N PHE A 4 2.24 11.90 -2.82
CA PHE A 4 3.44 11.48 -3.52
C PHE A 4 3.36 11.89 -4.99
N PRO A 5 4.33 12.70 -5.45
CA PRO A 5 4.38 13.18 -6.85
C PRO A 5 4.63 12.04 -7.83
N VAL A 6 5.27 10.99 -7.35
CA VAL A 6 5.59 9.83 -8.17
C VAL A 6 5.11 8.55 -7.49
N TYR A 7 4.72 7.58 -8.29
CA TYR A 7 4.36 6.26 -7.78
C TYR A 7 5.56 5.60 -7.12
N ALA A 8 5.64 5.71 -5.80
CA ALA A 8 6.72 5.10 -5.04
C ALA A 8 6.15 4.10 -4.03
N PRO A 9 5.87 2.87 -4.49
CA PRO A 9 5.26 1.81 -3.67
C PRO A 9 5.99 1.57 -2.36
N LYS A 10 7.28 1.31 -2.51
CA LYS A 10 8.16 0.98 -1.38
C LYS A 10 8.02 2.00 -0.26
N LEU A 11 8.07 3.27 -0.61
CA LEU A 11 8.01 4.35 0.37
C LEU A 11 6.63 4.39 1.04
N ILE A 12 5.58 4.28 0.22
CA ILE A 12 4.21 4.31 0.71
C ILE A 12 3.97 3.20 1.74
N VAL A 13 4.32 1.97 1.35
CA VAL A 13 4.07 0.80 2.18
C VAL A 13 4.82 0.88 3.52
N LYS A 14 6.09 1.27 3.48
CA LYS A 14 6.92 1.26 4.69
C LYS A 14 6.46 2.35 5.66
N HIS A 15 5.87 3.42 5.15
CA HIS A 15 5.34 4.47 6.01
C HIS A 15 3.92 4.16 6.44
N ALA A 16 3.21 3.35 5.65
CA ALA A 16 1.84 2.97 5.96
C ALA A 16 1.75 2.20 7.28
N ARG A 17 2.87 1.61 7.68
CA ARG A 17 2.95 0.92 8.97
C ARG A 17 2.57 1.87 10.11
N ILE A 18 2.99 3.12 9.99
CA ILE A 18 2.75 4.12 11.02
C ILE A 18 1.57 5.02 10.65
N PHE A 19 1.43 5.26 9.36
CA PHE A 19 0.38 6.14 8.84
C PHE A 19 -0.89 5.36 8.52
N LEU A 20 -0.92 4.09 8.96
CA LEU A 20 -2.03 3.13 8.72
C LEU A 20 -3.44 3.72 8.64
N THR A 21 -3.69 4.84 9.29
CA THR A 21 -4.98 5.49 9.19
C THR A 21 -4.85 6.84 8.47
N GLY A 22 -5.20 6.87 7.19
CA GLY A 22 -5.11 8.09 6.42
C GLY A 22 -5.26 7.87 4.93
N VAL A 23 -4.89 8.88 4.16
CA VAL A 23 -5.02 8.83 2.70
C VAL A 23 -3.72 9.31 2.05
N ILE A 24 -3.28 8.58 1.04
CA ILE A 24 -2.09 8.96 0.30
C ILE A 24 -2.44 9.23 -1.15
N TRP A 25 -2.06 10.40 -1.64
CA TRP A 25 -2.38 10.78 -3.01
C TRP A 25 -1.17 10.67 -3.90
N VAL A 26 -1.26 9.75 -4.82
CA VAL A 26 -0.23 9.58 -5.83
C VAL A 26 -0.73 10.12 -7.15
N LYS A 27 0.17 10.68 -7.94
CA LYS A 27 -0.20 11.29 -9.21
C LYS A 27 -0.59 10.21 -10.21
N ASP A 28 0.15 9.10 -10.17
CA ASP A 28 -0.02 8.02 -11.14
C ASP A 28 -1.33 7.27 -10.94
N LEU A 29 -1.87 7.32 -9.73
CA LEU A 29 -3.06 6.55 -9.40
C LEU A 29 -4.21 7.46 -8.99
N GLY A 30 -4.07 8.08 -7.85
CA GLY A 30 -5.13 8.90 -7.29
C GLY A 30 -5.13 8.82 -5.78
N ARG A 31 -6.32 8.69 -5.20
CA ARG A 31 -6.43 8.54 -3.75
C ARG A 31 -6.10 7.12 -3.33
N LEU A 32 -5.23 7.00 -2.35
CA LEU A 32 -4.98 5.71 -1.73
C LEU A 32 -5.39 5.79 -0.27
N GLU A 33 -6.63 5.45 0.00
CA GLU A 33 -7.16 5.52 1.35
C GLU A 33 -6.95 4.17 2.03
N PHE A 34 -6.52 4.21 3.26
CA PHE A 34 -6.22 2.99 3.99
C PHE A 34 -6.52 3.15 5.48
N GLU A 35 -6.87 2.04 6.11
CA GLU A 35 -7.22 2.04 7.52
C GLU A 35 -6.66 0.79 8.17
N LYS A 36 -6.00 0.95 9.31
CA LYS A 36 -5.36 -0.15 10.02
C LYS A 36 -4.24 -0.78 9.18
N GLY A 37 -3.75 -0.02 8.21
CA GLY A 37 -2.69 -0.51 7.35
C GLY A 37 -3.22 -1.19 6.09
N ARG A 38 -4.52 -1.39 6.04
CA ARG A 38 -5.14 -2.04 4.89
C ARG A 38 -5.67 -1.02 3.92
N PHE A 39 -5.10 -1.06 2.74
CA PHE A 39 -5.56 -0.26 1.63
C PHE A 39 -7.02 -0.57 1.32
N LEU A 40 -7.85 0.46 1.37
CA LEU A 40 -9.28 0.27 1.18
C LEU A 40 -9.60 0.15 -0.30
N LEU A 41 -9.86 -1.07 -0.73
CA LEU A 41 -10.22 -1.34 -2.11
C LEU A 41 -11.70 -1.69 -2.20
N PRO A 42 -12.53 -0.70 -2.57
CA PRO A 42 -13.98 -0.88 -2.69
C PRO A 42 -14.36 -1.66 -3.94
N ARG A 43 -15.67 -1.77 -4.18
CA ARG A 43 -16.17 -2.46 -5.36
C ARG A 43 -15.81 -1.70 -6.62
N LYS A 44 -15.82 -0.38 -6.50
CA LYS A 44 -15.47 0.48 -7.61
C LYS A 44 -13.97 0.76 -7.61
N SER A 45 -13.29 0.27 -8.63
CA SER A 45 -11.85 0.50 -8.76
C SER A 45 -11.41 0.27 -10.19
N LEU A 46 -10.74 1.25 -10.76
CA LEU A 46 -10.20 1.14 -12.11
C LEU A 46 -9.08 0.11 -12.12
N PRO A 47 -9.08 -0.80 -13.12
CA PRO A 47 -8.11 -1.90 -13.22
C PRO A 47 -6.66 -1.45 -12.99
N LYS A 48 -6.31 -0.30 -13.58
CA LYS A 48 -4.96 0.24 -13.47
C LYS A 48 -4.58 0.48 -12.00
N VAL A 49 -5.48 1.12 -11.27
CA VAL A 49 -5.23 1.44 -9.87
C VAL A 49 -5.39 0.20 -9.00
N LYS A 50 -6.42 -0.58 -9.31
CA LYS A 50 -6.73 -1.80 -8.58
C LYS A 50 -5.54 -2.75 -8.60
N GLN A 51 -4.97 -2.95 -9.78
CA GLN A 51 -3.82 -3.83 -9.95
C GLN A 51 -2.62 -3.33 -9.15
N ALA A 52 -2.44 -2.01 -9.13
CA ALA A 52 -1.36 -1.40 -8.38
C ALA A 52 -1.55 -1.63 -6.88
N ILE A 53 -2.78 -1.51 -6.42
CA ILE A 53 -3.12 -1.74 -5.02
C ILE A 53 -2.84 -3.21 -4.64
N LEU A 54 -3.04 -4.10 -5.59
CA LEU A 54 -2.70 -5.51 -5.38
C LEU A 54 -1.21 -5.67 -5.16
N GLU A 55 -0.43 -5.00 -6.00
CA GLU A 55 1.03 -4.99 -5.86
C GLU A 55 1.43 -4.42 -4.51
N LEU A 56 0.76 -3.35 -4.10
CA LEU A 56 1.03 -2.71 -2.82
C LEU A 56 0.76 -3.67 -1.66
N ASN A 57 -0.42 -4.30 -1.66
CA ASN A 57 -0.79 -5.23 -0.60
C ASN A 57 0.15 -6.43 -0.57
N GLU A 58 0.55 -6.89 -1.75
CA GLU A 58 1.52 -7.96 -1.87
C GLU A 58 2.84 -7.53 -1.25
N LEU A 59 3.26 -6.33 -1.61
CA LEU A 59 4.47 -5.73 -1.06
C LEU A 59 4.37 -5.62 0.46
N ILE A 60 3.18 -5.26 0.95
CA ILE A 60 2.92 -5.22 2.39
C ILE A 60 3.19 -6.58 3.02
N GLU A 61 2.57 -7.62 2.47
CA GLU A 61 2.75 -8.98 2.97
C GLU A 61 4.23 -9.35 2.99
N ALA A 62 4.91 -9.05 1.88
CA ALA A 62 6.31 -9.40 1.72
C ALA A 62 7.17 -8.84 2.86
N GLN A 63 6.87 -7.61 3.25
CA GLN A 63 7.65 -6.95 4.29
C GLN A 63 7.21 -7.37 5.69
N ASN A 64 6.02 -7.92 5.79
CA ASN A 64 5.49 -8.38 7.06
C ASN A 64 5.64 -9.88 7.22
N HIS A 65 6.32 -10.51 6.27
CA HIS A 65 6.45 -11.97 6.27
C HIS A 65 7.48 -12.45 7.28
N GLN A 66 8.14 -11.52 7.96
CA GLN A 66 9.02 -11.87 9.06
C GLN A 66 8.52 -11.20 10.34
N THR A 67 7.41 -10.46 10.19
CA THR A 67 6.83 -9.72 11.30
C THR A 67 5.62 -10.47 11.86
N LYS A 68 5.19 -11.49 11.11
CA LYS A 68 3.95 -12.20 11.38
C LYS A 68 2.76 -11.28 11.11
N THR A 69 2.08 -11.52 9.99
CA THR A 69 0.95 -10.71 9.59
C THR A 69 -0.16 -10.73 10.64
N ALA A 70 -0.33 -11.88 11.29
CA ALA A 70 -1.31 -12.03 12.38
C ALA A 70 -2.71 -11.69 11.91
N LEU A 71 -3.03 -12.06 10.68
CA LEU A 71 -4.35 -11.80 10.11
C LEU A 71 -5.38 -12.69 10.81
N GLU A 72 -4.94 -13.88 11.19
CA GLU A 72 -5.78 -14.83 11.92
C GLU A 72 -6.10 -14.29 13.31
N HIS A 73 -5.29 -13.36 13.77
CA HIS A 73 -5.47 -12.78 15.10
C HIS A 73 -6.58 -11.74 15.08
N HIS A 74 -7.77 -12.17 15.46
CA HIS A 74 -8.92 -11.26 15.57
C HIS A 74 -9.42 -11.20 17.00
#